data_1UW1
# 
_entry.id   1UW1 
# 
_audit_conform.dict_name       mmcif_pdbx.dic 
_audit_conform.dict_version    5.391 
_audit_conform.dict_location   http://mmcif.pdb.org/dictionaries/ascii/mmcif_pdbx.dic 
# 
loop_
_database_2.database_id 
_database_2.database_code 
_database_2.pdbx_database_accession 
_database_2.pdbx_DOI 
PDB   1UW1         pdb_00001uw1 10.2210/pdb1uw1/pdb 
PDBE  EBI-14448    ?            ?                   
WWPDB D_1290014448 ?            ?                   
# 
loop_
_pdbx_audit_revision_history.ordinal 
_pdbx_audit_revision_history.data_content_type 
_pdbx_audit_revision_history.major_revision 
_pdbx_audit_revision_history.minor_revision 
_pdbx_audit_revision_history.revision_date 
1 'Structure model' 1 0 2004-03-26 
2 'Structure model' 1 1 2015-10-21 
3 'Structure model' 1 2 2019-05-15 
4 'Structure model' 1 3 2024-05-08 
# 
_pdbx_audit_revision_details.ordinal             1 
_pdbx_audit_revision_details.revision_ordinal    1 
_pdbx_audit_revision_details.data_content_type   'Structure model' 
_pdbx_audit_revision_details.provider            repository 
_pdbx_audit_revision_details.type                'Initial release' 
_pdbx_audit_revision_details.description         ? 
_pdbx_audit_revision_details.details             ? 
# 
loop_
_pdbx_audit_revision_group.ordinal 
_pdbx_audit_revision_group.revision_ordinal 
_pdbx_audit_revision_group.data_content_type 
_pdbx_audit_revision_group.group 
1  2 'Structure model' 'Derived calculations'      
2  2 'Structure model' 'Non-polymer description'   
3  2 'Structure model' Other                       
4  2 'Structure model' 'Source and taxonomy'       
5  2 'Structure model' 'Structure summary'         
6  2 'Structure model' 'Version format compliance' 
7  3 'Structure model' 'Data collection'           
8  3 'Structure model' 'Experimental preparation'  
9  3 'Structure model' Other                       
10 4 'Structure model' 'Data collection'           
11 4 'Structure model' 'Database references'       
12 4 'Structure model' 'Derived calculations'      
13 4 'Structure model' Other                       
# 
loop_
_pdbx_audit_revision_category.ordinal 
_pdbx_audit_revision_category.revision_ordinal 
_pdbx_audit_revision_category.data_content_type 
_pdbx_audit_revision_category.category 
1  3 'Structure model' exptl_crystal_grow     
2  3 'Structure model' pdbx_database_proc     
3  3 'Structure model' pdbx_database_status   
4  4 'Structure model' chem_comp_atom         
5  4 'Structure model' chem_comp_bond         
6  4 'Structure model' database_2             
7  4 'Structure model' pdbx_database_status   
8  4 'Structure model' pdbx_struct_conn_angle 
9  4 'Structure model' struct_conn            
10 4 'Structure model' struct_site            
# 
loop_
_pdbx_audit_revision_item.ordinal 
_pdbx_audit_revision_item.revision_ordinal 
_pdbx_audit_revision_item.data_content_type 
_pdbx_audit_revision_item.item 
1  3 'Structure model' '_exptl_crystal_grow.method'                  
2  3 'Structure model' '_pdbx_database_status.recvd_author_approval' 
3  4 'Structure model' '_database_2.pdbx_DOI'                        
4  4 'Structure model' '_database_2.pdbx_database_accession'         
5  4 'Structure model' '_pdbx_database_status.status_code_sf'        
6  4 'Structure model' '_pdbx_struct_conn_angle.ptnr1_auth_seq_id'   
7  4 'Structure model' '_pdbx_struct_conn_angle.ptnr1_label_seq_id'  
8  4 'Structure model' '_pdbx_struct_conn_angle.ptnr3_auth_seq_id'   
9  4 'Structure model' '_pdbx_struct_conn_angle.ptnr3_label_seq_id'  
10 4 'Structure model' '_pdbx_struct_conn_angle.value'               
11 4 'Structure model' '_struct_conn.pdbx_dist_value'                
12 4 'Structure model' '_struct_conn.ptnr1_auth_comp_id'             
13 4 'Structure model' '_struct_conn.ptnr1_auth_seq_id'              
14 4 'Structure model' '_struct_conn.ptnr1_label_asym_id'            
15 4 'Structure model' '_struct_conn.ptnr1_label_atom_id'            
16 4 'Structure model' '_struct_conn.ptnr1_label_comp_id'            
17 4 'Structure model' '_struct_conn.ptnr1_label_seq_id'             
18 4 'Structure model' '_struct_conn.ptnr2_auth_comp_id'             
19 4 'Structure model' '_struct_conn.ptnr2_auth_seq_id'              
20 4 'Structure model' '_struct_conn.ptnr2_label_asym_id'            
21 4 'Structure model' '_struct_conn.ptnr2_label_atom_id'            
22 4 'Structure model' '_struct_conn.ptnr2_label_comp_id'            
23 4 'Structure model' '_struct_conn.ptnr2_label_seq_id'             
24 4 'Structure model' '_struct_site.pdbx_auth_asym_id'              
25 4 'Structure model' '_struct_site.pdbx_auth_comp_id'              
26 4 'Structure model' '_struct_site.pdbx_auth_seq_id'               
# 
_pdbx_database_status.status_code                     REL 
_pdbx_database_status.entry_id                        1UW1 
_pdbx_database_status.deposit_site                    PDBE 
_pdbx_database_status.process_site                    PDBE 
_pdbx_database_status.SG_entry                        . 
_pdbx_database_status.recvd_initial_deposition_date   2004-01-28 
_pdbx_database_status.pdb_format_compatible           Y 
_pdbx_database_status.status_code_sf                  REL 
_pdbx_database_status.status_code_mr                  ? 
_pdbx_database_status.status_code_cs                  ? 
_pdbx_database_status.methods_development_category    ? 
_pdbx_database_status.status_code_nmr_data            ? 
# 
loop_
_audit_author.name 
_audit_author.pdbx_ordinal 
'Lo Surdo, P.' 1 
'Walsh, M.A.'  2 
'Sollazzo, M.' 3 
# 
loop_
_citation.id 
_citation.title 
_citation.journal_abbrev 
_citation.journal_volume 
_citation.page_first 
_citation.page_last 
_citation.year 
_citation.journal_id_ASTM 
_citation.country 
_citation.journal_id_ISSN 
_citation.journal_id_CSD 
_citation.book_publisher 
_citation.pdbx_database_id_PubMed 
_citation.pdbx_database_id_DOI 
primary 'A Novel Adp- and Zinc-Binding Fold from Function-Directed in Vitro Evolution' Nat.Struct.Mol.Biol. 11  382 ? 2004 ?      
US 1545-9993 ?    ? 15024384 10.1038/NSMB745  
1       'Functional Proteins from a Random Sequence Library'                           Nature               410 715 ? 2001 NATUAS 
UK 0028-0836 0006 ? 11287961 10.1038/35070613 
# 
loop_
_citation_author.citation_id 
_citation_author.name 
_citation_author.ordinal 
_citation_author.identifier_ORCID 
primary 'Lo Surdo, P.'  1 ? 
primary 'Walsh, M.A.'   2 ? 
primary 'Sollazzo, M.'  3 ? 
1       'Keefe, A.D.'   4 ? 
1       'Szostak, J.W.' 5 ? 
# 
loop_
_entity.id 
_entity.type 
_entity.src_method 
_entity.pdbx_description 
_entity.formula_weight 
_entity.pdbx_number_of_molecules 
_entity.pdbx_ec 
_entity.pdbx_mutation 
_entity.pdbx_fragment 
_entity.details 
1 polymer     man 'ARTIFICIAL NUCLEOTIDE BINDING PROTEIN (ANBP)' 9605.979 1  ? ? 'NUCLEOTIDE BINDING DOMAIN' 
;THIS IS A RANDOMLY GENERATED PROTEIN. THE PROTEIN WAS ISOLATED BY CYCLES OF IN VITRO EVOLUTIONARY SELECTION, FROM A RANDOM-SEQUENCE LIBRARY OF 6 X 10**12 MRNA-DISPLAYED PROTEINS. EVOLUTION OF THE PROTEINS PRODUCED WAS DIRECTED BY THE ABILITY TO BIND ATP
;
2 non-polymer syn "ADENOSINE-5'-DIPHOSPHATE"                     427.201  1  ? ? ?                           ? 
3 non-polymer syn 'ZINC ION'                                     65.409   1  ? ? ?                           ? 
4 water       nat water                                          18.015   99 ? ? ?                           ? 
# 
_entity_poly.entity_id                      1 
_entity_poly.type                           'polypeptide(L)' 
_entity_poly.nstd_linkage                   no 
_entity_poly.nstd_monomer                   no 
_entity_poly.pdbx_seq_one_letter_code       GAMDYKDDDDKKTNWLKRIYRVRPCVKCKVAPRNWKVKNKHLRIYNMCKTCFNNSIDIGDDTYHGHDDWLMYADSKEISN 
_entity_poly.pdbx_seq_one_letter_code_can   GAMDYKDDDDKKTNWLKRIYRVRPCVKCKVAPRNWKVKNKHLRIYNMCKTCFNNSIDIGDDTYHGHDDWLMYADSKEISN 
_entity_poly.pdbx_strand_id                 A 
_entity_poly.pdbx_target_identifier         ? 
# 
loop_
_pdbx_entity_nonpoly.entity_id 
_pdbx_entity_nonpoly.name 
_pdbx_entity_nonpoly.comp_id 
2 "ADENOSINE-5'-DIPHOSPHATE" ADP 
3 'ZINC ION'                 ZN  
4 water                      HOH 
# 
loop_
_entity_poly_seq.entity_id 
_entity_poly_seq.num 
_entity_poly_seq.mon_id 
_entity_poly_seq.hetero 
1 1  GLY n 
1 2  ALA n 
1 3  MET n 
1 4  ASP n 
1 5  TYR n 
1 6  LYS n 
1 7  ASP n 
1 8  ASP n 
1 9  ASP n 
1 10 ASP n 
1 11 LYS n 
1 12 LYS n 
1 13 THR n 
1 14 ASN n 
1 15 TRP n 
1 16 LEU n 
1 17 LYS n 
1 18 ARG n 
1 19 ILE n 
1 20 TYR n 
1 21 ARG n 
1 22 VAL n 
1 23 ARG n 
1 24 PRO n 
1 25 CYS n 
1 26 VAL n 
1 27 LYS n 
1 28 CYS n 
1 29 LYS n 
1 30 VAL n 
1 31 ALA n 
1 32 PRO n 
1 33 ARG n 
1 34 ASN n 
1 35 TRP n 
1 36 LYS n 
1 37 VAL n 
1 38 LYS n 
1 39 ASN n 
1 40 LYS n 
1 41 HIS n 
1 42 LEU n 
1 43 ARG n 
1 44 ILE n 
1 45 TYR n 
1 46 ASN n 
1 47 MET n 
1 48 CYS n 
1 49 LYS n 
1 50 THR n 
1 51 CYS n 
1 52 PHE n 
1 53 ASN n 
1 54 ASN n 
1 55 SER n 
1 56 ILE n 
1 57 ASP n 
1 58 ILE n 
1 59 GLY n 
1 60 ASP n 
1 61 ASP n 
1 62 THR n 
1 63 TYR n 
1 64 HIS n 
1 65 GLY n 
1 66 HIS n 
1 67 ASP n 
1 68 ASP n 
1 69 TRP n 
1 70 LEU n 
1 71 MET n 
1 72 TYR n 
1 73 ALA n 
1 74 ASP n 
1 75 SER n 
1 76 LYS n 
1 77 GLU n 
1 78 ILE n 
1 79 SER n 
1 80 ASN n 
# 
_entity_src_gen.entity_id                          1 
_entity_src_gen.pdbx_src_id                        1 
_entity_src_gen.pdbx_alt_source_flag               sample 
_entity_src_gen.pdbx_seq_type                      ? 
_entity_src_gen.pdbx_beg_seq_num                   ? 
_entity_src_gen.pdbx_end_seq_num                   ? 
_entity_src_gen.gene_src_common_name               ? 
_entity_src_gen.gene_src_genus                     ? 
_entity_src_gen.pdbx_gene_src_gene                 ? 
_entity_src_gen.gene_src_species                   ? 
_entity_src_gen.gene_src_strain                    ? 
_entity_src_gen.gene_src_tissue                    ? 
_entity_src_gen.gene_src_tissue_fraction           ? 
_entity_src_gen.gene_src_details                   ? 
_entity_src_gen.pdbx_gene_src_fragment             ? 
_entity_src_gen.pdbx_gene_src_scientific_name      'SYNTHETIC CONSTRUCT' 
_entity_src_gen.pdbx_gene_src_ncbi_taxonomy_id     32630 
_entity_src_gen.pdbx_gene_src_variant              ? 
_entity_src_gen.pdbx_gene_src_cell_line            ? 
_entity_src_gen.pdbx_gene_src_atcc                 ? 
_entity_src_gen.pdbx_gene_src_organ                ? 
_entity_src_gen.pdbx_gene_src_organelle            ? 
_entity_src_gen.pdbx_gene_src_cell                 ? 
_entity_src_gen.pdbx_gene_src_cellular_location    ? 
_entity_src_gen.host_org_common_name               ? 
_entity_src_gen.pdbx_host_org_scientific_name      'ESCHERICHIA COLI BL21(DE3)' 
_entity_src_gen.pdbx_host_org_ncbi_taxonomy_id     469008 
_entity_src_gen.host_org_genus                     ? 
_entity_src_gen.pdbx_host_org_gene                 ? 
_entity_src_gen.pdbx_host_org_organ                ? 
_entity_src_gen.host_org_species                   ? 
_entity_src_gen.pdbx_host_org_tissue               ? 
_entity_src_gen.pdbx_host_org_tissue_fraction      ? 
_entity_src_gen.pdbx_host_org_strain               ? 
_entity_src_gen.pdbx_host_org_variant              ? 
_entity_src_gen.pdbx_host_org_cell_line            ? 
_entity_src_gen.pdbx_host_org_atcc                 ? 
_entity_src_gen.pdbx_host_org_culture_collection   ? 
_entity_src_gen.pdbx_host_org_cell                 ? 
_entity_src_gen.pdbx_host_org_organelle            ? 
_entity_src_gen.pdbx_host_org_cellular_location    ? 
_entity_src_gen.pdbx_host_org_vector_type          ? 
_entity_src_gen.pdbx_host_org_vector               ? 
_entity_src_gen.host_org_details                   ? 
_entity_src_gen.expression_system_id               ? 
_entity_src_gen.plasmid_name                       'MODIFIED PET-24D WITH N-HIS-TEV CLEAVAGE SITE' 
_entity_src_gen.plasmid_details                    ? 
_entity_src_gen.pdbx_description                   'SYNTHETIC GENE' 
# 
loop_
_chem_comp.id 
_chem_comp.type 
_chem_comp.mon_nstd_flag 
_chem_comp.name 
_chem_comp.pdbx_synonyms 
_chem_comp.formula 
_chem_comp.formula_weight 
ADP non-polymer         n "ADENOSINE-5'-DIPHOSPHATE" ? 'C10 H15 N5 O10 P2' 427.201 
ALA 'L-peptide linking' y ALANINE                    ? 'C3 H7 N O2'        89.093  
ARG 'L-peptide linking' y ARGININE                   ? 'C6 H15 N4 O2 1'    175.209 
ASN 'L-peptide linking' y ASPARAGINE                 ? 'C4 H8 N2 O3'       132.118 
ASP 'L-peptide linking' y 'ASPARTIC ACID'            ? 'C4 H7 N O4'        133.103 
CYS 'L-peptide linking' y CYSTEINE                   ? 'C3 H7 N O2 S'      121.158 
GLU 'L-peptide linking' y 'GLUTAMIC ACID'            ? 'C5 H9 N O4'        147.129 
GLY 'peptide linking'   y GLYCINE                    ? 'C2 H5 N O2'        75.067  
HIS 'L-peptide linking' y HISTIDINE                  ? 'C6 H10 N3 O2 1'    156.162 
HOH non-polymer         . WATER                      ? 'H2 O'              18.015  
ILE 'L-peptide linking' y ISOLEUCINE                 ? 'C6 H13 N O2'       131.173 
LEU 'L-peptide linking' y LEUCINE                    ? 'C6 H13 N O2'       131.173 
LYS 'L-peptide linking' y LYSINE                     ? 'C6 H15 N2 O2 1'    147.195 
MET 'L-peptide linking' y METHIONINE                 ? 'C5 H11 N O2 S'     149.211 
PHE 'L-peptide linking' y PHENYLALANINE              ? 'C9 H11 N O2'       165.189 
PRO 'L-peptide linking' y PROLINE                    ? 'C5 H9 N O2'        115.130 
SER 'L-peptide linking' y SERINE                     ? 'C3 H7 N O3'        105.093 
THR 'L-peptide linking' y THREONINE                  ? 'C4 H9 N O3'        119.119 
TRP 'L-peptide linking' y TRYPTOPHAN                 ? 'C11 H12 N2 O2'     204.225 
TYR 'L-peptide linking' y TYROSINE                   ? 'C9 H11 N O3'       181.189 
VAL 'L-peptide linking' y VALINE                     ? 'C5 H11 N O2'       117.146 
ZN  non-polymer         . 'ZINC ION'                 ? 'Zn 2'              65.409  
# 
loop_
_pdbx_poly_seq_scheme.asym_id 
_pdbx_poly_seq_scheme.entity_id 
_pdbx_poly_seq_scheme.seq_id 
_pdbx_poly_seq_scheme.mon_id 
_pdbx_poly_seq_scheme.ndb_seq_num 
_pdbx_poly_seq_scheme.pdb_seq_num 
_pdbx_poly_seq_scheme.auth_seq_num 
_pdbx_poly_seq_scheme.pdb_mon_id 
_pdbx_poly_seq_scheme.auth_mon_id 
_pdbx_poly_seq_scheme.pdb_strand_id 
_pdbx_poly_seq_scheme.pdb_ins_code 
_pdbx_poly_seq_scheme.hetero 
A 1 1  GLY 1  -2 ?  ?   ?   A . n 
A 1 2  ALA 2  -1 ?  ?   ?   A . n 
A 1 3  MET 3  1  ?  ?   ?   A . n 
A 1 4  ASP 4  2  ?  ?   ?   A . n 
A 1 5  TYR 5  3  ?  ?   ?   A . n 
A 1 6  LYS 6  4  ?  ?   ?   A . n 
A 1 7  ASP 7  5  ?  ?   ?   A . n 
A 1 8  ASP 8  6  ?  ?   ?   A . n 
A 1 9  ASP 9  7  7  ASP ASP A . n 
A 1 10 ASP 10 8  8  ASP ASP A . n 
A 1 11 LYS 11 9  9  LYS LYS A . n 
A 1 12 LYS 12 10 10 LYS LYS A . n 
A 1 13 THR 13 11 11 THR THR A . n 
A 1 14 ASN 14 12 12 ASN ASN A . n 
A 1 15 TRP 15 13 13 TRP TRP A . n 
A 1 16 LEU 16 14 14 LEU LEU A . n 
A 1 17 LYS 17 15 15 LYS LYS A . n 
A 1 18 ARG 18 16 16 ARG ARG A . n 
A 1 19 ILE 19 17 17 ILE ILE A . n 
A 1 20 TYR 20 18 18 TYR TYR A . n 
A 1 21 ARG 21 19 19 ARG ARG A . n 
A 1 22 VAL 22 20 20 VAL VAL A . n 
A 1 23 ARG 23 21 21 ARG ARG A . n 
A 1 24 PRO 24 22 22 PRO PRO A . n 
A 1 25 CYS 25 23 23 CYS CYS A . n 
A 1 26 VAL 26 24 24 VAL VAL A . n 
A 1 27 LYS 27 25 25 LYS LYS A . n 
A 1 28 CYS 28 26 26 CYS CYS A . n 
A 1 29 LYS 29 27 27 LYS LYS A . n 
A 1 30 VAL 30 28 28 VAL VAL A . n 
A 1 31 ALA 31 29 29 ALA ALA A . n 
A 1 32 PRO 32 30 30 PRO PRO A . n 
A 1 33 ARG 33 31 31 ARG ARG A . n 
A 1 34 ASN 34 32 32 ASN ASN A . n 
A 1 35 TRP 35 33 33 TRP TRP A . n 
A 1 36 LYS 36 34 34 LYS LYS A . n 
A 1 37 VAL 37 35 35 VAL VAL A . n 
A 1 38 LYS 38 36 36 LYS LYS A . n 
A 1 39 ASN 39 37 37 ASN ASN A . n 
A 1 40 LYS 40 38 38 LYS LYS A . n 
A 1 41 HIS 41 39 39 HIS HIS A . n 
A 1 42 LEU 42 40 40 LEU LEU A . n 
A 1 43 ARG 43 41 41 ARG ARG A . n 
A 1 44 ILE 44 42 42 ILE ILE A . n 
A 1 45 TYR 45 43 43 TYR TYR A . n 
A 1 46 ASN 46 44 44 ASN ASN A . n 
A 1 47 MET 47 45 45 MET MET A . n 
A 1 48 CYS 48 46 46 CYS CYS A . n 
A 1 49 LYS 49 47 47 LYS LYS A . n 
A 1 50 THR 50 48 48 THR THR A . n 
A 1 51 CYS 51 49 49 CYS CYS A . n 
A 1 52 PHE 52 50 50 PHE PHE A . n 
A 1 53 ASN 53 51 51 ASN ASN A . n 
A 1 54 ASN 54 52 52 ASN ASN A . n 
A 1 55 SER 55 53 53 SER SER A . n 
A 1 56 ILE 56 54 54 ILE ILE A . n 
A 1 57 ASP 57 55 55 ASP ASP A . n 
A 1 58 ILE 58 56 56 ILE ILE A . n 
A 1 59 GLY 59 57 57 GLY GLY A . n 
A 1 60 ASP 60 58 58 ASP ASP A . n 
A 1 61 ASP 61 59 59 ASP ASP A . n 
A 1 62 THR 62 60 60 THR THR A . n 
A 1 63 TYR 63 61 61 TYR TYR A . n 
A 1 64 HIS 64 62 62 HIS HIS A . n 
A 1 65 GLY 65 63 63 GLY GLY A . n 
A 1 66 HIS 66 64 64 HIS HIS A . n 
A 1 67 ASP 67 65 65 ASP ASP A . n 
A 1 68 ASP 68 66 66 ASP ASP A . n 
A 1 69 TRP 69 67 67 TRP TRP A . n 
A 1 70 LEU 70 68 68 LEU LEU A . n 
A 1 71 MET 71 69 69 MET MET A . n 
A 1 72 TYR 72 70 70 TYR TYR A . n 
A 1 73 ALA 73 71 71 ALA ALA A . n 
A 1 74 ASP 74 72 72 ASP ASP A . n 
A 1 75 SER 75 73 73 SER SER A . n 
A 1 76 LYS 76 74 ?  ?   ?   A . n 
A 1 77 GLU 77 75 ?  ?   ?   A . n 
A 1 78 ILE 78 76 ?  ?   ?   A . n 
A 1 79 SER 79 77 ?  ?   ?   A . n 
A 1 80 ASN 80 78 ?  ?   ?   A . n 
# 
loop_
_pdbx_nonpoly_scheme.asym_id 
_pdbx_nonpoly_scheme.entity_id 
_pdbx_nonpoly_scheme.mon_id 
_pdbx_nonpoly_scheme.ndb_seq_num 
_pdbx_nonpoly_scheme.pdb_seq_num 
_pdbx_nonpoly_scheme.auth_seq_num 
_pdbx_nonpoly_scheme.pdb_mon_id 
_pdbx_nonpoly_scheme.auth_mon_id 
_pdbx_nonpoly_scheme.pdb_strand_id 
_pdbx_nonpoly_scheme.pdb_ins_code 
B 2 ADP 1  1074 1074 ADP ADP A . 
C 3 ZN  1  1075 1075 ZN  ZN  A . 
D 4 HOH 1  2001 2001 HOH HOH A . 
D 4 HOH 2  2002 2002 HOH HOH A . 
D 4 HOH 3  2003 2003 HOH HOH A . 
D 4 HOH 4  2004 2004 HOH HOH A . 
D 4 HOH 5  2005 2005 HOH HOH A . 
D 4 HOH 6  2006 2006 HOH HOH A . 
D 4 HOH 7  2007 2007 HOH HOH A . 
D 4 HOH 8  2008 2008 HOH HOH A . 
D 4 HOH 9  2009 2009 HOH HOH A . 
D 4 HOH 10 2010 2010 HOH HOH A . 
D 4 HOH 11 2011 2011 HOH HOH A . 
D 4 HOH 12 2012 2012 HOH HOH A . 
D 4 HOH 13 2013 2013 HOH HOH A . 
D 4 HOH 14 2014 2014 HOH HOH A . 
D 4 HOH 15 2015 2015 HOH HOH A . 
D 4 HOH 16 2016 2016 HOH HOH A . 
D 4 HOH 17 2017 2017 HOH HOH A . 
D 4 HOH 18 2018 2018 HOH HOH A . 
D 4 HOH 19 2019 2019 HOH HOH A . 
D 4 HOH 20 2020 2020 HOH HOH A . 
D 4 HOH 21 2021 2021 HOH HOH A . 
D 4 HOH 22 2022 2022 HOH HOH A . 
D 4 HOH 23 2023 2023 HOH HOH A . 
D 4 HOH 24 2024 2024 HOH HOH A . 
D 4 HOH 25 2025 2025 HOH HOH A . 
D 4 HOH 26 2026 2026 HOH HOH A . 
D 4 HOH 27 2027 2027 HOH HOH A . 
D 4 HOH 28 2028 2028 HOH HOH A . 
D 4 HOH 29 2029 2029 HOH HOH A . 
D 4 HOH 30 2030 2030 HOH HOH A . 
D 4 HOH 31 2031 2031 HOH HOH A . 
D 4 HOH 32 2032 2032 HOH HOH A . 
D 4 HOH 33 2033 2033 HOH HOH A . 
D 4 HOH 34 2034 2034 HOH HOH A . 
D 4 HOH 35 2035 2035 HOH HOH A . 
D 4 HOH 36 2036 2036 HOH HOH A . 
D 4 HOH 37 2037 2037 HOH HOH A . 
D 4 HOH 38 2038 2038 HOH HOH A . 
D 4 HOH 39 2039 2039 HOH HOH A . 
D 4 HOH 40 2040 2040 HOH HOH A . 
D 4 HOH 41 2041 2041 HOH HOH A . 
D 4 HOH 42 2042 2042 HOH HOH A . 
D 4 HOH 43 2043 2043 HOH HOH A . 
D 4 HOH 44 2044 2044 HOH HOH A . 
D 4 HOH 45 2045 2045 HOH HOH A . 
D 4 HOH 46 2046 2046 HOH HOH A . 
D 4 HOH 47 2047 2047 HOH HOH A . 
D 4 HOH 48 2048 2048 HOH HOH A . 
D 4 HOH 49 2049 2049 HOH HOH A . 
D 4 HOH 50 2050 2050 HOH HOH A . 
D 4 HOH 51 2051 2051 HOH HOH A . 
D 4 HOH 52 2052 2052 HOH HOH A . 
D 4 HOH 53 2053 2053 HOH HOH A . 
D 4 HOH 54 2054 2054 HOH HOH A . 
D 4 HOH 55 2055 2055 HOH HOH A . 
D 4 HOH 56 2056 2056 HOH HOH A . 
D 4 HOH 57 2057 2057 HOH HOH A . 
D 4 HOH 58 2058 2058 HOH HOH A . 
D 4 HOH 59 2059 2059 HOH HOH A . 
D 4 HOH 60 2060 2060 HOH HOH A . 
D 4 HOH 61 2061 2061 HOH HOH A . 
D 4 HOH 62 2062 2062 HOH HOH A . 
D 4 HOH 63 2063 2063 HOH HOH A . 
D 4 HOH 64 2064 2064 HOH HOH A . 
D 4 HOH 65 2065 2065 HOH HOH A . 
D 4 HOH 66 2066 2066 HOH HOH A . 
D 4 HOH 67 2067 2067 HOH HOH A . 
D 4 HOH 68 2068 2068 HOH HOH A . 
D 4 HOH 69 2069 2069 HOH HOH A . 
D 4 HOH 70 2070 2070 HOH HOH A . 
D 4 HOH 71 2071 2071 HOH HOH A . 
D 4 HOH 72 2072 2072 HOH HOH A . 
D 4 HOH 73 2073 2073 HOH HOH A . 
D 4 HOH 74 2074 2074 HOH HOH A . 
D 4 HOH 75 2075 2075 HOH HOH A . 
D 4 HOH 76 2076 2076 HOH HOH A . 
D 4 HOH 77 2077 2077 HOH HOH A . 
D 4 HOH 78 2078 2078 HOH HOH A . 
D 4 HOH 79 2079 2079 HOH HOH A . 
D 4 HOH 80 2080 2080 HOH HOH A . 
D 4 HOH 81 2081 2081 HOH HOH A . 
D 4 HOH 82 2082 2082 HOH HOH A . 
D 4 HOH 83 2083 2083 HOH HOH A . 
D 4 HOH 84 2084 2084 HOH HOH A . 
D 4 HOH 85 2085 2085 HOH HOH A . 
D 4 HOH 86 2086 2086 HOH HOH A . 
D 4 HOH 87 2087 2087 HOH HOH A . 
D 4 HOH 88 2088 2088 HOH HOH A . 
D 4 HOH 89 2089 2089 HOH HOH A . 
D 4 HOH 90 2090 2090 HOH HOH A . 
D 4 HOH 91 2091 2091 HOH HOH A . 
D 4 HOH 92 2092 2092 HOH HOH A . 
D 4 HOH 93 2093 2093 HOH HOH A . 
D 4 HOH 94 2094 2094 HOH HOH A . 
D 4 HOH 95 2095 2095 HOH HOH A . 
D 4 HOH 96 2096 2096 HOH HOH A . 
D 4 HOH 97 2097 2097 HOH HOH A . 
D 4 HOH 98 2098 2098 HOH HOH A . 
D 4 HOH 99 2099 2099 HOH HOH A . 
# 
loop_
_software.name 
_software.classification 
_software.version 
_software.citation_id 
_software.pdbx_ordinal 
REFMAC    refinement       5.1.24 ? 1 
DENZO     'data reduction' .      ? 2 
SCALEPACK 'data scaling'   .      ? 3 
SHELXD    phasing          .      ? 4 
# 
_cell.entry_id           1UW1 
_cell.length_a           71.077 
_cell.length_b           71.077 
_cell.length_c           54.883 
_cell.angle_alpha        90.00 
_cell.angle_beta         90.00 
_cell.angle_gamma        120.00 
_cell.Z_PDB              6 
_cell.pdbx_unique_axis   ? 
# 
_symmetry.entry_id                         1UW1 
_symmetry.space_group_name_H-M             'P 32 2 1' 
_symmetry.pdbx_full_space_group_name_H-M   ? 
_symmetry.cell_setting                     ? 
_symmetry.Int_Tables_number                154 
# 
_exptl.entry_id          1UW1 
_exptl.method            'X-RAY DIFFRACTION' 
_exptl.crystals_number   1 
# 
_exptl_crystal.id                    1 
_exptl_crystal.density_meas          ? 
_exptl_crystal.density_Matthews      4.4 
_exptl_crystal.density_percent_sol   72.1 
_exptl_crystal.description           ? 
# 
_exptl_crystal_grow.crystal_id      1 
_exptl_crystal_grow.method          'VAPOR DIFFUSION, HANGING DROP' 
_exptl_crystal_grow.temp            ? 
_exptl_crystal_grow.temp_details    ? 
_exptl_crystal_grow.pH              7.50 
_exptl_crystal_grow.pdbx_pH_range   ? 
_exptl_crystal_grow.pdbx_details    
;USING THE HANGING-DROP VAPOR DIFFUSION TECHIQUE. 20MG/ML OF PROTEIN WAS MIXED IN EQUAL VOLUMES WITH A CRYSTALLIZATION BUFFER OF 0.1M TRIS/HCL PH 8.5, 0.2 M SODIUM CITRATE, 30% PEG 400)
;
# 
_diffrn.id                     1 
_diffrn.ambient_temp           100.0 
_diffrn.ambient_temp_details   ? 
_diffrn.crystal_id             1 
# 
_diffrn_detector.diffrn_id              1 
_diffrn_detector.detector               CCD 
_diffrn_detector.type                   MARRESEARCH 
_diffrn_detector.pdbx_collection_date   2002-11-15 
_diffrn_detector.details                'BENT + TOROIDAL' 
# 
_diffrn_radiation.diffrn_id                        1 
_diffrn_radiation.wavelength_id                    1 
_diffrn_radiation.pdbx_monochromatic_or_laue_m_l   M 
_diffrn_radiation.monochromator                    SI111 
_diffrn_radiation.pdbx_diffrn_protocol             'SINGLE WAVELENGTH' 
_diffrn_radiation.pdbx_scattering_type             x-ray 
# 
_diffrn_radiation_wavelength.id           1 
_diffrn_radiation_wavelength.wavelength   0.95372 
_diffrn_radiation_wavelength.wt           1.0 
# 
_diffrn_source.diffrn_id                   1 
_diffrn_source.source                      SYNCHROTRON 
_diffrn_source.type                        'ESRF BEAMLINE BM14' 
_diffrn_source.pdbx_synchrotron_site       ESRF 
_diffrn_source.pdbx_synchrotron_beamline   BM14 
_diffrn_source.pdbx_wavelength             0.95372 
_diffrn_source.pdbx_wavelength_list        ? 
# 
_reflns.pdbx_diffrn_id               1 
_reflns.pdbx_ordinal                 1 
_reflns.entry_id                     1UW1 
_reflns.observed_criterion_sigma_I   ? 
_reflns.observed_criterion_sigma_F   ? 
_reflns.d_resolution_low             30.000 
_reflns.d_resolution_high            1.940 
_reflns.number_obs                   12124 
_reflns.number_all                   ? 
_reflns.percent_possible_obs         99.5 
_reflns.pdbx_Rmerge_I_obs            0.06900 
_reflns.pdbx_Rsym_value              ? 
_reflns.pdbx_netI_over_sigmaI        32.0000 
_reflns.B_iso_Wilson_estimate        ? 
_reflns.pdbx_redundancy              9.000 
# 
_reflns_shell.pdbx_diffrn_id         1 
_reflns_shell.pdbx_ordinal           1 
_reflns_shell.d_res_high             1.94 
_reflns_shell.d_res_low              2.00 
_reflns_shell.percent_possible_all   99.3 
_reflns_shell.Rmerge_I_obs           0.47700 
_reflns_shell.pdbx_Rsym_value        ? 
_reflns_shell.meanI_over_sigI_obs    7.300 
_reflns_shell.pdbx_redundancy        7.00 
# 
_refine.pdbx_refine_id                           'X-RAY DIFFRACTION' 
_refine.entry_id                                 1UW1 
_refine.pdbx_diffrn_id                           1 
_refine.pdbx_TLS_residual_ADP_flag               ? 
_refine.ls_number_reflns_obs                     11530 
_refine.ls_number_reflns_all                     ? 
_refine.pdbx_ls_sigma_I                          ? 
_refine.pdbx_ls_sigma_F                          ? 
_refine.pdbx_data_cutoff_high_absF               ? 
_refine.pdbx_data_cutoff_low_absF                ? 
_refine.pdbx_data_cutoff_high_rms_absF           ? 
_refine.ls_d_res_low                             30.00 
_refine.ls_d_res_high                            1.94 
_refine.ls_percent_reflns_obs                    99.6 
_refine.ls_R_factor_obs                          ? 
_refine.ls_R_factor_all                          ? 
_refine.ls_R_factor_R_work                       0.200 
_refine.ls_R_factor_R_free                       0.228 
_refine.ls_R_factor_R_free_error                 ? 
_refine.ls_R_factor_R_free_error_details         ? 
_refine.ls_percent_reflns_R_free                 4.800 
_refine.ls_number_reflns_R_free                  578 
_refine.ls_number_parameters                     ? 
_refine.ls_number_restraints                     ? 
_refine.occupancy_min                            ? 
_refine.occupancy_max                            ? 
_refine.correlation_coeff_Fo_to_Fc               0.943 
_refine.correlation_coeff_Fo_to_Fc_free          0.921 
_refine.B_iso_mean                               24.71 
_refine.aniso_B[1][1]                            1.27000 
_refine.aniso_B[2][2]                            1.27000 
_refine.aniso_B[3][3]                            -1.90000 
_refine.aniso_B[1][2]                            0.63000 
_refine.aniso_B[1][3]                            0.00000 
_refine.aniso_B[2][3]                            0.00000 
_refine.solvent_model_details                    'BABINET MODEL PLUS MASK' 
_refine.solvent_model_param_ksol                 ? 
_refine.solvent_model_param_bsol                 ? 
_refine.pdbx_solvent_vdw_probe_radii             1.40 
_refine.pdbx_solvent_ion_probe_radii             0.80 
_refine.pdbx_solvent_shrinkage_radii             0.80 
_refine.pdbx_ls_cross_valid_method               THROUGHOUT 
_refine.details                                  
;HYDROGENS HAVE BEEN ADDED IN THE RIDING POSITIONS. RESIDUES FROM BOTH THE N- AND C-TERMINII WERE NOT VISIBLE IN THE ELECTRON DENSITY. THESE RESIDUES WERE OMITTED FROM THE MODEL. THE REFINED MODEL CONTAINS RESIDUES 7- 73. RESIDUES 7-10 OF THE N-TERMINUS ARE NOT IN WELL DEFINED ELECTRON DENSITY. UNACCOUNTED SOLVENT DENSITY IS LOCATED CLOSE TO RESIDUES TYR18 AND TRP35
;
_refine.pdbx_starting_model                      ? 
_refine.pdbx_method_to_determine_struct          MAD 
_refine.pdbx_isotropic_thermal_model             ? 
_refine.pdbx_stereochemistry_target_values       'MAXIMUM LIKELIHOOD' 
_refine.pdbx_stereochem_target_val_spec_case     ? 
_refine.pdbx_R_Free_selection_details            RANDOM 
_refine.pdbx_overall_ESU_R                       0.112 
_refine.pdbx_overall_ESU_R_Free                  0.111 
_refine.overall_SU_ML                            0.058 
_refine.pdbx_overall_phase_error                 ? 
_refine.overall_SU_B                             1.981 
_refine.overall_SU_R_Cruickshank_DPI             ? 
_refine.pdbx_overall_SU_R_free_Cruickshank_DPI   ? 
_refine.pdbx_overall_SU_R_Blow_DPI               ? 
_refine.pdbx_overall_SU_R_free_Blow_DPI          ? 
# 
_refine_hist.pdbx_refine_id                   'X-RAY DIFFRACTION' 
_refine_hist.cycle_id                         LAST 
_refine_hist.pdbx_number_atoms_protein        568 
_refine_hist.pdbx_number_atoms_nucleic_acid   0 
_refine_hist.pdbx_number_atoms_ligand         28 
_refine_hist.number_atoms_solvent             99 
_refine_hist.number_atoms_total               695 
_refine_hist.d_res_high                       1.94 
_refine_hist.d_res_low                        30.00 
# 
loop_
_refine_ls_restr.type 
_refine_ls_restr.dev_ideal 
_refine_ls_restr.dev_ideal_target 
_refine_ls_restr.weight 
_refine_ls_restr.number 
_refine_ls_restr.pdbx_refine_id 
_refine_ls_restr.pdbx_restraint_function 
r_bond_refined_d             0.018 0.021 ? 612  'X-RAY DIFFRACTION' ? 
r_bond_other_d               0.002 0.020 ? 510  'X-RAY DIFFRACTION' ? 
r_angle_refined_deg          1.734 1.966 ? 830  'X-RAY DIFFRACTION' ? 
r_angle_other_deg            0.964 3.000 ? 1195 'X-RAY DIFFRACTION' ? 
r_dihedral_angle_1_deg       5.054 5.000 ? 66   'X-RAY DIFFRACTION' ? 
r_dihedral_angle_2_deg       ?     ?     ? ?    'X-RAY DIFFRACTION' ? 
r_dihedral_angle_3_deg       ?     ?     ? ?    'X-RAY DIFFRACTION' ? 
r_dihedral_angle_4_deg       ?     ?     ? ?    'X-RAY DIFFRACTION' ? 
r_chiral_restr               0.108 0.200 ? 83   'X-RAY DIFFRACTION' ? 
r_gen_planes_refined         0.008 0.020 ? 642  'X-RAY DIFFRACTION' ? 
r_gen_planes_other           0.005 0.020 ? 126  'X-RAY DIFFRACTION' ? 
r_nbd_refined                0.211 0.200 ? 128  'X-RAY DIFFRACTION' ? 
r_nbd_other                  0.246 0.200 ? 586  'X-RAY DIFFRACTION' ? 
r_nbtor_refined              ?     ?     ? ?    'X-RAY DIFFRACTION' ? 
r_nbtor_other                0.089 0.200 ? 359  'X-RAY DIFFRACTION' ? 
r_xyhbond_nbd_refined        0.267 0.200 ? 60   'X-RAY DIFFRACTION' ? 
r_xyhbond_nbd_other          ?     ?     ? ?    'X-RAY DIFFRACTION' ? 
r_metal_ion_refined          ?     ?     ? ?    'X-RAY DIFFRACTION' ? 
r_metal_ion_other            ?     ?     ? ?    'X-RAY DIFFRACTION' ? 
r_symmetry_vdw_refined       0.201 0.200 ? 2    'X-RAY DIFFRACTION' ? 
r_symmetry_vdw_other         0.297 0.200 ? 32   'X-RAY DIFFRACTION' ? 
r_symmetry_hbond_refined     0.371 0.200 ? 19   'X-RAY DIFFRACTION' ? 
r_symmetry_hbond_other       ?     ?     ? ?    'X-RAY DIFFRACTION' ? 
r_symmetry_metal_ion_refined ?     ?     ? ?    'X-RAY DIFFRACTION' ? 
r_symmetry_metal_ion_other   ?     ?     ? ?    'X-RAY DIFFRACTION' ? 
r_mcbond_it                  1.286 1.500 ? 334  'X-RAY DIFFRACTION' ? 
r_mcbond_other               ?     ?     ? ?    'X-RAY DIFFRACTION' ? 
r_mcangle_it                 2.248 2.000 ? 542  'X-RAY DIFFRACTION' ? 
r_mcangle_other              ?     ?     ? ?    'X-RAY DIFFRACTION' ? 
r_scbond_it                  3.187 3.000 ? 278  'X-RAY DIFFRACTION' ? 
r_scbond_other               ?     ?     ? ?    'X-RAY DIFFRACTION' ? 
r_scangle_it                 4.996 4.500 ? 288  'X-RAY DIFFRACTION' ? 
r_scangle_other              ?     ?     ? ?    'X-RAY DIFFRACTION' ? 
r_long_range_B_refined       ?     ?     ? ?    'X-RAY DIFFRACTION' ? 
r_long_range_B_other         ?     ?     ? ?    'X-RAY DIFFRACTION' ? 
r_rigid_bond_restr           ?     ?     ? ?    'X-RAY DIFFRACTION' ? 
r_sphericity_free            ?     ?     ? ?    'X-RAY DIFFRACTION' ? 
r_sphericity_bonded          ?     ?     ? ?    'X-RAY DIFFRACTION' ? 
# 
_refine_ls_shell.pdbx_refine_id                   'X-RAY DIFFRACTION' 
_refine_ls_shell.pdbx_total_number_of_bins_used   20 
_refine_ls_shell.d_res_high                       1.94 
_refine_ls_shell.d_res_low                        1.99 
_refine_ls_shell.number_reflns_R_work             819 
_refine_ls_shell.R_factor_R_work                  0.2280 
_refine_ls_shell.percent_reflns_obs               ? 
_refine_ls_shell.R_factor_R_free                  0.2080 
_refine_ls_shell.R_factor_R_free_error            ? 
_refine_ls_shell.percent_reflns_R_free            ? 
_refine_ls_shell.number_reflns_R_free             52 
_refine_ls_shell.number_reflns_all                ? 
_refine_ls_shell.R_factor_all                     ? 
# 
_struct.entry_id                  1UW1 
_struct.title                     'A Novel ADP- and Zinc-binding fold from function-directed in vitro evolution' 
_struct.pdbx_model_details        ? 
_struct.pdbx_CASP_flag            ? 
_struct.pdbx_model_type_details   ? 
# 
_struct_keywords.entry_id        1UW1 
_struct_keywords.pdbx_keywords   'DE NOVO PROTEIN' 
_struct_keywords.text            
'ARTIFICIAL NUCLEOTIDE BINDING PROTEIN, NUCLEOTIDE BINDING PROTEIN, IN VITRO EVOLUTION, DE NOVO PROTEIN' 
# 
loop_
_struct_asym.id 
_struct_asym.pdbx_blank_PDB_chainid_flag 
_struct_asym.pdbx_modified 
_struct_asym.entity_id 
_struct_asym.details 
A N N 1 ? 
B N N 2 ? 
C N N 3 ? 
D N N 4 ? 
# 
_struct_ref.id                         1 
_struct_ref.db_name                    PDB 
_struct_ref.db_code                    1UW1 
_struct_ref.entity_id                  1 
_struct_ref.pdbx_seq_one_letter_code   ? 
_struct_ref.pdbx_align_begin           ? 
_struct_ref.pdbx_db_accession          1UW1 
_struct_ref.pdbx_db_isoform            ? 
# 
_struct_ref_seq.align_id                      1 
_struct_ref_seq.ref_id                        1 
_struct_ref_seq.pdbx_PDB_id_code              1UW1 
_struct_ref_seq.pdbx_strand_id                A 
_struct_ref_seq.seq_align_beg                 1 
_struct_ref_seq.pdbx_seq_align_beg_ins_code   ? 
_struct_ref_seq.seq_align_end                 80 
_struct_ref_seq.pdbx_seq_align_end_ins_code   ? 
_struct_ref_seq.pdbx_db_accession             1UW1 
_struct_ref_seq.db_align_beg                  -2 
_struct_ref_seq.pdbx_db_align_beg_ins_code    ? 
_struct_ref_seq.db_align_end                  78 
_struct_ref_seq.pdbx_db_align_end_ins_code    ? 
_struct_ref_seq.pdbx_auth_seq_align_beg       -2 
_struct_ref_seq.pdbx_auth_seq_align_end       78 
# 
_pdbx_struct_assembly.id                   1 
_pdbx_struct_assembly.details              author_and_software_defined_assembly 
_pdbx_struct_assembly.method_details       PISA 
_pdbx_struct_assembly.oligomeric_details   dimeric 
_pdbx_struct_assembly.oligomeric_count     2 
# 
loop_
_pdbx_struct_assembly_prop.biol_id 
_pdbx_struct_assembly_prop.type 
_pdbx_struct_assembly_prop.value 
_pdbx_struct_assembly_prop.details 
1 'ABSA (A^2)' 2590  ? 
1 MORE         -13.0 ? 
1 'SSA (A^2)'  8730  ? 
# 
_pdbx_struct_assembly_gen.assembly_id       1 
_pdbx_struct_assembly_gen.oper_expression   1,2 
_pdbx_struct_assembly_gen.asym_id_list      A,B,C,D 
# 
loop_
_pdbx_struct_oper_list.id 
_pdbx_struct_oper_list.type 
_pdbx_struct_oper_list.name 
_pdbx_struct_oper_list.symmetry_operation 
_pdbx_struct_oper_list.matrix[1][1] 
_pdbx_struct_oper_list.matrix[1][2] 
_pdbx_struct_oper_list.matrix[1][3] 
_pdbx_struct_oper_list.vector[1] 
_pdbx_struct_oper_list.matrix[2][1] 
_pdbx_struct_oper_list.matrix[2][2] 
_pdbx_struct_oper_list.matrix[2][3] 
_pdbx_struct_oper_list.vector[2] 
_pdbx_struct_oper_list.matrix[3][1] 
_pdbx_struct_oper_list.matrix[3][2] 
_pdbx_struct_oper_list.matrix[3][3] 
_pdbx_struct_oper_list.vector[3] 
1 'identity operation'         1_555 x,y,z             1.0000000000  0.0000000000  0.0000000000 0.0000000000  0.0000000000  1.0000000000 0.0000000000  0.0000000000  0.0000000000 0.0000000000  1.0000000000  0.0000000000   
2 'crystal symmetry operation' 5_675 x-y+1,-y+2,-z+1/3 -0.9690658002 -0.2450780972 0.0291238917 -4.0433891251 -0.2450780972 0.9416462751 -0.2307358204 -3.2172595051 0.0291238917 -0.2307358204 -0.9725804749 -22.7785777379 
# 
_struct_biol.id   1 
# 
loop_
_struct_conf.conf_type_id 
_struct_conf.id 
_struct_conf.pdbx_PDB_helix_id 
_struct_conf.beg_label_comp_id 
_struct_conf.beg_label_asym_id 
_struct_conf.beg_label_seq_id 
_struct_conf.pdbx_beg_PDB_ins_code 
_struct_conf.end_label_comp_id 
_struct_conf.end_label_asym_id 
_struct_conf.end_label_seq_id 
_struct_conf.pdbx_end_PDB_ins_code 
_struct_conf.beg_auth_comp_id 
_struct_conf.beg_auth_asym_id 
_struct_conf.beg_auth_seq_id 
_struct_conf.end_auth_comp_id 
_struct_conf.end_auth_asym_id 
_struct_conf.end_auth_seq_id 
_struct_conf.pdbx_PDB_helix_class 
_struct_conf.details 
_struct_conf.pdbx_PDB_helix_length 
HELX_P HELX_P1 1 ASP A 10 ? VAL A 22 ? ASP A 8  VAL A 20 1 ? 13 
HELX_P HELX_P2 2 CYS A 48 ? GLY A 59 ? CYS A 46 GLY A 57 1 ? 12 
# 
_struct_conf_type.id          HELX_P 
_struct_conf_type.criteria    ? 
_struct_conf_type.reference   ? 
# 
loop_
_struct_conn.id 
_struct_conn.conn_type_id 
_struct_conn.pdbx_leaving_atom_flag 
_struct_conn.pdbx_PDB_id 
_struct_conn.ptnr1_label_asym_id 
_struct_conn.ptnr1_label_comp_id 
_struct_conn.ptnr1_label_seq_id 
_struct_conn.ptnr1_label_atom_id 
_struct_conn.pdbx_ptnr1_label_alt_id 
_struct_conn.pdbx_ptnr1_PDB_ins_code 
_struct_conn.pdbx_ptnr1_standard_comp_id 
_struct_conn.ptnr1_symmetry 
_struct_conn.ptnr2_label_asym_id 
_struct_conn.ptnr2_label_comp_id 
_struct_conn.ptnr2_label_seq_id 
_struct_conn.ptnr2_label_atom_id 
_struct_conn.pdbx_ptnr2_label_alt_id 
_struct_conn.pdbx_ptnr2_PDB_ins_code 
_struct_conn.ptnr1_auth_asym_id 
_struct_conn.ptnr1_auth_comp_id 
_struct_conn.ptnr1_auth_seq_id 
_struct_conn.ptnr2_auth_asym_id 
_struct_conn.ptnr2_auth_comp_id 
_struct_conn.ptnr2_auth_seq_id 
_struct_conn.ptnr2_symmetry 
_struct_conn.pdbx_ptnr3_label_atom_id 
_struct_conn.pdbx_ptnr3_label_seq_id 
_struct_conn.pdbx_ptnr3_label_comp_id 
_struct_conn.pdbx_ptnr3_label_asym_id 
_struct_conn.pdbx_ptnr3_label_alt_id 
_struct_conn.pdbx_ptnr3_PDB_ins_code 
_struct_conn.details 
_struct_conn.pdbx_dist_value 
_struct_conn.pdbx_value_order 
_struct_conn.pdbx_role 
metalc1 metalc ? ? A CYS 25 SG ? ? ? 1_555 C ZN . ZN ? ? A CYS 23 A ZN 1075 1_555 ? ? ? ? ? ? ? 2.452 ? ? 
metalc2 metalc ? ? A CYS 28 SG ? ? ? 1_555 C ZN . ZN ? ? A CYS 26 A ZN 1075 1_555 ? ? ? ? ? ? ? 2.398 ? ? 
metalc3 metalc ? ? A CYS 48 SG ? ? ? 1_555 C ZN . ZN ? ? A CYS 46 A ZN 1075 1_555 ? ? ? ? ? ? ? 2.450 ? ? 
metalc4 metalc ? ? A CYS 51 SG ? ? ? 1_555 C ZN . ZN ? ? A CYS 49 A ZN 1075 1_555 ? ? ? ? ? ? ? 2.399 ? ? 
# 
_struct_conn_type.id          metalc 
_struct_conn_type.criteria    ? 
_struct_conn_type.reference   ? 
# 
loop_
_pdbx_struct_conn_angle.id 
_pdbx_struct_conn_angle.ptnr1_label_atom_id 
_pdbx_struct_conn_angle.ptnr1_label_alt_id 
_pdbx_struct_conn_angle.ptnr1_label_asym_id 
_pdbx_struct_conn_angle.ptnr1_label_comp_id 
_pdbx_struct_conn_angle.ptnr1_label_seq_id 
_pdbx_struct_conn_angle.ptnr1_auth_atom_id 
_pdbx_struct_conn_angle.ptnr1_auth_asym_id 
_pdbx_struct_conn_angle.ptnr1_auth_comp_id 
_pdbx_struct_conn_angle.ptnr1_auth_seq_id 
_pdbx_struct_conn_angle.ptnr1_PDB_ins_code 
_pdbx_struct_conn_angle.ptnr1_symmetry 
_pdbx_struct_conn_angle.ptnr2_label_atom_id 
_pdbx_struct_conn_angle.ptnr2_label_alt_id 
_pdbx_struct_conn_angle.ptnr2_label_asym_id 
_pdbx_struct_conn_angle.ptnr2_label_comp_id 
_pdbx_struct_conn_angle.ptnr2_label_seq_id 
_pdbx_struct_conn_angle.ptnr2_auth_atom_id 
_pdbx_struct_conn_angle.ptnr2_auth_asym_id 
_pdbx_struct_conn_angle.ptnr2_auth_comp_id 
_pdbx_struct_conn_angle.ptnr2_auth_seq_id 
_pdbx_struct_conn_angle.ptnr2_PDB_ins_code 
_pdbx_struct_conn_angle.ptnr2_symmetry 
_pdbx_struct_conn_angle.ptnr3_label_atom_id 
_pdbx_struct_conn_angle.ptnr3_label_alt_id 
_pdbx_struct_conn_angle.ptnr3_label_asym_id 
_pdbx_struct_conn_angle.ptnr3_label_comp_id 
_pdbx_struct_conn_angle.ptnr3_label_seq_id 
_pdbx_struct_conn_angle.ptnr3_auth_atom_id 
_pdbx_struct_conn_angle.ptnr3_auth_asym_id 
_pdbx_struct_conn_angle.ptnr3_auth_comp_id 
_pdbx_struct_conn_angle.ptnr3_auth_seq_id 
_pdbx_struct_conn_angle.ptnr3_PDB_ins_code 
_pdbx_struct_conn_angle.ptnr3_symmetry 
_pdbx_struct_conn_angle.value 
_pdbx_struct_conn_angle.value_esd 
1 SG ? A CYS 25 ? A CYS 23 ? 1_555 ZN ? C ZN . ? A ZN 1075 ? 1_555 SG ? A CYS 28 ? A CYS 26 ? 1_555 104.9 ? 
2 SG ? A CYS 25 ? A CYS 23 ? 1_555 ZN ? C ZN . ? A ZN 1075 ? 1_555 SG ? A CYS 48 ? A CYS 46 ? 1_555 111.5 ? 
3 SG ? A CYS 28 ? A CYS 26 ? 1_555 ZN ? C ZN . ? A ZN 1075 ? 1_555 SG ? A CYS 48 ? A CYS 46 ? 1_555 118.5 ? 
4 SG ? A CYS 25 ? A CYS 23 ? 1_555 ZN ? C ZN . ? A ZN 1075 ? 1_555 SG ? A CYS 51 ? A CYS 49 ? 1_555 109.9 ? 
5 SG ? A CYS 28 ? A CYS 26 ? 1_555 ZN ? C ZN . ? A ZN 1075 ? 1_555 SG ? A CYS 51 ? A CYS 49 ? 1_555 111.5 ? 
6 SG ? A CYS 48 ? A CYS 46 ? 1_555 ZN ? C ZN . ? A ZN 1075 ? 1_555 SG ? A CYS 51 ? A CYS 49 ? 1_555 100.7 ? 
# 
_struct_sheet.id               AA 
_struct_sheet.type             ? 
_struct_sheet.number_strands   3 
_struct_sheet.details          ? 
# 
loop_
_struct_sheet_order.sheet_id 
_struct_sheet_order.range_id_1 
_struct_sheet_order.range_id_2 
_struct_sheet_order.offset 
_struct_sheet_order.sense 
AA 1 2 ? anti-parallel 
AA 2 3 ? anti-parallel 
# 
loop_
_struct_sheet_range.sheet_id 
_struct_sheet_range.id 
_struct_sheet_range.beg_label_comp_id 
_struct_sheet_range.beg_label_asym_id 
_struct_sheet_range.beg_label_seq_id 
_struct_sheet_range.pdbx_beg_PDB_ins_code 
_struct_sheet_range.end_label_comp_id 
_struct_sheet_range.end_label_asym_id 
_struct_sheet_range.end_label_seq_id 
_struct_sheet_range.pdbx_end_PDB_ins_code 
_struct_sheet_range.beg_auth_comp_id 
_struct_sheet_range.beg_auth_asym_id 
_struct_sheet_range.beg_auth_seq_id 
_struct_sheet_range.end_auth_comp_id 
_struct_sheet_range.end_auth_asym_id 
_struct_sheet_range.end_auth_seq_id 
AA 1 TRP A 35 ? LYS A 38 ? TRP A 33 LYS A 36 
AA 2 HIS A 41 ? TYR A 45 ? HIS A 39 TYR A 43 
AA 3 HIS A 66 ? LEU A 70 ? HIS A 64 LEU A 68 
# 
loop_
_pdbx_struct_sheet_hbond.sheet_id 
_pdbx_struct_sheet_hbond.range_id_1 
_pdbx_struct_sheet_hbond.range_id_2 
_pdbx_struct_sheet_hbond.range_1_label_atom_id 
_pdbx_struct_sheet_hbond.range_1_label_comp_id 
_pdbx_struct_sheet_hbond.range_1_label_asym_id 
_pdbx_struct_sheet_hbond.range_1_label_seq_id 
_pdbx_struct_sheet_hbond.range_1_PDB_ins_code 
_pdbx_struct_sheet_hbond.range_1_auth_atom_id 
_pdbx_struct_sheet_hbond.range_1_auth_comp_id 
_pdbx_struct_sheet_hbond.range_1_auth_asym_id 
_pdbx_struct_sheet_hbond.range_1_auth_seq_id 
_pdbx_struct_sheet_hbond.range_2_label_atom_id 
_pdbx_struct_sheet_hbond.range_2_label_comp_id 
_pdbx_struct_sheet_hbond.range_2_label_asym_id 
_pdbx_struct_sheet_hbond.range_2_label_seq_id 
_pdbx_struct_sheet_hbond.range_2_PDB_ins_code 
_pdbx_struct_sheet_hbond.range_2_auth_atom_id 
_pdbx_struct_sheet_hbond.range_2_auth_comp_id 
_pdbx_struct_sheet_hbond.range_2_auth_asym_id 
_pdbx_struct_sheet_hbond.range_2_auth_seq_id 
AA 1 2 N LYS A 38 ? N LYS A 36 O HIS A 41 ? O HIS A 39 
AA 2 3 N ILE A 44 ? N ILE A 42 O ASP A 67 ? O ASP A 65 
# 
loop_
_struct_site.id 
_struct_site.pdbx_evidence_code 
_struct_site.pdbx_auth_asym_id 
_struct_site.pdbx_auth_comp_id 
_struct_site.pdbx_auth_seq_id 
_struct_site.pdbx_auth_ins_code 
_struct_site.pdbx_num_residues 
_struct_site.details 
AC1 Software A ZN  1075 ? 4  'BINDING SITE FOR RESIDUE ZN A 1075'  
AC2 Software A ADP 1074 ? 17 'BINDING SITE FOR RESIDUE ADP A 1074' 
# 
loop_
_struct_site_gen.id 
_struct_site_gen.site_id 
_struct_site_gen.pdbx_num_res 
_struct_site_gen.label_comp_id 
_struct_site_gen.label_asym_id 
_struct_site_gen.label_seq_id 
_struct_site_gen.pdbx_auth_ins_code 
_struct_site_gen.auth_comp_id 
_struct_site_gen.auth_asym_id 
_struct_site_gen.auth_seq_id 
_struct_site_gen.label_atom_id 
_struct_site_gen.label_alt_id 
_struct_site_gen.symmetry 
_struct_site_gen.details 
1  AC1 4  CYS A 25 ? CYS A 23   . ? 1_555 ? 
2  AC1 4  CYS A 28 ? CYS A 26   . ? 1_555 ? 
3  AC1 4  CYS A 48 ? CYS A 46   . ? 1_555 ? 
4  AC1 4  CYS A 51 ? CYS A 49   . ? 1_555 ? 
5  AC2 17 LYS A 36 ? LYS A 34   . ? 1_555 ? 
6  AC2 17 LYS A 38 ? LYS A 36   . ? 1_555 ? 
7  AC2 17 ARG A 43 ? ARG A 41   . ? 1_555 ? 
8  AC2 17 TYR A 45 ? TYR A 43   . ? 1_555 ? 
9  AC2 17 ASN A 46 ? ASN A 44   . ? 1_555 ? 
10 AC2 17 MET A 47 ? MET A 45   . ? 1_555 ? 
11 AC2 17 PHE A 52 ? PHE A 50   . ? 1_555 ? 
12 AC2 17 TYR A 63 ? TYR A 61   . ? 1_555 ? 
13 AC2 17 HIS A 64 ? HIS A 62   . ? 1_555 ? 
14 AC2 17 GLY A 65 ? GLY A 63   . ? 1_555 ? 
15 AC2 17 HIS A 66 ? HIS A 64   . ? 1_555 ? 
16 AC2 17 HOH D .  ? HOH A 2093 . ? 1_555 ? 
17 AC2 17 HOH D .  ? HOH A 2094 . ? 1_555 ? 
18 AC2 17 HOH D .  ? HOH A 2095 . ? 1_555 ? 
19 AC2 17 HOH D .  ? HOH A 2096 . ? 1_555 ? 
20 AC2 17 HOH D .  ? HOH A 2097 . ? 1_555 ? 
21 AC2 17 HOH D .  ? HOH A 2098 . ? 1_555 ? 
# 
loop_
_pdbx_validate_close_contact.id 
_pdbx_validate_close_contact.PDB_model_num 
_pdbx_validate_close_contact.auth_atom_id_1 
_pdbx_validate_close_contact.auth_asym_id_1 
_pdbx_validate_close_contact.auth_comp_id_1 
_pdbx_validate_close_contact.auth_seq_id_1 
_pdbx_validate_close_contact.PDB_ins_code_1 
_pdbx_validate_close_contact.label_alt_id_1 
_pdbx_validate_close_contact.auth_atom_id_2 
_pdbx_validate_close_contact.auth_asym_id_2 
_pdbx_validate_close_contact.auth_comp_id_2 
_pdbx_validate_close_contact.auth_seq_id_2 
_pdbx_validate_close_contact.PDB_ins_code_2 
_pdbx_validate_close_contact.label_alt_id_2 
_pdbx_validate_close_contact.dist 
1 1 O A HOH 2011 ? ? O A HOH 2012 ? ? 1.52 
2 1 O A HOH 2011 ? ? O A HOH 2013 ? ? 1.91 
3 1 O A HOH 2038 ? ? O A HOH 2039 ? ? 2.11 
# 
_pdbx_validate_symm_contact.id                1 
_pdbx_validate_symm_contact.PDB_model_num     1 
_pdbx_validate_symm_contact.auth_atom_id_1    O 
_pdbx_validate_symm_contact.auth_asym_id_1    A 
_pdbx_validate_symm_contact.auth_comp_id_1    HOH 
_pdbx_validate_symm_contact.auth_seq_id_1     2007 
_pdbx_validate_symm_contact.PDB_ins_code_1    ? 
_pdbx_validate_symm_contact.label_alt_id_1    ? 
_pdbx_validate_symm_contact.site_symmetry_1   1_555 
_pdbx_validate_symm_contact.auth_atom_id_2    O 
_pdbx_validate_symm_contact.auth_asym_id_2    A 
_pdbx_validate_symm_contact.auth_comp_id_2    HOH 
_pdbx_validate_symm_contact.auth_seq_id_2     2007 
_pdbx_validate_symm_contact.PDB_ins_code_2    ? 
_pdbx_validate_symm_contact.label_alt_id_2    ? 
_pdbx_validate_symm_contact.site_symmetry_2   5_675 
_pdbx_validate_symm_contact.dist              1.99 
# 
loop_
_pdbx_validate_torsion.id 
_pdbx_validate_torsion.PDB_model_num 
_pdbx_validate_torsion.auth_comp_id 
_pdbx_validate_torsion.auth_asym_id 
_pdbx_validate_torsion.auth_seq_id 
_pdbx_validate_torsion.PDB_ins_code 
_pdbx_validate_torsion.label_alt_id 
_pdbx_validate_torsion.phi 
_pdbx_validate_torsion.psi 
1 1 ASP A 8  ? ? -26.38  -26.91  
2 1 LYS A 25 ? ? -90.12  -60.03  
3 1 LYS A 27 ? ? 59.45   10.90   
4 1 VAL A 28 ? ? -121.87 -52.70  
5 1 ASN A 37 ? ? 56.76   -110.37 
# 
_pdbx_struct_special_symmetry.id              1 
_pdbx_struct_special_symmetry.PDB_model_num   1 
_pdbx_struct_special_symmetry.auth_asym_id    A 
_pdbx_struct_special_symmetry.auth_comp_id    HOH 
_pdbx_struct_special_symmetry.auth_seq_id     2090 
_pdbx_struct_special_symmetry.PDB_ins_code    ? 
_pdbx_struct_special_symmetry.label_asym_id   D 
_pdbx_struct_special_symmetry.label_comp_id   HOH 
_pdbx_struct_special_symmetry.label_seq_id    . 
# 
_pdbx_entry_details.entry_id                 1UW1 
_pdbx_entry_details.compound_details         
;THE ORIGINAL FUNCTIONAL PROTEIN ISOLATED BY KEEFE AND
SZOSTAK (NCBI: AAK50879, GI:13958624) CONSISTED OF 109
AMINO ACID RESIDUES.A SERIES OF CONSTRUCTS WERE PRODUCED
TO IDENTIFY THE FUNCTIONAL CORE OF THE PROTEIN TO AID
STRUCTURAL STUDIES.

THIS IS A RANDOMLY GENERATED PROTEIN. THE PROTEON WAS
ISOLATED BY CYCLES OF IN VITRO EVOLUTIONARY SELECTION
FROM A RANDOM-SEQUENCE LIBRARY OF 6 X 10**12
MRNA-DISPLAYED PROTEINS. EVOLUTION OF THE PROTEINS PRODUCED
WAS DIRECTED BY THE ABILITY TO BIND ATP.
;
_pdbx_entry_details.source_details           ? 
_pdbx_entry_details.nonpolymer_details       ? 
_pdbx_entry_details.sequence_details         
;THE ORIGINAL FUNCTIONAL PROTEIN ISOLATED BY KEEFE AND
SZOSTAK (NCBI: AAK50879, GI:13958624) CONSISTED OF 109
AMINO ACID RESIDUES.A SERIES OF CONSTRUCTS WERE PRODUCED
TO IDENTIFY THE FUNCTIONAL CORE OF THE PROTEIN TO AID
STRUCTURAL STUDIES.

THIS ENTRY CORRESPONDS TO CONSTRUCT REFERRED TO AS ANBP.
THE ANBP CONSTRUCT CONSISTS OF RESIDUES 1-78 WHICH WAS
EXPRESSED WITH AN N-TERMINAL 6-HIS TAG THAT WAS REMOVED BY
CLEAVAGE WITH TEV PROTEASE BEFORE BEING CRYSTALLIZED.
THIS GIVES AN INSERTION OF TWO RESIDUES, GA, AT THE N-TER).

THIS IS A RANDOMLY GENERATED PROTEIN. THE PROTEON WAS
ISOLATED BY CYCLES OF IN VITRO EVOLUTIONARY SELECTION
FROM A RANDOM-SEQUENCE LIBRARY OF 6 X 10**12
MRNA-DISPLAYED PROTEINS. EVOLUTION OF THE PROTEINS PRODUCED
WAS DIRECTED BY THE ABILITY TO BIND ATP. THERE IS NO
UNIPROT ID ASSOCIATED WITH THE SEQUENCE PRESENT IN THIS
ENTRY AND THEREFORE, THE DBREF RECORDS INDICATE THAT THE
SEQUENCE IS MAPPED TO ITSELF.
;
_pdbx_entry_details.has_ligand_of_interest   ? 
# 
loop_
_pdbx_distant_solvent_atoms.id 
_pdbx_distant_solvent_atoms.PDB_model_num 
_pdbx_distant_solvent_atoms.auth_atom_id 
_pdbx_distant_solvent_atoms.label_alt_id 
_pdbx_distant_solvent_atoms.auth_asym_id 
_pdbx_distant_solvent_atoms.auth_comp_id 
_pdbx_distant_solvent_atoms.auth_seq_id 
_pdbx_distant_solvent_atoms.PDB_ins_code 
_pdbx_distant_solvent_atoms.neighbor_macromolecule_distance 
_pdbx_distant_solvent_atoms.neighbor_ligand_distance 
1 1 O ? A HOH 2007 ? 8.52 . 
2 1 O ? A HOH 2008 ? 8.92 . 
3 1 O ? A HOH 2009 ? 9.06 . 
4 1 O ? A HOH 2010 ? 8.08 . 
5 1 O ? A HOH 2017 ? 6.22 . 
6 1 O ? A HOH 2018 ? 7.42 . 
# 
loop_
_pdbx_unobs_or_zero_occ_residues.id 
_pdbx_unobs_or_zero_occ_residues.PDB_model_num 
_pdbx_unobs_or_zero_occ_residues.polymer_flag 
_pdbx_unobs_or_zero_occ_residues.occupancy_flag 
_pdbx_unobs_or_zero_occ_residues.auth_asym_id 
_pdbx_unobs_or_zero_occ_residues.auth_comp_id 
_pdbx_unobs_or_zero_occ_residues.auth_seq_id 
_pdbx_unobs_or_zero_occ_residues.PDB_ins_code 
_pdbx_unobs_or_zero_occ_residues.label_asym_id 
_pdbx_unobs_or_zero_occ_residues.label_comp_id 
_pdbx_unobs_or_zero_occ_residues.label_seq_id 
1  1 Y 1 A GLY -2 ? A GLY 1  
2  1 Y 1 A ALA -1 ? A ALA 2  
3  1 Y 1 A MET 1  ? A MET 3  
4  1 Y 1 A ASP 2  ? A ASP 4  
5  1 Y 1 A TYR 3  ? A TYR 5  
6  1 Y 1 A LYS 4  ? A LYS 6  
7  1 Y 1 A ASP 5  ? A ASP 7  
8  1 Y 1 A ASP 6  ? A ASP 8  
9  1 Y 1 A LYS 74 ? A LYS 76 
10 1 Y 1 A GLU 75 ? A GLU 77 
11 1 Y 1 A ILE 76 ? A ILE 78 
12 1 Y 1 A SER 77 ? A SER 79 
13 1 Y 1 A ASN 78 ? A ASN 80 
# 
loop_
_chem_comp_atom.comp_id 
_chem_comp_atom.atom_id 
_chem_comp_atom.type_symbol 
_chem_comp_atom.pdbx_aromatic_flag 
_chem_comp_atom.pdbx_stereo_config 
_chem_comp_atom.pdbx_ordinal 
ADP PB     P  N N 1   
ADP O1B    O  N N 2   
ADP O2B    O  N N 3   
ADP O3B    O  N N 4   
ADP PA     P  N S 5   
ADP O1A    O  N N 6   
ADP O2A    O  N N 7   
ADP O3A    O  N N 8   
ADP "O5'"  O  N N 9   
ADP "C5'"  C  N N 10  
ADP "C4'"  C  N R 11  
ADP "O4'"  O  N N 12  
ADP "C3'"  C  N S 13  
ADP "O3'"  O  N N 14  
ADP "C2'"  C  N R 15  
ADP "O2'"  O  N N 16  
ADP "C1'"  C  N R 17  
ADP N9     N  Y N 18  
ADP C8     C  Y N 19  
ADP N7     N  Y N 20  
ADP C5     C  Y N 21  
ADP C6     C  Y N 22  
ADP N6     N  N N 23  
ADP N1     N  Y N 24  
ADP C2     C  Y N 25  
ADP N3     N  Y N 26  
ADP C4     C  Y N 27  
ADP HOB2   H  N N 28  
ADP HOB3   H  N N 29  
ADP HOA2   H  N N 30  
ADP "H5'1" H  N N 31  
ADP "H5'2" H  N N 32  
ADP "H4'"  H  N N 33  
ADP "H3'"  H  N N 34  
ADP "HO3'" H  N N 35  
ADP "H2'"  H  N N 36  
ADP "HO2'" H  N N 37  
ADP "H1'"  H  N N 38  
ADP H8     H  N N 39  
ADP HN61   H  N N 40  
ADP HN62   H  N N 41  
ADP H2     H  N N 42  
ALA N      N  N N 43  
ALA CA     C  N S 44  
ALA C      C  N N 45  
ALA O      O  N N 46  
ALA CB     C  N N 47  
ALA OXT    O  N N 48  
ALA H      H  N N 49  
ALA H2     H  N N 50  
ALA HA     H  N N 51  
ALA HB1    H  N N 52  
ALA HB2    H  N N 53  
ALA HB3    H  N N 54  
ALA HXT    H  N N 55  
ARG N      N  N N 56  
ARG CA     C  N S 57  
ARG C      C  N N 58  
ARG O      O  N N 59  
ARG CB     C  N N 60  
ARG CG     C  N N 61  
ARG CD     C  N N 62  
ARG NE     N  N N 63  
ARG CZ     C  N N 64  
ARG NH1    N  N N 65  
ARG NH2    N  N N 66  
ARG OXT    O  N N 67  
ARG H      H  N N 68  
ARG H2     H  N N 69  
ARG HA     H  N N 70  
ARG HB2    H  N N 71  
ARG HB3    H  N N 72  
ARG HG2    H  N N 73  
ARG HG3    H  N N 74  
ARG HD2    H  N N 75  
ARG HD3    H  N N 76  
ARG HE     H  N N 77  
ARG HH11   H  N N 78  
ARG HH12   H  N N 79  
ARG HH21   H  N N 80  
ARG HH22   H  N N 81  
ARG HXT    H  N N 82  
ASN N      N  N N 83  
ASN CA     C  N S 84  
ASN C      C  N N 85  
ASN O      O  N N 86  
ASN CB     C  N N 87  
ASN CG     C  N N 88  
ASN OD1    O  N N 89  
ASN ND2    N  N N 90  
ASN OXT    O  N N 91  
ASN H      H  N N 92  
ASN H2     H  N N 93  
ASN HA     H  N N 94  
ASN HB2    H  N N 95  
ASN HB3    H  N N 96  
ASN HD21   H  N N 97  
ASN HD22   H  N N 98  
ASN HXT    H  N N 99  
ASP N      N  N N 100 
ASP CA     C  N S 101 
ASP C      C  N N 102 
ASP O      O  N N 103 
ASP CB     C  N N 104 
ASP CG     C  N N 105 
ASP OD1    O  N N 106 
ASP OD2    O  N N 107 
ASP OXT    O  N N 108 
ASP H      H  N N 109 
ASP H2     H  N N 110 
ASP HA     H  N N 111 
ASP HB2    H  N N 112 
ASP HB3    H  N N 113 
ASP HD2    H  N N 114 
ASP HXT    H  N N 115 
CYS N      N  N N 116 
CYS CA     C  N R 117 
CYS C      C  N N 118 
CYS O      O  N N 119 
CYS CB     C  N N 120 
CYS SG     S  N N 121 
CYS OXT    O  N N 122 
CYS H      H  N N 123 
CYS H2     H  N N 124 
CYS HA     H  N N 125 
CYS HB2    H  N N 126 
CYS HB3    H  N N 127 
CYS HG     H  N N 128 
CYS HXT    H  N N 129 
GLU N      N  N N 130 
GLU CA     C  N S 131 
GLU C      C  N N 132 
GLU O      O  N N 133 
GLU CB     C  N N 134 
GLU CG     C  N N 135 
GLU CD     C  N N 136 
GLU OE1    O  N N 137 
GLU OE2    O  N N 138 
GLU OXT    O  N N 139 
GLU H      H  N N 140 
GLU H2     H  N N 141 
GLU HA     H  N N 142 
GLU HB2    H  N N 143 
GLU HB3    H  N N 144 
GLU HG2    H  N N 145 
GLU HG3    H  N N 146 
GLU HE2    H  N N 147 
GLU HXT    H  N N 148 
GLY N      N  N N 149 
GLY CA     C  N N 150 
GLY C      C  N N 151 
GLY O      O  N N 152 
GLY OXT    O  N N 153 
GLY H      H  N N 154 
GLY H2     H  N N 155 
GLY HA2    H  N N 156 
GLY HA3    H  N N 157 
GLY HXT    H  N N 158 
HIS N      N  N N 159 
HIS CA     C  N S 160 
HIS C      C  N N 161 
HIS O      O  N N 162 
HIS CB     C  N N 163 
HIS CG     C  Y N 164 
HIS ND1    N  Y N 165 
HIS CD2    C  Y N 166 
HIS CE1    C  Y N 167 
HIS NE2    N  Y N 168 
HIS OXT    O  N N 169 
HIS H      H  N N 170 
HIS H2     H  N N 171 
HIS HA     H  N N 172 
HIS HB2    H  N N 173 
HIS HB3    H  N N 174 
HIS HD1    H  N N 175 
HIS HD2    H  N N 176 
HIS HE1    H  N N 177 
HIS HE2    H  N N 178 
HIS HXT    H  N N 179 
HOH O      O  N N 180 
HOH H1     H  N N 181 
HOH H2     H  N N 182 
ILE N      N  N N 183 
ILE CA     C  N S 184 
ILE C      C  N N 185 
ILE O      O  N N 186 
ILE CB     C  N S 187 
ILE CG1    C  N N 188 
ILE CG2    C  N N 189 
ILE CD1    C  N N 190 
ILE OXT    O  N N 191 
ILE H      H  N N 192 
ILE H2     H  N N 193 
ILE HA     H  N N 194 
ILE HB     H  N N 195 
ILE HG12   H  N N 196 
ILE HG13   H  N N 197 
ILE HG21   H  N N 198 
ILE HG22   H  N N 199 
ILE HG23   H  N N 200 
ILE HD11   H  N N 201 
ILE HD12   H  N N 202 
ILE HD13   H  N N 203 
ILE HXT    H  N N 204 
LEU N      N  N N 205 
LEU CA     C  N S 206 
LEU C      C  N N 207 
LEU O      O  N N 208 
LEU CB     C  N N 209 
LEU CG     C  N N 210 
LEU CD1    C  N N 211 
LEU CD2    C  N N 212 
LEU OXT    O  N N 213 
LEU H      H  N N 214 
LEU H2     H  N N 215 
LEU HA     H  N N 216 
LEU HB2    H  N N 217 
LEU HB3    H  N N 218 
LEU HG     H  N N 219 
LEU HD11   H  N N 220 
LEU HD12   H  N N 221 
LEU HD13   H  N N 222 
LEU HD21   H  N N 223 
LEU HD22   H  N N 224 
LEU HD23   H  N N 225 
LEU HXT    H  N N 226 
LYS N      N  N N 227 
LYS CA     C  N S 228 
LYS C      C  N N 229 
LYS O      O  N N 230 
LYS CB     C  N N 231 
LYS CG     C  N N 232 
LYS CD     C  N N 233 
LYS CE     C  N N 234 
LYS NZ     N  N N 235 
LYS OXT    O  N N 236 
LYS H      H  N N 237 
LYS H2     H  N N 238 
LYS HA     H  N N 239 
LYS HB2    H  N N 240 
LYS HB3    H  N N 241 
LYS HG2    H  N N 242 
LYS HG3    H  N N 243 
LYS HD2    H  N N 244 
LYS HD3    H  N N 245 
LYS HE2    H  N N 246 
LYS HE3    H  N N 247 
LYS HZ1    H  N N 248 
LYS HZ2    H  N N 249 
LYS HZ3    H  N N 250 
LYS HXT    H  N N 251 
MET N      N  N N 252 
MET CA     C  N S 253 
MET C      C  N N 254 
MET O      O  N N 255 
MET CB     C  N N 256 
MET CG     C  N N 257 
MET SD     S  N N 258 
MET CE     C  N N 259 
MET OXT    O  N N 260 
MET H      H  N N 261 
MET H2     H  N N 262 
MET HA     H  N N 263 
MET HB2    H  N N 264 
MET HB3    H  N N 265 
MET HG2    H  N N 266 
MET HG3    H  N N 267 
MET HE1    H  N N 268 
MET HE2    H  N N 269 
MET HE3    H  N N 270 
MET HXT    H  N N 271 
PHE N      N  N N 272 
PHE CA     C  N S 273 
PHE C      C  N N 274 
PHE O      O  N N 275 
PHE CB     C  N N 276 
PHE CG     C  Y N 277 
PHE CD1    C  Y N 278 
PHE CD2    C  Y N 279 
PHE CE1    C  Y N 280 
PHE CE2    C  Y N 281 
PHE CZ     C  Y N 282 
PHE OXT    O  N N 283 
PHE H      H  N N 284 
PHE H2     H  N N 285 
PHE HA     H  N N 286 
PHE HB2    H  N N 287 
PHE HB3    H  N N 288 
PHE HD1    H  N N 289 
PHE HD2    H  N N 290 
PHE HE1    H  N N 291 
PHE HE2    H  N N 292 
PHE HZ     H  N N 293 
PHE HXT    H  N N 294 
PRO N      N  N N 295 
PRO CA     C  N S 296 
PRO C      C  N N 297 
PRO O      O  N N 298 
PRO CB     C  N N 299 
PRO CG     C  N N 300 
PRO CD     C  N N 301 
PRO OXT    O  N N 302 
PRO H      H  N N 303 
PRO HA     H  N N 304 
PRO HB2    H  N N 305 
PRO HB3    H  N N 306 
PRO HG2    H  N N 307 
PRO HG3    H  N N 308 
PRO HD2    H  N N 309 
PRO HD3    H  N N 310 
PRO HXT    H  N N 311 
SER N      N  N N 312 
SER CA     C  N S 313 
SER C      C  N N 314 
SER O      O  N N 315 
SER CB     C  N N 316 
SER OG     O  N N 317 
SER OXT    O  N N 318 
SER H      H  N N 319 
SER H2     H  N N 320 
SER HA     H  N N 321 
SER HB2    H  N N 322 
SER HB3    H  N N 323 
SER HG     H  N N 324 
SER HXT    H  N N 325 
THR N      N  N N 326 
THR CA     C  N S 327 
THR C      C  N N 328 
THR O      O  N N 329 
THR CB     C  N R 330 
THR OG1    O  N N 331 
THR CG2    C  N N 332 
THR OXT    O  N N 333 
THR H      H  N N 334 
THR H2     H  N N 335 
THR HA     H  N N 336 
THR HB     H  N N 337 
THR HG1    H  N N 338 
THR HG21   H  N N 339 
THR HG22   H  N N 340 
THR HG23   H  N N 341 
THR HXT    H  N N 342 
TRP N      N  N N 343 
TRP CA     C  N S 344 
TRP C      C  N N 345 
TRP O      O  N N 346 
TRP CB     C  N N 347 
TRP CG     C  Y N 348 
TRP CD1    C  Y N 349 
TRP CD2    C  Y N 350 
TRP NE1    N  Y N 351 
TRP CE2    C  Y N 352 
TRP CE3    C  Y N 353 
TRP CZ2    C  Y N 354 
TRP CZ3    C  Y N 355 
TRP CH2    C  Y N 356 
TRP OXT    O  N N 357 
TRP H      H  N N 358 
TRP H2     H  N N 359 
TRP HA     H  N N 360 
TRP HB2    H  N N 361 
TRP HB3    H  N N 362 
TRP HD1    H  N N 363 
TRP HE1    H  N N 364 
TRP HE3    H  N N 365 
TRP HZ2    H  N N 366 
TRP HZ3    H  N N 367 
TRP HH2    H  N N 368 
TRP HXT    H  N N 369 
TYR N      N  N N 370 
TYR CA     C  N S 371 
TYR C      C  N N 372 
TYR O      O  N N 373 
TYR CB     C  N N 374 
TYR CG     C  Y N 375 
TYR CD1    C  Y N 376 
TYR CD2    C  Y N 377 
TYR CE1    C  Y N 378 
TYR CE2    C  Y N 379 
TYR CZ     C  Y N 380 
TYR OH     O  N N 381 
TYR OXT    O  N N 382 
TYR H      H  N N 383 
TYR H2     H  N N 384 
TYR HA     H  N N 385 
TYR HB2    H  N N 386 
TYR HB3    H  N N 387 
TYR HD1    H  N N 388 
TYR HD2    H  N N 389 
TYR HE1    H  N N 390 
TYR HE2    H  N N 391 
TYR HH     H  N N 392 
TYR HXT    H  N N 393 
VAL N      N  N N 394 
VAL CA     C  N S 395 
VAL C      C  N N 396 
VAL O      O  N N 397 
VAL CB     C  N N 398 
VAL CG1    C  N N 399 
VAL CG2    C  N N 400 
VAL OXT    O  N N 401 
VAL H      H  N N 402 
VAL H2     H  N N 403 
VAL HA     H  N N 404 
VAL HB     H  N N 405 
VAL HG11   H  N N 406 
VAL HG12   H  N N 407 
VAL HG13   H  N N 408 
VAL HG21   H  N N 409 
VAL HG22   H  N N 410 
VAL HG23   H  N N 411 
VAL HXT    H  N N 412 
ZN  ZN     ZN N N 413 
# 
loop_
_chem_comp_bond.comp_id 
_chem_comp_bond.atom_id_1 
_chem_comp_bond.atom_id_2 
_chem_comp_bond.value_order 
_chem_comp_bond.pdbx_aromatic_flag 
_chem_comp_bond.pdbx_stereo_config 
_chem_comp_bond.pdbx_ordinal 
ADP PB    O1B    doub N N 1   
ADP PB    O2B    sing N N 2   
ADP PB    O3B    sing N N 3   
ADP PB    O3A    sing N N 4   
ADP O2B   HOB2   sing N N 5   
ADP O3B   HOB3   sing N N 6   
ADP PA    O1A    doub N N 7   
ADP PA    O2A    sing N N 8   
ADP PA    O3A    sing N N 9   
ADP PA    "O5'"  sing N N 10  
ADP O2A   HOA2   sing N N 11  
ADP "O5'" "C5'"  sing N N 12  
ADP "C5'" "C4'"  sing N N 13  
ADP "C5'" "H5'1" sing N N 14  
ADP "C5'" "H5'2" sing N N 15  
ADP "C4'" "O4'"  sing N N 16  
ADP "C4'" "C3'"  sing N N 17  
ADP "C4'" "H4'"  sing N N 18  
ADP "O4'" "C1'"  sing N N 19  
ADP "C3'" "O3'"  sing N N 20  
ADP "C3'" "C2'"  sing N N 21  
ADP "C3'" "H3'"  sing N N 22  
ADP "O3'" "HO3'" sing N N 23  
ADP "C2'" "O2'"  sing N N 24  
ADP "C2'" "C1'"  sing N N 25  
ADP "C2'" "H2'"  sing N N 26  
ADP "O2'" "HO2'" sing N N 27  
ADP "C1'" N9     sing N N 28  
ADP "C1'" "H1'"  sing N N 29  
ADP N9    C8     sing Y N 30  
ADP N9    C4     sing Y N 31  
ADP C8    N7     doub Y N 32  
ADP C8    H8     sing N N 33  
ADP N7    C5     sing Y N 34  
ADP C5    C6     sing Y N 35  
ADP C5    C4     doub Y N 36  
ADP C6    N6     sing N N 37  
ADP C6    N1     doub Y N 38  
ADP N6    HN61   sing N N 39  
ADP N6    HN62   sing N N 40  
ADP N1    C2     sing Y N 41  
ADP C2    N3     doub Y N 42  
ADP C2    H2     sing N N 43  
ADP N3    C4     sing Y N 44  
ALA N     CA     sing N N 45  
ALA N     H      sing N N 46  
ALA N     H2     sing N N 47  
ALA CA    C      sing N N 48  
ALA CA    CB     sing N N 49  
ALA CA    HA     sing N N 50  
ALA C     O      doub N N 51  
ALA C     OXT    sing N N 52  
ALA CB    HB1    sing N N 53  
ALA CB    HB2    sing N N 54  
ALA CB    HB3    sing N N 55  
ALA OXT   HXT    sing N N 56  
ARG N     CA     sing N N 57  
ARG N     H      sing N N 58  
ARG N     H2     sing N N 59  
ARG CA    C      sing N N 60  
ARG CA    CB     sing N N 61  
ARG CA    HA     sing N N 62  
ARG C     O      doub N N 63  
ARG C     OXT    sing N N 64  
ARG CB    CG     sing N N 65  
ARG CB    HB2    sing N N 66  
ARG CB    HB3    sing N N 67  
ARG CG    CD     sing N N 68  
ARG CG    HG2    sing N N 69  
ARG CG    HG3    sing N N 70  
ARG CD    NE     sing N N 71  
ARG CD    HD2    sing N N 72  
ARG CD    HD3    sing N N 73  
ARG NE    CZ     sing N N 74  
ARG NE    HE     sing N N 75  
ARG CZ    NH1    sing N N 76  
ARG CZ    NH2    doub N N 77  
ARG NH1   HH11   sing N N 78  
ARG NH1   HH12   sing N N 79  
ARG NH2   HH21   sing N N 80  
ARG NH2   HH22   sing N N 81  
ARG OXT   HXT    sing N N 82  
ASN N     CA     sing N N 83  
ASN N     H      sing N N 84  
ASN N     H2     sing N N 85  
ASN CA    C      sing N N 86  
ASN CA    CB     sing N N 87  
ASN CA    HA     sing N N 88  
ASN C     O      doub N N 89  
ASN C     OXT    sing N N 90  
ASN CB    CG     sing N N 91  
ASN CB    HB2    sing N N 92  
ASN CB    HB3    sing N N 93  
ASN CG    OD1    doub N N 94  
ASN CG    ND2    sing N N 95  
ASN ND2   HD21   sing N N 96  
ASN ND2   HD22   sing N N 97  
ASN OXT   HXT    sing N N 98  
ASP N     CA     sing N N 99  
ASP N     H      sing N N 100 
ASP N     H2     sing N N 101 
ASP CA    C      sing N N 102 
ASP CA    CB     sing N N 103 
ASP CA    HA     sing N N 104 
ASP C     O      doub N N 105 
ASP C     OXT    sing N N 106 
ASP CB    CG     sing N N 107 
ASP CB    HB2    sing N N 108 
ASP CB    HB3    sing N N 109 
ASP CG    OD1    doub N N 110 
ASP CG    OD2    sing N N 111 
ASP OD2   HD2    sing N N 112 
ASP OXT   HXT    sing N N 113 
CYS N     CA     sing N N 114 
CYS N     H      sing N N 115 
CYS N     H2     sing N N 116 
CYS CA    C      sing N N 117 
CYS CA    CB     sing N N 118 
CYS CA    HA     sing N N 119 
CYS C     O      doub N N 120 
CYS C     OXT    sing N N 121 
CYS CB    SG     sing N N 122 
CYS CB    HB2    sing N N 123 
CYS CB    HB3    sing N N 124 
CYS SG    HG     sing N N 125 
CYS OXT   HXT    sing N N 126 
GLU N     CA     sing N N 127 
GLU N     H      sing N N 128 
GLU N     H2     sing N N 129 
GLU CA    C      sing N N 130 
GLU CA    CB     sing N N 131 
GLU CA    HA     sing N N 132 
GLU C     O      doub N N 133 
GLU C     OXT    sing N N 134 
GLU CB    CG     sing N N 135 
GLU CB    HB2    sing N N 136 
GLU CB    HB3    sing N N 137 
GLU CG    CD     sing N N 138 
GLU CG    HG2    sing N N 139 
GLU CG    HG3    sing N N 140 
GLU CD    OE1    doub N N 141 
GLU CD    OE2    sing N N 142 
GLU OE2   HE2    sing N N 143 
GLU OXT   HXT    sing N N 144 
GLY N     CA     sing N N 145 
GLY N     H      sing N N 146 
GLY N     H2     sing N N 147 
GLY CA    C      sing N N 148 
GLY CA    HA2    sing N N 149 
GLY CA    HA3    sing N N 150 
GLY C     O      doub N N 151 
GLY C     OXT    sing N N 152 
GLY OXT   HXT    sing N N 153 
HIS N     CA     sing N N 154 
HIS N     H      sing N N 155 
HIS N     H2     sing N N 156 
HIS CA    C      sing N N 157 
HIS CA    CB     sing N N 158 
HIS CA    HA     sing N N 159 
HIS C     O      doub N N 160 
HIS C     OXT    sing N N 161 
HIS CB    CG     sing N N 162 
HIS CB    HB2    sing N N 163 
HIS CB    HB3    sing N N 164 
HIS CG    ND1    sing Y N 165 
HIS CG    CD2    doub Y N 166 
HIS ND1   CE1    doub Y N 167 
HIS ND1   HD1    sing N N 168 
HIS CD2   NE2    sing Y N 169 
HIS CD2   HD2    sing N N 170 
HIS CE1   NE2    sing Y N 171 
HIS CE1   HE1    sing N N 172 
HIS NE2   HE2    sing N N 173 
HIS OXT   HXT    sing N N 174 
HOH O     H1     sing N N 175 
HOH O     H2     sing N N 176 
ILE N     CA     sing N N 177 
ILE N     H      sing N N 178 
ILE N     H2     sing N N 179 
ILE CA    C      sing N N 180 
ILE CA    CB     sing N N 181 
ILE CA    HA     sing N N 182 
ILE C     O      doub N N 183 
ILE C     OXT    sing N N 184 
ILE CB    CG1    sing N N 185 
ILE CB    CG2    sing N N 186 
ILE CB    HB     sing N N 187 
ILE CG1   CD1    sing N N 188 
ILE CG1   HG12   sing N N 189 
ILE CG1   HG13   sing N N 190 
ILE CG2   HG21   sing N N 191 
ILE CG2   HG22   sing N N 192 
ILE CG2   HG23   sing N N 193 
ILE CD1   HD11   sing N N 194 
ILE CD1   HD12   sing N N 195 
ILE CD1   HD13   sing N N 196 
ILE OXT   HXT    sing N N 197 
LEU N     CA     sing N N 198 
LEU N     H      sing N N 199 
LEU N     H2     sing N N 200 
LEU CA    C      sing N N 201 
LEU CA    CB     sing N N 202 
LEU CA    HA     sing N N 203 
LEU C     O      doub N N 204 
LEU C     OXT    sing N N 205 
LEU CB    CG     sing N N 206 
LEU CB    HB2    sing N N 207 
LEU CB    HB3    sing N N 208 
LEU CG    CD1    sing N N 209 
LEU CG    CD2    sing N N 210 
LEU CG    HG     sing N N 211 
LEU CD1   HD11   sing N N 212 
LEU CD1   HD12   sing N N 213 
LEU CD1   HD13   sing N N 214 
LEU CD2   HD21   sing N N 215 
LEU CD2   HD22   sing N N 216 
LEU CD2   HD23   sing N N 217 
LEU OXT   HXT    sing N N 218 
LYS N     CA     sing N N 219 
LYS N     H      sing N N 220 
LYS N     H2     sing N N 221 
LYS CA    C      sing N N 222 
LYS CA    CB     sing N N 223 
LYS CA    HA     sing N N 224 
LYS C     O      doub N N 225 
LYS C     OXT    sing N N 226 
LYS CB    CG     sing N N 227 
LYS CB    HB2    sing N N 228 
LYS CB    HB3    sing N N 229 
LYS CG    CD     sing N N 230 
LYS CG    HG2    sing N N 231 
LYS CG    HG3    sing N N 232 
LYS CD    CE     sing N N 233 
LYS CD    HD2    sing N N 234 
LYS CD    HD3    sing N N 235 
LYS CE    NZ     sing N N 236 
LYS CE    HE2    sing N N 237 
LYS CE    HE3    sing N N 238 
LYS NZ    HZ1    sing N N 239 
LYS NZ    HZ2    sing N N 240 
LYS NZ    HZ3    sing N N 241 
LYS OXT   HXT    sing N N 242 
MET N     CA     sing N N 243 
MET N     H      sing N N 244 
MET N     H2     sing N N 245 
MET CA    C      sing N N 246 
MET CA    CB     sing N N 247 
MET CA    HA     sing N N 248 
MET C     O      doub N N 249 
MET C     OXT    sing N N 250 
MET CB    CG     sing N N 251 
MET CB    HB2    sing N N 252 
MET CB    HB3    sing N N 253 
MET CG    SD     sing N N 254 
MET CG    HG2    sing N N 255 
MET CG    HG3    sing N N 256 
MET SD    CE     sing N N 257 
MET CE    HE1    sing N N 258 
MET CE    HE2    sing N N 259 
MET CE    HE3    sing N N 260 
MET OXT   HXT    sing N N 261 
PHE N     CA     sing N N 262 
PHE N     H      sing N N 263 
PHE N     H2     sing N N 264 
PHE CA    C      sing N N 265 
PHE CA    CB     sing N N 266 
PHE CA    HA     sing N N 267 
PHE C     O      doub N N 268 
PHE C     OXT    sing N N 269 
PHE CB    CG     sing N N 270 
PHE CB    HB2    sing N N 271 
PHE CB    HB3    sing N N 272 
PHE CG    CD1    doub Y N 273 
PHE CG    CD2    sing Y N 274 
PHE CD1   CE1    sing Y N 275 
PHE CD1   HD1    sing N N 276 
PHE CD2   CE2    doub Y N 277 
PHE CD2   HD2    sing N N 278 
PHE CE1   CZ     doub Y N 279 
PHE CE1   HE1    sing N N 280 
PHE CE2   CZ     sing Y N 281 
PHE CE2   HE2    sing N N 282 
PHE CZ    HZ     sing N N 283 
PHE OXT   HXT    sing N N 284 
PRO N     CA     sing N N 285 
PRO N     CD     sing N N 286 
PRO N     H      sing N N 287 
PRO CA    C      sing N N 288 
PRO CA    CB     sing N N 289 
PRO CA    HA     sing N N 290 
PRO C     O      doub N N 291 
PRO C     OXT    sing N N 292 
PRO CB    CG     sing N N 293 
PRO CB    HB2    sing N N 294 
PRO CB    HB3    sing N N 295 
PRO CG    CD     sing N N 296 
PRO CG    HG2    sing N N 297 
PRO CG    HG3    sing N N 298 
PRO CD    HD2    sing N N 299 
PRO CD    HD3    sing N N 300 
PRO OXT   HXT    sing N N 301 
SER N     CA     sing N N 302 
SER N     H      sing N N 303 
SER N     H2     sing N N 304 
SER CA    C      sing N N 305 
SER CA    CB     sing N N 306 
SER CA    HA     sing N N 307 
SER C     O      doub N N 308 
SER C     OXT    sing N N 309 
SER CB    OG     sing N N 310 
SER CB    HB2    sing N N 311 
SER CB    HB3    sing N N 312 
SER OG    HG     sing N N 313 
SER OXT   HXT    sing N N 314 
THR N     CA     sing N N 315 
THR N     H      sing N N 316 
THR N     H2     sing N N 317 
THR CA    C      sing N N 318 
THR CA    CB     sing N N 319 
THR CA    HA     sing N N 320 
THR C     O      doub N N 321 
THR C     OXT    sing N N 322 
THR CB    OG1    sing N N 323 
THR CB    CG2    sing N N 324 
THR CB    HB     sing N N 325 
THR OG1   HG1    sing N N 326 
THR CG2   HG21   sing N N 327 
THR CG2   HG22   sing N N 328 
THR CG2   HG23   sing N N 329 
THR OXT   HXT    sing N N 330 
TRP N     CA     sing N N 331 
TRP N     H      sing N N 332 
TRP N     H2     sing N N 333 
TRP CA    C      sing N N 334 
TRP CA    CB     sing N N 335 
TRP CA    HA     sing N N 336 
TRP C     O      doub N N 337 
TRP C     OXT    sing N N 338 
TRP CB    CG     sing N N 339 
TRP CB    HB2    sing N N 340 
TRP CB    HB3    sing N N 341 
TRP CG    CD1    doub Y N 342 
TRP CG    CD2    sing Y N 343 
TRP CD1   NE1    sing Y N 344 
TRP CD1   HD1    sing N N 345 
TRP CD2   CE2    doub Y N 346 
TRP CD2   CE3    sing Y N 347 
TRP NE1   CE2    sing Y N 348 
TRP NE1   HE1    sing N N 349 
TRP CE2   CZ2    sing Y N 350 
TRP CE3   CZ3    doub Y N 351 
TRP CE3   HE3    sing N N 352 
TRP CZ2   CH2    doub Y N 353 
TRP CZ2   HZ2    sing N N 354 
TRP CZ3   CH2    sing Y N 355 
TRP CZ3   HZ3    sing N N 356 
TRP CH2   HH2    sing N N 357 
TRP OXT   HXT    sing N N 358 
TYR N     CA     sing N N 359 
TYR N     H      sing N N 360 
TYR N     H2     sing N N 361 
TYR CA    C      sing N N 362 
TYR CA    CB     sing N N 363 
TYR CA    HA     sing N N 364 
TYR C     O      doub N N 365 
TYR C     OXT    sing N N 366 
TYR CB    CG     sing N N 367 
TYR CB    HB2    sing N N 368 
TYR CB    HB3    sing N N 369 
TYR CG    CD1    doub Y N 370 
TYR CG    CD2    sing Y N 371 
TYR CD1   CE1    sing Y N 372 
TYR CD1   HD1    sing N N 373 
TYR CD2   CE2    doub Y N 374 
TYR CD2   HD2    sing N N 375 
TYR CE1   CZ     doub Y N 376 
TYR CE1   HE1    sing N N 377 
TYR CE2   CZ     sing Y N 378 
TYR CE2   HE2    sing N N 379 
TYR CZ    OH     sing N N 380 
TYR OH    HH     sing N N 381 
TYR OXT   HXT    sing N N 382 
VAL N     CA     sing N N 383 
VAL N     H      sing N N 384 
VAL N     H2     sing N N 385 
VAL CA    C      sing N N 386 
VAL CA    CB     sing N N 387 
VAL CA    HA     sing N N 388 
VAL C     O      doub N N 389 
VAL C     OXT    sing N N 390 
VAL CB    CG1    sing N N 391 
VAL CB    CG2    sing N N 392 
VAL CB    HB     sing N N 393 
VAL CG1   HG11   sing N N 394 
VAL CG1   HG12   sing N N 395 
VAL CG1   HG13   sing N N 396 
VAL CG2   HG21   sing N N 397 
VAL CG2   HG22   sing N N 398 
VAL CG2   HG23   sing N N 399 
VAL OXT   HXT    sing N N 400 
# 
_atom_sites.entry_id                    1UW1 
_atom_sites.fract_transf_matrix[1][1]   -0.00270576 
_atom_sites.fract_transf_matrix[1][2]   -0.01521556 
_atom_sites.fract_transf_matrix[1][3]   -0.00500853 
_atom_sites.fract_transf_matrix[2][1]   -0.00891096 
_atom_sites.fract_transf_matrix[2][2]   -0.00270666 
_atom_sites.fract_transf_matrix[2][3]   -0.01331170 
_atom_sites.fract_transf_matrix[3][1]   0.01506518 
_atom_sites.fract_transf_matrix[3][2]   0.00068654 
_atom_sites.fract_transf_matrix[3][3]   -0.01022435 
_atom_sites.fract_transf_vector[1]      0.444065 
_atom_sites.fract_transf_vector[2]      0.826034 
_atom_sites.fract_transf_vector[3]      0.081775 
# 
loop_
_atom_type.symbol 
C  
N  
O  
P  
S  
ZN 
# 
loop_
_atom_site.group_PDB 
_atom_site.id 
_atom_site.type_symbol 
_atom_site.label_atom_id 
_atom_site.label_alt_id 
_atom_site.label_comp_id 
_atom_site.label_asym_id 
_atom_site.label_entity_id 
_atom_site.label_seq_id 
_atom_site.pdbx_PDB_ins_code 
_atom_site.Cartn_x 
_atom_site.Cartn_y 
_atom_site.Cartn_z 
_atom_site.occupancy 
_atom_site.B_iso_or_equiv 
_atom_site.pdbx_formal_charge 
_atom_site.auth_seq_id 
_atom_site.auth_comp_id 
_atom_site.auth_asym_id 
_atom_site.auth_atom_id 
_atom_site.pdbx_PDB_model_num 
ATOM   1   N  N     . ASP A 1 9  ? 8.802   -6.611  -16.353 1.00 66.49 ? 7    ASP A N     1 
ATOM   2   C  CA    . ASP A 1 9  ? 9.387   -5.642  -17.333 1.00 66.53 ? 7    ASP A CA    1 
ATOM   3   C  C     . ASP A 1 9  ? 9.091   -4.179  -16.966 1.00 65.67 ? 7    ASP A C     1 
ATOM   4   O  O     . ASP A 1 9  ? 7.946   -3.726  -17.069 1.00 66.54 ? 7    ASP A O     1 
ATOM   5   C  CB    . ASP A 1 9  ? 8.893   -5.947  -18.757 1.00 67.11 ? 7    ASP A CB    1 
ATOM   6   C  CG    . ASP A 1 9  ? 9.887   -6.799  -19.555 1.00 68.78 ? 7    ASP A CG    1 
ATOM   7   O  OD1   . ASP A 1 9  ? 10.799  -6.217  -20.190 1.00 71.60 ? 7    ASP A OD1   1 
ATOM   8   O  OD2   . ASP A 1 9  ? 9.838   -8.052  -19.596 1.00 70.74 ? 7    ASP A OD2   1 
ATOM   9   N  N     . ASP A 1 10 ? 10.170  -3.473  -16.603 1.00 63.93 ? 8    ASP A N     1 
ATOM   10  C  CA    . ASP A 1 10 ? 10.231  -2.098  -16.057 1.00 62.36 ? 8    ASP A CA    1 
ATOM   11  C  C     . ASP A 1 10 ? 9.163   -1.026  -16.334 1.00 59.95 ? 8    ASP A C     1 
ATOM   12  O  O     . ASP A 1 10 ? 9.031   -0.100  -15.528 1.00 59.90 ? 8    ASP A O     1 
ATOM   13  C  CB    . ASP A 1 10 ? 11.603  -1.478  -16.407 1.00 63.05 ? 8    ASP A CB    1 
ATOM   14  C  CG    . ASP A 1 10 ? 12.757  -2.098  -15.611 1.00 65.13 ? 8    ASP A CG    1 
ATOM   15  O  OD1   . ASP A 1 10 ? 12.541  -2.531  -14.446 1.00 67.55 ? 8    ASP A OD1   1 
ATOM   16  O  OD2   . ASP A 1 10 ? 13.919  -2.196  -16.079 1.00 68.29 ? 8    ASP A OD2   1 
ATOM   17  N  N     . LYS A 1 11 ? 8.444   -1.076  -17.449 1.00 56.90 ? 9    LYS A N     1 
ATOM   18  C  CA    . LYS A 1 11 ? 7.306   -0.154  -17.610 1.00 54.62 ? 9    LYS A CA    1 
ATOM   19  C  C     . LYS A 1 11 ? 6.167   -0.442  -16.605 1.00 51.31 ? 9    LYS A C     1 
ATOM   20  O  O     . LYS A 1 11 ? 5.473   0.475   -16.163 1.00 50.22 ? 9    LYS A O     1 
ATOM   21  C  CB    . LYS A 1 11 ? 6.762   -0.092  -19.050 1.00 55.02 ? 9    LYS A CB    1 
ATOM   22  C  CG    . LYS A 1 11 ? 6.904   -1.346  -19.924 1.00 58.35 ? 9    LYS A CG    1 
ATOM   23  C  CD    . LYS A 1 11 ? 7.819   -1.123  -21.156 1.00 60.30 ? 9    LYS A CD    1 
ATOM   24  C  CE    . LYS A 1 11 ? 9.228   -1.718  -20.956 1.00 61.36 ? 9    LYS A CE    1 
ATOM   25  N  NZ    . LYS A 1 11 ? 9.256   -3.217  -20.892 1.00 62.22 ? 9    LYS A NZ    1 
ATOM   26  N  N     . LYS A 1 12 ? 5.977   -1.718  -16.271 1.00 47.66 ? 10   LYS A N     1 
ATOM   27  C  CA    . LYS A 1 12 ? 5.001   -2.130  -15.265 1.00 45.06 ? 10   LYS A CA    1 
ATOM   28  C  C     . LYS A 1 12 ? 5.374   -1.539  -13.920 1.00 42.89 ? 10   LYS A C     1 
ATOM   29  O  O     . LYS A 1 12 ? 4.567   -0.931  -13.274 1.00 41.33 ? 10   LYS A O     1 
ATOM   30  C  CB    . LYS A 1 12 ? 4.951   -3.659  -15.157 1.00 44.46 ? 10   LYS A CB    1 
ATOM   31  C  CG    . LYS A 1 12 ? 4.209   -4.198  -13.951 1.00 43.57 ? 10   LYS A CG    1 
ATOM   32  C  CD    . LYS A 1 12 ? 2.769   -3.690  -13.847 1.00 40.55 ? 10   LYS A CD    1 
ATOM   33  C  CE    . LYS A 1 12 ? 1.775   -4.701  -14.271 1.00 38.03 ? 10   LYS A CE    1 
ATOM   34  N  NZ    . LYS A 1 12 ? 1.454   -5.691  -13.222 1.00 39.17 ? 10   LYS A NZ    1 
ATOM   35  N  N     . THR A 1 13 ? 6.620   -1.737  -13.520 1.00 41.68 ? 11   THR A N     1 
ATOM   36  C  CA    . THR A 1 13 ? 7.131   -1.176  -12.271 1.00 41.40 ? 11   THR A CA    1 
ATOM   37  C  C     . THR A 1 13 ? 6.946   0.332   -12.168 1.00 38.97 ? 11   THR A C     1 
ATOM   38  O  O     . THR A 1 13 ? 6.682   0.844   -11.100 1.00 39.42 ? 11   THR A O     1 
ATOM   39  C  CB    . THR A 1 13 ? 8.611   -1.460  -12.125 1.00 41.70 ? 11   THR A CB    1 
ATOM   40  O  OG1   . THR A 1 13 ? 9.284   -0.954  -13.272 1.00 45.66 ? 11   THR A OG1   1 
ATOM   41  C  CG2   . THR A 1 13 ? 8.918   -2.957  -12.117 1.00 43.18 ? 11   THR A CG2   1 
ATOM   42  N  N     . ASN A 1 14 ? 7.095   1.032   -13.269 1.00 37.29 ? 12   ASN A N     1 
ATOM   43  C  CA    . ASN A 1 14 ? 6.878   2.470   -13.299 1.00 36.45 ? 12   ASN A CA    1 
ATOM   44  C  C     . ASN A 1 14 ? 5.418   2.830   -13.035 1.00 33.59 ? 12   ASN A C     1 
ATOM   45  O  O     . ASN A 1 14 ? 5.141   3.821   -12.394 1.00 32.79 ? 12   ASN A O     1 
ATOM   46  C  CB    . ASN A 1 14 ? 7.311   3.083   -14.636 1.00 37.56 ? 12   ASN A CB    1 
ATOM   47  C  CG    . ASN A 1 14 ? 8.824   3.269   -14.749 1.00 42.99 ? 12   ASN A CG    1 
ATOM   48  O  OD1   . ASN A 1 14 ? 9.571   3.131   -13.766 1.00 51.48 ? 12   ASN A OD1   1 
ATOM   49  N  ND2   . ASN A 1 14 ? 9.287   3.590   -15.966 1.00 48.22 ? 12   ASN A ND2   1 
ATOM   50  N  N     . TRP A 1 15 ? 4.486   2.029   -13.552 1.00 30.51 ? 13   TRP A N     1 
ATOM   51  C  CA    . TRP A 1 15 ? 3.089   2.198   -13.240 1.00 28.44 ? 13   TRP A CA    1 
ATOM   52  C  C     . TRP A 1 15 ? 2.821   1.966   -11.760 1.00 25.84 ? 13   TRP A C     1 
ATOM   53  O  O     . TRP A 1 15 ? 2.075   2.673   -11.177 1.00 26.74 ? 13   TRP A O     1 
ATOM   54  C  CB    . TRP A 1 15 ? 2.215   1.290   -14.105 1.00 28.85 ? 13   TRP A CB    1 
ATOM   55  C  CG    . TRP A 1 15 ? 1.877   1.990   -15.345 1.00 30.62 ? 13   TRP A CG    1 
ATOM   56  C  CD1   . TRP A 1 15 ? 2.380   1.747   -16.575 1.00 31.53 ? 13   TRP A CD1   1 
ATOM   57  C  CD2   . TRP A 1 15 ? 1.064   3.126   -15.459 1.00 32.77 ? 13   TRP A CD2   1 
ATOM   58  N  NE1   . TRP A 1 15 ? 1.883   2.648   -17.469 1.00 31.99 ? 13   TRP A NE1   1 
ATOM   59  C  CE2   . TRP A 1 15 ? 1.085   3.524   -16.808 1.00 33.99 ? 13   TRP A CE2   1 
ATOM   60  C  CE3   . TRP A 1 15 ? 0.305   3.870   -14.553 1.00 35.56 ? 13   TRP A CE3   1 
ATOM   61  C  CZ2   . TRP A 1 15 ? 0.367   4.613   -17.282 1.00 36.82 ? 13   TRP A CZ2   1 
ATOM   62  C  CZ3   . TRP A 1 15 ? -0.419  4.955   -15.024 1.00 38.50 ? 13   TRP A CZ3   1 
ATOM   63  C  CH2   . TRP A 1 15 ? -0.397  5.306   -16.378 1.00 39.20 ? 13   TRP A CH2   1 
ATOM   64  N  N     . LEU A 1 16 ? 3.404   0.938   -11.185 1.00 25.08 ? 14   LEU A N     1 
ATOM   65  C  CA    . LEU A 1 16 ? 3.195   0.632   -9.797  1.00 24.11 ? 14   LEU A CA    1 
ATOM   66  C  C     . LEU A 1 16 ? 3.715   1.770   -8.939  1.00 22.97 ? 14   LEU A C     1 
ATOM   67  O  O     . LEU A 1 16 ? 3.087   2.120   -7.980  1.00 22.79 ? 14   LEU A O     1 
ATOM   68  C  CB    . LEU A 1 16 ? 3.857   -0.687  -9.442  1.00 24.00 ? 14   LEU A CB    1 
ATOM   69  C  CG    . LEU A 1 16 ? 3.263   -1.910  -10.124 1.00 25.03 ? 14   LEU A CG    1 
ATOM   70  C  CD1   . LEU A 1 16 ? 3.955   -3.170  -9.624  1.00 27.77 ? 14   LEU A CD1   1 
ATOM   71  C  CD2   . LEU A 1 16 ? 1.768   -1.981  -10.015 1.00 25.17 ? 14   LEU A CD2   1 
ATOM   72  N  N     . LYS A 1 17 ? 4.819   2.392   -9.344  1.00 24.43 ? 15   LYS A N     1 
ATOM   73  C  CA    . LYS A 1 17 ? 5.349   3.575   -8.661  1.00 25.46 ? 15   LYS A CA    1 
ATOM   74  C  C     . LYS A 1 17 ? 4.421   4.774   -8.763  1.00 24.40 ? 15   LYS A C     1 
ATOM   75  O  O     . LYS A 1 17 ? 4.236   5.499   -7.791  1.00 23.16 ? 15   LYS A O     1 
ATOM   76  C  CB    . LYS A 1 17 ? 6.757   3.913   -9.146  1.00 27.18 ? 15   LYS A CB    1 
ATOM   77  C  CG    . LYS A 1 17 ? 7.760   2.857   -8.767  1.00 31.52 ? 15   LYS A CG    1 
ATOM   78  C  CD    . LYS A 1 17 ? 9.200   3.264   -9.093  1.00 41.45 ? 15   LYS A CD    1 
ATOM   79  C  CE    . LYS A 1 17 ? 10.190  2.221   -8.543  1.00 44.66 ? 15   LYS A CE    1 
ATOM   80  N  NZ    . LYS A 1 17 ? 10.054  2.111   -7.017  1.00 49.23 ? 15   LYS A NZ    1 
ATOM   81  N  N     . ARG A 1 18 ? 3.777   4.958   -9.909  1.00 25.47 ? 16   ARG A N     1 
ATOM   82  C  CA    . ARG A 1 18 ? 2.780   6.010   -10.054 1.00 25.25 ? 16   ARG A CA    1 
ATOM   83  C  C     . ARG A 1 18 ? 1.556   5.777   -9.177  1.00 24.38 ? 16   ARG A C     1 
ATOM   84  O  O     . ARG A 1 18 ? 1.099   6.681   -8.519  1.00 23.77 ? 16   ARG A O     1 
ATOM   85  C  CB    . ARG A 1 18 ? 2.333   6.172   -11.489 1.00 27.43 ? 16   ARG A CB    1 
ATOM   86  C  CG    . ARG A 1 18 ? 3.368   6.790   -12.374 1.00 32.60 ? 16   ARG A CG    1 
ATOM   87  C  CD    . ARG A 1 18 ? 2.855   7.104   -13.806 1.00 40.66 ? 16   ARG A CD    1 
ATOM   88  N  NE    . ARG A 1 18 ? 3.982   7.417   -14.702 1.00 46.43 ? 16   ARG A NE    1 
ATOM   89  C  CZ    . ARG A 1 18 ? 4.458   6.623   -15.671 1.00 51.67 ? 16   ARG A CZ    1 
ATOM   90  N  NH1   . ARG A 1 18 ? 3.927   5.426   -15.923 1.00 52.98 ? 16   ARG A NH1   1 
ATOM   91  N  NH2   . ARG A 1 18 ? 5.500   7.032   -16.399 1.00 53.45 ? 16   ARG A NH2   1 
ATOM   92  N  N     . ILE A 1 19 ? 1.013   4.571   -9.220  1.00 23.65 ? 17   ILE A N     1 
ATOM   93  C  CA    . ILE A 1 19 ? -0.150  4.195   -8.432  1.00 22.27 ? 17   ILE A CA    1 
ATOM   94  C  C     . ILE A 1 19 ? 0.159   4.392   -6.936  1.00 22.11 ? 17   ILE A C     1 
ATOM   95  O  O     . ILE A 1 19 ? -0.639  4.914   -6.232  1.00 24.49 ? 17   ILE A O     1 
ATOM   96  C  CB    . ILE A 1 19 ? -0.535  2.748   -8.719  1.00 21.36 ? 17   ILE A CB    1 
ATOM   97  C  CG1   . ILE A 1 19 ? -1.080  2.609   -10.162 1.00 21.55 ? 17   ILE A CG1   1 
ATOM   98  C  CG2   . ILE A 1 19 ? -1.566  2.226   -7.764  1.00 20.45 ? 17   ILE A CG2   1 
ATOM   99  C  CD1   . ILE A 1 19 ? -0.871  1.212   -10.715 1.00 25.09 ? 17   ILE A CD1   1 
ATOM   100 N  N     . TYR A 1 20 ? 1.315   3.957   -6.482  1.00 22.90 ? 18   TYR A N     1 
ATOM   101 C  CA    . TYR A 1 20 ? 1.703   4.104   -5.079  1.00 22.30 ? 18   TYR A CA    1 
ATOM   102 C  C     . TYR A 1 20 ? 1.756   5.580   -4.671  1.00 23.81 ? 18   TYR A C     1 
ATOM   103 O  O     . TYR A 1 20 ? 1.257   5.989   -3.630  1.00 24.41 ? 18   TYR A O     1 
ATOM   104 C  CB    . TYR A 1 20 ? 3.048   3.485   -4.832  1.00 20.75 ? 18   TYR A CB    1 
ATOM   105 C  CG    . TYR A 1 20 ? 3.513   3.653   -3.390  1.00 16.25 ? 18   TYR A CG    1 
ATOM   106 C  CD1   . TYR A 1 20 ? 3.022   2.827   -2.384  1.00 18.87 ? 18   TYR A CD1   1 
ATOM   107 C  CD2   . TYR A 1 20 ? 4.406   4.640   -3.043  1.00 18.40 ? 18   TYR A CD2   1 
ATOM   108 C  CE1   . TYR A 1 20 ? 3.454   2.976   -1.017  1.00 18.15 ? 18   TYR A CE1   1 
ATOM   109 C  CE2   . TYR A 1 20 ? 4.819   4.836   -1.726  1.00 19.20 ? 18   TYR A CE2   1 
ATOM   110 C  CZ    . TYR A 1 20 ? 4.339   3.995   -0.715  1.00 14.58 ? 18   TYR A CZ    1 
ATOM   111 O  OH    . TYR A 1 20 ? 4.749   4.191   0.550   1.00 22.09 ? 18   TYR A OH    1 
ATOM   112 N  N     . ARG A 1 21 ? 2.372   6.377   -5.507  1.00 26.00 ? 19   ARG A N     1 
ATOM   113 C  CA    . ARG A 1 21 ? 2.590   7.814   -5.228  1.00 28.56 ? 19   ARG A CA    1 
ATOM   114 C  C     . ARG A 1 21 ? 1.295   8.611   -5.139  1.00 28.43 ? 19   ARG A C     1 
ATOM   115 O  O     . ARG A 1 21 ? 1.133   9.487   -4.313  1.00 29.21 ? 19   ARG A O     1 
ATOM   116 C  CB    . ARG A 1 21 ? 3.461   8.376   -6.357  1.00 29.85 ? 19   ARG A CB    1 
ATOM   117 C  CG    . ARG A 1 21 ? 4.178   9.655   -6.079  1.00 37.32 ? 19   ARG A CG    1 
ATOM   118 C  CD    . ARG A 1 21 ? 5.380   9.896   -6.993  1.00 44.45 ? 19   ARG A CD    1 
ATOM   119 N  NE    . ARG A 1 21 ? 6.158   8.664   -7.241  1.00 51.56 ? 19   ARG A NE    1 
ATOM   120 C  CZ    . ARG A 1 21 ? 7.487   8.530   -7.063  1.00 55.92 ? 19   ARG A CZ    1 
ATOM   121 N  NH1   . ARG A 1 21 ? 8.242   9.551   -6.629  1.00 58.19 ? 19   ARG A NH1   1 
ATOM   122 N  NH2   . ARG A 1 21 ? 8.074   7.360   -7.338  1.00 55.89 ? 19   ARG A NH2   1 
ATOM   123 N  N     . VAL A 1 22 ? 0.334   8.282   -5.969  1.00 27.93 ? 20   VAL A N     1 
ATOM   124 C  CA    . VAL A 1 22 ? -0.902  9.038   -5.974  1.00 27.57 ? 20   VAL A CA    1 
ATOM   125 C  C     . VAL A 1 22 ? -1.931  8.619   -4.931  1.00 27.02 ? 20   VAL A C     1 
ATOM   126 O  O     . VAL A 1 22 ? -3.017  9.196   -4.922  1.00 27.15 ? 20   VAL A O     1 
ATOM   127 C  CB    . VAL A 1 22 ? -1.565  9.055   -7.341  1.00 27.08 ? 20   VAL A CB    1 
ATOM   128 C  CG1   . VAL A 1 22 ? -0.547  9.530   -8.357  1.00 31.64 ? 20   VAL A CG1   1 
ATOM   129 C  CG2   . VAL A 1 22 ? -2.159  7.710   -7.699  1.00 28.47 ? 20   VAL A CG2   1 
ATOM   130 N  N     . ARG A 1 23 ? -1.604  7.643   -4.070  1.00 24.50 ? 21   ARG A N     1 
ATOM   131 C  CA    . ARG A 1 23 ? -2.532  7.166   -3.043  1.00 23.66 ? 21   ARG A CA    1 
ATOM   132 C  C     . ARG A 1 23 ? -2.016  7.355   -1.628  1.00 22.95 ? 21   ARG A C     1 
ATOM   133 O  O     . ARG A 1 23 ? -1.447  6.450   -1.077  1.00 23.19 ? 21   ARG A O     1 
ATOM   134 C  CB    . ARG A 1 23 ? -2.818  5.694   -3.225  1.00 22.52 ? 21   ARG A CB    1 
ATOM   135 C  CG    . ARG A 1 23 ? -3.507  5.334   -4.482  1.00 22.71 ? 21   ARG A CG    1 
ATOM   136 C  CD    . ARG A 1 23 ? -3.436  3.865   -4.728  1.00 22.75 ? 21   ARG A CD    1 
ATOM   137 N  NE    . ARG A 1 23 ? -4.475  3.153   -4.034  1.00 22.99 ? 21   ARG A NE    1 
ATOM   138 C  CZ    . ARG A 1 23 ? -4.503  1.871   -3.804  1.00 20.83 ? 21   ARG A CZ    1 
ATOM   139 N  NH1   . ARG A 1 23 ? -3.493  1.103   -4.158  1.00 25.35 ? 21   ARG A NH1   1 
ATOM   140 N  NH2   . ARG A 1 23 ? -5.585  1.355   -3.253  1.00 20.58 ? 21   ARG A NH2   1 
ATOM   141 N  N     . PRO A 1 24 ? -2.218  8.516   -1.035  1.00 22.87 ? 22   PRO A N     1 
ATOM   142 C  CA    . PRO A 1 24 ? -1.836  8.720   0.349   1.00 22.78 ? 22   PRO A CA    1 
ATOM   143 C  C     . PRO A 1 24 ? -2.653  7.810   1.261   1.00 21.79 ? 22   PRO A C     1 
ATOM   144 O  O     . PRO A 1 24 ? -3.705  7.282   0.867   1.00 20.66 ? 22   PRO A O     1 
ATOM   145 C  CB    . PRO A 1 24 ? -2.214  10.180  0.606   1.00 23.05 ? 22   PRO A CB    1 
ATOM   146 C  CG    . PRO A 1 24 ? -2.363  10.754  -0.705  1.00 24.36 ? 22   PRO A CG    1 
ATOM   147 C  CD    . PRO A 1 24 ? -2.856  9.714   -1.598  1.00 23.54 ? 22   PRO A CD    1 
ATOM   148 N  N     . CYS A 1 25 ? -2.133  7.621   2.472   1.00 22.06 ? 23   CYS A N     1 
ATOM   149 C  CA    . CYS A 1 25 ? -2.785  6.890   3.536   1.00 21.45 ? 23   CYS A CA    1 
ATOM   150 C  C     . CYS A 1 25 ? -4.239  7.324   3.645   1.00 22.69 ? 23   CYS A C     1 
ATOM   151 O  O     . CYS A 1 25 ? -4.530  8.514   3.636   1.00 22.96 ? 23   CYS A O     1 
ATOM   152 C  CB    . CYS A 1 25 ? -2.055  7.193   4.846   1.00 22.64 ? 23   CYS A CB    1 
ATOM   153 S  SG    . CYS A 1 25 ? -2.877  6.632   6.298   1.00 22.52 ? 23   CYS A SG    1 
ATOM   154 N  N     . VAL A 1 26 ? -5.143  6.365   3.771   1.00 23.53 ? 24   VAL A N     1 
ATOM   155 C  CA    . VAL A 1 26 ? -6.570  6.642   3.792   1.00 23.20 ? 24   VAL A CA    1 
ATOM   156 C  C     . VAL A 1 26 ? -7.026  7.349   5.100   1.00 24.07 ? 24   VAL A C     1 
ATOM   157 O  O     . VAL A 1 26 ? -8.058  7.976   5.119   1.00 21.60 ? 24   VAL A O     1 
ATOM   158 C  CB    . VAL A 1 26 ? -7.433  5.367   3.602   1.00 22.65 ? 24   VAL A CB    1 
ATOM   159 C  CG1   . VAL A 1 26 ? -7.145  4.687   2.326   1.00 27.54 ? 24   VAL A CG1   1 
ATOM   160 C  CG2   . VAL A 1 26 ? -7.302  4.395   4.778   1.00 22.77 ? 24   VAL A CG2   1 
ATOM   161 N  N     . LYS A 1 27 ? -6.228  7.258   6.156   1.00 22.71 ? 25   LYS A N     1 
ATOM   162 C  CA    . LYS A 1 27 ? -6.544  7.838   7.412   1.00 23.70 ? 25   LYS A CA    1 
ATOM   163 C  C     . LYS A 1 27 ? -6.034  9.261   7.563   1.00 24.44 ? 25   LYS A C     1 
ATOM   164 O  O     . LYS A 1 27 ? -6.820  10.169  7.829   1.00 26.46 ? 25   LYS A O     1 
ATOM   165 C  CB    . LYS A 1 27 ? -6.000  6.937   8.527   1.00 23.45 ? 25   LYS A CB    1 
ATOM   166 C  CG    . LYS A 1 27 ? -6.378  7.331   9.929   1.00 23.29 ? 25   LYS A CG    1 
ATOM   167 C  CD    . LYS A 1 27 ? -7.833  7.141   10.204  1.00 24.64 ? 25   LYS A CD    1 
ATOM   168 C  CE    . LYS A 1 27 ? -8.311  7.946   11.358  1.00 24.87 ? 25   LYS A CE    1 
ATOM   169 N  NZ    . LYS A 1 27 ? -9.756  7.794   11.610  1.00 21.77 ? 25   LYS A NZ    1 
ATOM   170 N  N     . CYS A 1 28 ? -4.728  9.458   7.468   1.00 25.30 ? 26   CYS A N     1 
ATOM   171 C  CA    . CYS A 1 28 ? -4.146  10.782  7.657   1.00 24.93 ? 26   CYS A CA    1 
ATOM   172 C  C     . CYS A 1 28 ? -4.115  11.602  6.378   1.00 25.60 ? 26   CYS A C     1 
ATOM   173 O  O     . CYS A 1 28 ? -3.863  12.806  6.437   1.00 23.90 ? 26   CYS A O     1 
ATOM   174 C  CB    . CYS A 1 28 ? -2.730  10.723  8.225   1.00 24.96 ? 26   CYS A CB    1 
ATOM   175 S  SG    . CYS A 1 28 ? -1.413  10.087  7.137   1.00 22.43 ? 26   CYS A SG    1 
ATOM   176 N  N     . LYS A 1 29 ? -4.344  10.942  5.246   1.00 26.07 ? 27   LYS A N     1 
ATOM   177 C  CA    . LYS A 1 29 ? -4.419  11.580  3.940   1.00 27.84 ? 27   LYS A CA    1 
ATOM   178 C  C     . LYS A 1 29 ? -3.168  12.347  3.472   1.00 28.18 ? 27   LYS A C     1 
ATOM   179 O  O     . LYS A 1 29 ? -3.213  13.030  2.475   1.00 29.82 ? 27   LYS A O     1 
ATOM   180 C  CB    . LYS A 1 29 ? -5.652  12.486  3.890   1.00 29.23 ? 27   LYS A CB    1 
ATOM   181 C  CG    . LYS A 1 29 ? -6.836  11.909  4.612   1.00 31.18 ? 27   LYS A CG    1 
ATOM   182 C  CD    . LYS A 1 29 ? -8.111  11.970  3.875   1.00 38.63 ? 27   LYS A CD    1 
ATOM   183 C  CE    . LYS A 1 29 ? -9.250  11.465  4.762   1.00 40.65 ? 27   LYS A CE    1 
ATOM   184 N  NZ    . LYS A 1 29 ? -10.444 12.357  4.610   1.00 46.67 ? 27   LYS A NZ    1 
ATOM   185 N  N     . VAL A 1 30 ? -2.053  12.203  4.157   1.00 28.43 ? 28   VAL A N     1 
ATOM   186 C  CA    . VAL A 1 30 ? -0.819  12.876  3.793   1.00 28.87 ? 28   VAL A CA    1 
ATOM   187 C  C     . VAL A 1 30 ? 0.322   11.889  3.537   1.00 28.00 ? 28   VAL A C     1 
ATOM   188 O  O     . VAL A 1 30 ? 0.942   11.907  2.474   1.00 29.31 ? 28   VAL A O     1 
ATOM   189 C  CB    . VAL A 1 30 ? -0.393  13.861  4.887   1.00 29.40 ? 28   VAL A CB    1 
ATOM   190 C  CG1   . VAL A 1 30 ? 0.979   14.390  4.621   1.00 32.67 ? 28   VAL A CG1   1 
ATOM   191 C  CG2   . VAL A 1 30 ? -1.401  15.010  4.946   1.00 31.21 ? 28   VAL A CG2   1 
ATOM   192 N  N     . ALA A 1 31 ? 0.579   11.003  4.475   1.00 25.56 ? 29   ALA A N     1 
ATOM   193 C  CA    . ALA A 1 31 ? 1.723   10.103  4.379   1.00 24.36 ? 29   ALA A CA    1 
ATOM   194 C  C     . ALA A 1 31 ? 1.501   9.051   3.310   1.00 23.25 ? 29   ALA A C     1 
ATOM   195 O  O     . ALA A 1 31 ? 0.360   8.699   3.003   1.00 22.18 ? 29   ALA A O     1 
ATOM   196 C  CB    . ALA A 1 31 ? 1.987   9.453   5.759   1.00 24.79 ? 29   ALA A CB    1 
ATOM   197 N  N     . PRO A 1 32 ? 2.575   8.527   2.727   1.00 22.09 ? 30   PRO A N     1 
ATOM   198 C  CA    . PRO A 1 32 ? 2.454   7.376   1.830   1.00 21.42 ? 30   PRO A CA    1 
ATOM   199 C  C     . PRO A 1 32 ? 2.090   6.133   2.585   1.00 19.89 ? 30   PRO A C     1 
ATOM   200 O  O     . PRO A 1 32 ? 2.272   6.057   3.802   1.00 21.18 ? 30   PRO A O     1 
ATOM   201 C  CB    . PRO A 1 32 ? 3.855   7.268   1.197   1.00 21.55 ? 30   PRO A CB    1 
ATOM   202 C  CG    . PRO A 1 32 ? 4.606   8.368   1.686   1.00 21.92 ? 30   PRO A CG    1 
ATOM   203 C  CD    . PRO A 1 32 ? 3.967   8.983   2.823   1.00 22.63 ? 30   PRO A CD    1 
ATOM   204 N  N     . ARG A 1 33 ? 1.520   5.163   1.880   1.00 18.78 ? 31   ARG A N     1 
ATOM   205 C  CA    . ARG A 1 33 ? 1.115   3.905   2.457   1.00 17.85 ? 31   ARG A CA    1 
ATOM   206 C  C     . ARG A 1 33 ? 2.266   2.952   2.812   1.00 17.86 ? 31   ARG A C     1 
ATOM   207 O  O     . ARG A 1 33 ? 3.317   2.963   2.190   1.00 17.04 ? 31   ARG A O     1 
ATOM   208 C  CB    . ARG A 1 33 ? 0.114   3.198   1.523   1.00 17.60 ? 31   ARG A CB    1 
ATOM   209 C  CG    . ARG A 1 33 ? -1.132  4.004   1.288   1.00 19.02 ? 31   ARG A CG    1 
ATOM   210 C  CD    . ARG A 1 33 ? -2.048  3.500   0.194   1.00 17.70 ? 31   ARG A CD    1 
ATOM   211 N  NE    . ARG A 1 33 ? -3.222  4.336   0.098   1.00 22.71 ? 31   ARG A NE    1 
ATOM   212 C  CZ    . ARG A 1 33 ? -4.475  3.909   -0.094  1.00 21.60 ? 31   ARG A CZ    1 
ATOM   213 N  NH1   . ARG A 1 33 ? -4.742  2.649   -0.298  1.00 25.75 ? 31   ARG A NH1   1 
ATOM   214 N  NH2   . ARG A 1 33 ? -5.434  4.770   -0.183  1.00 22.88 ? 31   ARG A NH2   1 
ATOM   215 N  N     . ASN A 1 34 ? 2.048   2.105   3.818   1.00 19.29 ? 32   ASN A N     1 
ATOM   216 C  CA    . ASN A 1 34 ? 2.934   1.013   4.030   1.00 17.14 ? 32   ASN A CA    1 
ATOM   217 C  C     . ASN A 1 34 ? 2.699   0.015   2.918   1.00 18.32 ? 32   ASN A C     1 
ATOM   218 O  O     . ASN A 1 34 ? 1.651   0.019   2.265   1.00 19.80 ? 32   ASN A O     1 
ATOM   219 C  CB    . ASN A 1 34 ? 2.752   0.387   5.372   1.00 18.40 ? 32   ASN A CB    1 
ATOM   220 C  CG    . ASN A 1 34 ? 3.918   -0.468  5.773   1.00 19.95 ? 32   ASN A CG    1 
ATOM   221 O  OD1   . ASN A 1 34 ? 5.072   -0.214  5.385   1.00 21.93 ? 32   ASN A OD1   1 
ATOM   222 N  ND2   . ASN A 1 34 ? 3.643   -1.450  6.597   1.00 23.94 ? 32   ASN A ND2   1 
ATOM   223 N  N     . TRP A 1 35 ? 3.703   -0.809  2.714   1.00 18.96 ? 33   TRP A N     1 
ATOM   224 C  CA    . TRP A 1 35 ? 3.744   -1.799  1.656   1.00 19.82 ? 33   TRP A CA    1 
ATOM   225 C  C     . TRP A 1 35 ? 4.739   -2.890  1.999   1.00 20.21 ? 33   TRP A C     1 
ATOM   226 O  O     . TRP A 1 35 ? 5.529   -2.767  2.903   1.00 21.02 ? 33   TRP A O     1 
ATOM   227 C  CB    . TRP A 1 35 ? 4.147   -1.115  0.356   1.00 19.43 ? 33   TRP A CB    1 
ATOM   228 C  CG    . TRP A 1 35 ? 5.493   -0.459  0.438   1.00 19.13 ? 33   TRP A CG    1 
ATOM   229 C  CD1   . TRP A 1 35 ? 5.791   0.777   0.951   1.00 18.03 ? 33   TRP A CD1   1 
ATOM   230 C  CD2   . TRP A 1 35 ? 6.719   -1.020  0.008   1.00 18.40 ? 33   TRP A CD2   1 
ATOM   231 N  NE1   . TRP A 1 35 ? 7.135   1.000   0.904   1.00 19.64 ? 33   TRP A NE1   1 
ATOM   232 C  CE2   . TRP A 1 35 ? 7.740   -0.079  0.304   1.00 19.54 ? 33   TRP A CE2   1 
ATOM   233 C  CE3   . TRP A 1 35 ? 7.074   -2.233  -0.557  1.00 16.26 ? 33   TRP A CE3   1 
ATOM   234 C  CZ2   . TRP A 1 35 ? 9.060   -0.305  0.023   1.00 17.32 ? 33   TRP A CZ2   1 
ATOM   235 C  CZ3   . TRP A 1 35 ? 8.440   -2.463  -0.871  1.00 18.85 ? 33   TRP A CZ3   1 
ATOM   236 C  CH2   . TRP A 1 35 ? 9.407   -1.492  -0.549  1.00 19.51 ? 33   TRP A CH2   1 
ATOM   237 N  N     . LYS A 1 36 ? 4.689   -3.993  1.277   1.00 21.96 ? 34   LYS A N     1 
ATOM   238 C  CA    . LYS A 1 36 ? 5.688   -4.992  1.408   1.00 23.11 ? 34   LYS A CA    1 
ATOM   239 C  C     . LYS A 1 36 ? 5.741   -5.791  0.120   1.00 25.09 ? 34   LYS A C     1 
ATOM   240 O  O     . LYS A 1 36 ? 4.792   -5.794  -0.620  1.00 24.74 ? 34   LYS A O     1 
ATOM   241 C  CB    . LYS A 1 36 ? 5.430   -5.909  2.613   1.00 24.26 ? 34   LYS A CB    1 
ATOM   242 C  CG    . LYS A 1 36 ? 4.413   -6.991  2.451   1.00 26.12 ? 34   LYS A CG    1 
ATOM   243 C  CD    . LYS A 1 36 ? 4.442   -8.008  3.600   1.00 29.76 ? 34   LYS A CD    1 
ATOM   244 C  CE    . LYS A 1 36 ? 3.229   -8.958  3.495   1.00 34.35 ? 34   LYS A CE    1 
ATOM   245 N  NZ    . LYS A 1 36 ? 2.972   -9.919  4.661   1.00 35.90 ? 34   LYS A NZ    1 
ATOM   246 N  N     . VAL A 1 37 ? 6.858   -6.456  -0.120  1.00 26.02 ? 35   VAL A N     1 
ATOM   247 C  CA    . VAL A 1 37 ? 7.014   -7.330  -1.271  1.00 29.31 ? 35   VAL A CA    1 
ATOM   248 C  C     . VAL A 1 37 ? 6.781   -8.717  -0.775  1.00 31.46 ? 35   VAL A C     1 
ATOM   249 O  O     . VAL A 1 37 ? 7.406   -9.146  0.189   1.00 30.33 ? 35   VAL A O     1 
ATOM   250 C  CB    . VAL A 1 37 ? 8.417   -7.212  -1.923  1.00 29.53 ? 35   VAL A CB    1 
ATOM   251 C  CG1   . VAL A 1 37 ? 8.665   -8.341  -2.880  1.00 33.04 ? 35   VAL A CG1   1 
ATOM   252 C  CG2   . VAL A 1 37 ? 8.503   -5.926  -2.677  1.00 30.67 ? 35   VAL A CG2   1 
ATOM   253 N  N     . LYS A 1 38 ? 5.821   -9.397  -1.391  1.00 34.34 ? 36   LYS A N     1 
ATOM   254 C  CA    . LYS A 1 38 ? 5.591   -10.797 -1.100  1.00 37.81 ? 36   LYS A CA    1 
ATOM   255 C  C     . LYS A 1 38 ? 5.574   -11.639 -2.357  1.00 38.43 ? 36   LYS A C     1 
ATOM   256 O  O     . LYS A 1 38 ? 4.633   -11.600 -3.151  1.00 38.54 ? 36   LYS A O     1 
ATOM   257 C  CB    . LYS A 1 38 ? 4.354   -11.010 -0.246  1.00 38.90 ? 36   LYS A CB    1 
ATOM   258 C  CG    . LYS A 1 38 ? 3.043   -10.467 -0.740  1.00 43.35 ? 36   LYS A CG    1 
ATOM   259 C  CD    . LYS A 1 38 ? 1.965   -10.693 0.346   1.00 48.16 ? 36   LYS A CD    1 
ATOM   260 C  CE    . LYS A 1 38 ? 1.690   -12.175 0.664   1.00 50.35 ? 36   LYS A CE    1 
ATOM   261 N  NZ    . LYS A 1 38 ? 1.712   -12.486 2.145   1.00 53.00 ? 36   LYS A NZ    1 
ATOM   262 N  N     . ASN A 1 39 ? 6.645   -12.416 -2.475  1.00 38.96 ? 37   ASN A N     1 
ATOM   263 C  CA    . ASN A 1 39 ? 6.963   -13.242 -3.615  1.00 40.10 ? 37   ASN A CA    1 
ATOM   264 C  C     . ASN A 1 39 ? 7.032   -12.399 -4.890  1.00 38.76 ? 37   ASN A C     1 
ATOM   265 O  O     . ASN A 1 39 ? 7.953   -11.584 -5.029  1.00 41.20 ? 37   ASN A O     1 
ATOM   266 C  CB    . ASN A 1 39 ? 6.152   -14.581 -3.729  1.00 40.87 ? 37   ASN A CB    1 
ATOM   267 C  CG    . ASN A 1 39 ? 4.823   -14.604 -2.951  1.00 46.13 ? 37   ASN A CG    1 
ATOM   268 O  OD1   . ASN A 1 39 ? 4.633   -13.902 -1.950  1.00 53.44 ? 37   ASN A OD1   1 
ATOM   269 N  ND2   . ASN A 1 39 ? 3.895   -15.467 -3.406  1.00 51.04 ? 37   ASN A ND2   1 
ATOM   270 N  N     . LYS A 1 40 ? 6.085   -12.559 -5.797  1.00 36.04 ? 38   LYS A N     1 
ATOM   271 C  CA    . LYS A 1 40 ? 6.108   -11.830 -7.039  1.00 34.33 ? 38   LYS A CA    1 
ATOM   272 C  C     . LYS A 1 40 ? 5.153   -10.616 -7.006  1.00 31.59 ? 38   LYS A C     1 
ATOM   273 O  O     . LYS A 1 40 ? 4.940   -9.979  -8.026  1.00 30.65 ? 38   LYS A O     1 
ATOM   274 C  CB    . LYS A 1 40 ? 5.750   -12.803 -8.167  1.00 35.67 ? 38   LYS A CB    1 
ATOM   275 C  CG    . LYS A 1 40 ? 6.828   -13.913 -8.348  1.00 40.07 ? 38   LYS A CG    1 
ATOM   276 C  CD    . LYS A 1 40 ? 6.422   -15.010 -9.329  1.00 44.84 ? 38   LYS A CD    1 
ATOM   277 C  CE    . LYS A 1 40 ? 7.341   -16.243 -9.206  1.00 46.92 ? 38   LYS A CE    1 
ATOM   278 N  NZ    . LYS A 1 40 ? 8.724   -15.987 -9.745  1.00 50.10 ? 38   LYS A NZ    1 
ATOM   279 N  N     . HIS A 1 41 ? 4.614   -10.286 -5.826  1.00 28.77 ? 39   HIS A N     1 
ATOM   280 C  CA    . HIS A 1 41 ? 3.624   -9.215  -5.700  1.00 26.53 ? 39   HIS A CA    1 
ATOM   281 C  C     . HIS A 1 41 ? 4.084   -8.129  -4.778  1.00 24.12 ? 39   HIS A C     1 
ATOM   282 O  O     . HIS A 1 41 ? 4.871   -8.347  -3.879  1.00 24.25 ? 39   HIS A O     1 
ATOM   283 C  CB    . HIS A 1 41 ? 2.264   -9.736  -5.239  1.00 26.78 ? 39   HIS A CB    1 
ATOM   284 C  CG    . HIS A 1 41 ? 1.636   -10.683 -6.197  1.00 27.00 ? 39   HIS A CG    1 
ATOM   285 N  ND1   . HIS A 1 41 ? 2.166   -11.927 -6.449  1.00 32.03 ? 39   HIS A ND1   1 
ATOM   286 C  CD2   . HIS A 1 41 ? 0.580   -10.547 -7.023  1.00 25.85 ? 39   HIS A CD2   1 
ATOM   287 C  CE1   . HIS A 1 41 ? 1.451   -12.523 -7.388  1.00 31.90 ? 39   HIS A CE1   1 
ATOM   288 N  NE2   . HIS A 1 41 ? 0.471   -11.715 -7.734  1.00 28.96 ? 39   HIS A NE2   1 
ATOM   289 N  N     . LEU A 1 42 ? 3.586   -6.943  -5.052  1.00 22.36 ? 40   LEU A N     1 
ATOM   290 C  CA    . LEU A 1 42 ? 3.675   -5.803  -4.194  1.00 22.04 ? 40   LEU A CA    1 
ATOM   291 C  C     . LEU A 1 42 ? 2.331   -5.655  -3.487  1.00 21.40 ? 40   LEU A C     1 
ATOM   292 O  O     . LEU A 1 42 ? 1.291   -5.563  -4.123  1.00 22.54 ? 40   LEU A O     1 
ATOM   293 C  CB    . LEU A 1 42 ? 3.952   -4.567  -5.017  1.00 22.11 ? 40   LEU A CB    1 
ATOM   294 C  CG    . LEU A 1 42 ? 3.721   -3.198  -4.362  1.00 22.10 ? 40   LEU A CG    1 
ATOM   295 C  CD1   . LEU A 1 42 ? 4.729   -2.900  -3.323  1.00 21.76 ? 40   LEU A CD1   1 
ATOM   296 C  CD2   . LEU A 1 42 ? 3.742   -2.144  -5.460  1.00 25.03 ? 40   LEU A CD2   1 
ATOM   297 N  N     . ARG A 1 43 ? 2.363   -5.669  -2.161  1.00 20.69 ? 41   ARG A N     1 
ATOM   298 C  CA    . ARG A 1 43 ? 1.176   -5.402  -1.325  1.00 18.42 ? 41   ARG A CA    1 
ATOM   299 C  C     . ARG A 1 43 ? 1.200   -3.990  -0.850  1.00 18.04 ? 41   ARG A C     1 
ATOM   300 O  O     . ARG A 1 43 ? 2.133   -3.601  -0.188  1.00 19.47 ? 41   ARG A O     1 
ATOM   301 C  CB    . ARG A 1 43 ? 1.148   -6.336  -0.119  1.00 18.21 ? 41   ARG A CB    1 
ATOM   302 C  CG    . ARG A 1 43 ? -0.001  -6.120  0.819   1.00 18.34 ? 41   ARG A CG    1 
ATOM   303 C  CD    . ARG A 1 43 ? -0.296  -7.262  1.745   1.00 22.16 ? 41   ARG A CD    1 
ATOM   304 N  NE    . ARG A 1 43 ? -0.852  -8.371  1.006   1.00 21.98 ? 41   ARG A NE    1 
ATOM   305 C  CZ    . ARG A 1 43 ? -1.177  -9.539  1.533   1.00 25.31 ? 41   ARG A CZ    1 
ATOM   306 N  NH1   . ARG A 1 43 ? -0.977  -9.770  2.794   1.00 28.80 ? 41   ARG A NH1   1 
ATOM   307 N  NH2   . ARG A 1 43 ? -1.664  -10.499 0.762   1.00 29.82 ? 41   ARG A NH2   1 
ATOM   308 N  N     . ILE A 1 44 ? 0.210   -3.191  -1.244  1.00 18.06 ? 42   ILE A N     1 
ATOM   309 C  CA    . ILE A 1 44 ? 0.066   -1.830  -0.765  1.00 18.32 ? 42   ILE A CA    1 
ATOM   310 C  C     . ILE A 1 44 ? -1.070  -1.842  0.259   1.00 17.84 ? 42   ILE A C     1 
ATOM   311 O  O     . ILE A 1 44 ? -2.180  -2.209  -0.046  1.00 18.98 ? 42   ILE A O     1 
ATOM   312 C  CB    . ILE A 1 44 ? -0.278  -0.877  -1.914  1.00 18.38 ? 42   ILE A CB    1 
ATOM   313 C  CG1   . ILE A 1 44 ? 0.774   -0.952  -3.041  1.00 19.23 ? 42   ILE A CG1   1 
ATOM   314 C  CG2   . ILE A 1 44 ? -0.387  0.571   -1.443  1.00 17.23 ? 42   ILE A CG2   1 
ATOM   315 C  CD1   . ILE A 1 44 ? 0.406   -0.106  -4.201  1.00 21.78 ? 42   ILE A CD1   1 
ATOM   316 N  N     . TYR A 1 45 ? -0.759  -1.499  1.496   1.00 19.41 ? 43   TYR A N     1 
ATOM   317 C  CA    . TYR A 1 45 ? -1.760  -1.415  2.556   1.00 18.06 ? 43   TYR A CA    1 
ATOM   318 C  C     . TYR A 1 45 ? -2.489  -0.113  2.525   1.00 19.44 ? 43   TYR A C     1 
ATOM   319 O  O     . TYR A 1 45 ? -2.015  0.848   1.928   1.00 20.15 ? 43   TYR A O     1 
ATOM   320 C  CB    . TYR A 1 45 ? -1.096  -1.602  3.912   1.00 18.89 ? 43   TYR A CB    1 
ATOM   321 C  CG    . TYR A 1 45 ? -0.404  -2.924  4.112   1.00 18.72 ? 43   TYR A CG    1 
ATOM   322 C  CD1   . TYR A 1 45 ? -1.119  -4.059  4.456   1.00 21.94 ? 43   TYR A CD1   1 
ATOM   323 C  CD2   . TYR A 1 45 ? 0.961   -3.013  4.053   1.00 19.05 ? 43   TYR A CD2   1 
ATOM   324 C  CE1   . TYR A 1 45 ? -0.484  -5.237  4.695   1.00 23.16 ? 43   TYR A CE1   1 
ATOM   325 C  CE2   . TYR A 1 45 ? 1.586   -4.167  4.255   1.00 21.66 ? 43   TYR A CE2   1 
ATOM   326 C  CZ    . TYR A 1 45 ? 0.885   -5.290  4.556   1.00 22.84 ? 43   TYR A CZ    1 
ATOM   327 O  OH    . TYR A 1 45 ? 1.579   -6.459  4.736   1.00 24.88 ? 43   TYR A OH    1 
ATOM   328 N  N     . ASN A 1 46 ? -3.629  -0.022  3.240   1.00 20.04 ? 44   ASN A N     1 
ATOM   329 C  CA    . ASN A 1 46 ? -4.473  1.156   3.108   1.00 18.92 ? 44   ASN A CA    1 
ATOM   330 C  C     . ASN A 1 46 ? -3.869  2.345   3.870   1.00 19.04 ? 44   ASN A C     1 
ATOM   331 O  O     . ASN A 1 46 ? -4.124  3.471   3.546   1.00 20.04 ? 44   ASN A O     1 
ATOM   332 C  CB    . ASN A 1 46 ? -5.904  0.935   3.595   1.00 19.36 ? 44   ASN A CB    1 
ATOM   333 C  CG    . ASN A 1 46 ? -6.753  0.024   2.706   1.00 21.12 ? 44   ASN A CG    1 
ATOM   334 O  OD1   . ASN A 1 46 ? -6.464  -0.221  1.536   1.00 26.54 ? 44   ASN A OD1   1 
ATOM   335 N  ND2   . ASN A 1 46 ? -7.802  -0.505  3.295   1.00 20.65 ? 44   ASN A ND2   1 
ATOM   336 N  N     . MET A 1 47 ? -3.091  2.077   4.890   1.00 19.11 ? 45   MET A N     1 
ATOM   337 C  CA    . MET A 1 47 ? -2.565  3.122   5.757   1.00 20.41 ? 45   MET A CA    1 
ATOM   338 C  C     . MET A 1 47 ? -1.080  3.097   5.855   1.00 19.61 ? 45   MET A C     1 
ATOM   339 O  O     . MET A 1 47 ? -0.454  2.107   5.582   1.00 21.00 ? 45   MET A O     1 
ATOM   340 C  CB    . MET A 1 47 ? -3.110  3.023   7.183   1.00 19.56 ? 45   MET A CB    1 
ATOM   341 C  CG    . MET A 1 47 ? -4.596  3.311   7.329   1.00 20.18 ? 45   MET A CG    1 
ATOM   342 S  SD    . MET A 1 47 ? -5.192  3.190   9.031   1.00 22.12 ? 45   MET A SD    1 
ATOM   343 C  CE    . MET A 1 47 ? -5.304  1.459   9.157   1.00 16.65 ? 45   MET A CE    1 
ATOM   344 N  N     . CYS A 1 48 ? -0.529  4.220   6.319   1.00 19.45 ? 46   CYS A N     1 
ATOM   345 C  CA    . CYS A 1 48 ? 0.885   4.331   6.630   1.00 19.39 ? 46   CYS A CA    1 
ATOM   346 C  C     . CYS A 1 48 ? 1.120   3.542   7.904   1.00 20.10 ? 46   CYS A C     1 
ATOM   347 O  O     . CYS A 1 48 ? 0.164   3.054   8.497   1.00 20.11 ? 46   CYS A O     1 
ATOM   348 C  CB    . CYS A 1 48 ? 1.293   5.787   6.837   1.00 19.42 ? 46   CYS A CB    1 
ATOM   349 S  SG    . CYS A 1 48 ? 0.675   6.657   8.245   1.00 20.53 ? 46   CYS A SG    1 
ATOM   350 N  N     . LYS A 1 49 ? 2.382   3.336   8.255   1.00 20.65 ? 47   LYS A N     1 
ATOM   351 C  CA    . LYS A 1 49 ? 2.719   2.537   9.421   1.00 21.49 ? 47   LYS A CA    1 
ATOM   352 C  C     . LYS A 1 49 ? 2.229   3.219   10.731  1.00 20.65 ? 47   LYS A C     1 
ATOM   353 O  O     . LYS A 1 49 ? 1.670   2.569   11.585  1.00 19.11 ? 47   LYS A O     1 
ATOM   354 C  CB    . LYS A 1 49 ? 4.196   2.238   9.464   1.00 21.74 ? 47   LYS A CB    1 
ATOM   355 C  CG    . LYS A 1 49 ? 4.619   1.398   10.690  1.00 27.00 ? 47   LYS A CG    1 
ATOM   356 C  CD    . LYS A 1 49 ? 4.056   0.006   10.648  1.00 32.03 ? 47   LYS A CD    1 
ATOM   357 C  CE    . LYS A 1 49 ? 4.820   -0.859  11.643  1.00 37.02 ? 47   LYS A CE    1 
ATOM   358 N  NZ    . LYS A 1 49 ? 4.714   -2.289  11.350  1.00 40.49 ? 47   LYS A NZ    1 
ATOM   359 N  N     . THR A 1 50 ? 2.366   4.530   10.821  1.00 19.59 ? 48   THR A N     1 
ATOM   360 C  CA    . THR A 1 50 ? 1.927   5.269   11.995  1.00 21.21 ? 48   THR A CA    1 
ATOM   361 C  C     . THR A 1 50 ? 0.433   5.111   12.240  1.00 19.09 ? 48   THR A C     1 
ATOM   362 O  O     . THR A 1 50 ? 0.015   4.790   13.330  1.00 22.24 ? 48   THR A O     1 
ATOM   363 C  CB    . THR A 1 50 ? 2.251   6.742   11.845  1.00 21.29 ? 48   THR A CB    1 
ATOM   364 O  OG1   . THR A 1 50 ? 3.651   6.889   11.746  1.00 23.85 ? 48   THR A OG1   1 
ATOM   365 C  CG2   . THR A 1 50 ? 1.822   7.533   13.101  1.00 24.65 ? 48   THR A CG2   1 
ATOM   366 N  N     . CYS A 1 51 ? -0.369  5.356   11.236  1.00 18.81 ? 49   CYS A N     1 
ATOM   367 C  CA    . CYS A 1 51 ? -1.833  5.231   11.351  1.00 19.58 ? 49   CYS A CA    1 
ATOM   368 C  C     . CYS A 1 51 ? -2.298  3.772   11.623  1.00 18.63 ? 49   CYS A C     1 
ATOM   369 O  O     . CYS A 1 51 ? -3.154  3.530   12.464  1.00 21.17 ? 49   CYS A O     1 
ATOM   370 C  CB    . CYS A 1 51 ? -2.510  5.851   10.110  1.00 17.89 ? 49   CYS A CB    1 
ATOM   371 S  SG    . CYS A 1 51 ? -2.404  7.653   10.105  1.00 21.33 ? 49   CYS A SG    1 
ATOM   372 N  N     . PHE A 1 52 ? -1.678  2.792   10.967  1.00 19.97 ? 50   PHE A N     1 
ATOM   373 C  CA    . PHE A 1 52 ? -1.970  1.403   11.256  1.00 18.58 ? 50   PHE A CA    1 
ATOM   374 C  C     . PHE A 1 52 ? -1.646  1.051   12.698  1.00 19.81 ? 50   PHE A C     1 
ATOM   375 O  O     . PHE A 1 52 ? -2.508  0.499   13.376  1.00 19.49 ? 50   PHE A O     1 
ATOM   376 C  CB    . PHE A 1 52 ? -1.272  0.463   10.297  1.00 20.69 ? 50   PHE A CB    1 
ATOM   377 C  CG    . PHE A 1 52 ? -1.514  -0.998  10.606  1.00 18.48 ? 50   PHE A CG    1 
ATOM   378 C  CD1   . PHE A 1 52 ? -2.750  -1.566  10.381  1.00 22.98 ? 50   PHE A CD1   1 
ATOM   379 C  CD2   . PHE A 1 52 ? -0.513  -1.764  11.157  1.00 20.47 ? 50   PHE A CD2   1 
ATOM   380 C  CE1   . PHE A 1 52 ? -2.976  -2.918  10.697  1.00 20.78 ? 50   PHE A CE1   1 
ATOM   381 C  CE2   . PHE A 1 52 ? -0.722  -3.087  11.449  1.00 23.54 ? 50   PHE A CE2   1 
ATOM   382 C  CZ    . PHE A 1 52 ? -1.981  -3.649  11.238  1.00 23.58 ? 50   PHE A CZ    1 
ATOM   383 N  N     . ASN A 1 53 ? -0.464  1.390   13.209  1.00 21.34 ? 51   ASN A N     1 
ATOM   384 C  CA    . ASN A 1 53 ? -0.188  1.075   14.602  1.00 21.94 ? 51   ASN A CA    1 
ATOM   385 C  C     . ASN A 1 53 ? -1.224  1.774   15.523  1.00 20.93 ? 51   ASN A C     1 
ATOM   386 O  O     . ASN A 1 53 ? -1.673  1.213   16.473  1.00 20.92 ? 51   ASN A O     1 
ATOM   387 C  CB    . ASN A 1 53 ? 1.191   1.490   15.011  1.00 23.60 ? 51   ASN A CB    1 
ATOM   388 C  CG    . ASN A 1 53 ? 2.299   0.560   14.476  1.00 24.95 ? 51   ASN A CG    1 
ATOM   389 O  OD1   . ASN A 1 53 ? 2.062   -0.558  14.068  1.00 27.17 ? 51   ASN A OD1   1 
ATOM   390 N  ND2   . ASN A 1 53 ? 3.479   1.064   14.485  1.00 26.17 ? 51   ASN A ND2   1 
ATOM   391 N  N     . ASN A 1 54 ? -1.553  3.026   15.231  1.00 22.13 ? 52   ASN A N     1 
ATOM   392 C  CA    . ASN A 1 54 ? -2.592  3.797   15.978  1.00 19.93 ? 52   ASN A CA    1 
ATOM   393 C  C     . ASN A 1 54 ? -3.946  3.135   15.905  1.00 20.26 ? 52   ASN A C     1 
ATOM   394 O  O     . ASN A 1 54 ? -4.624  3.072   16.904  1.00 21.27 ? 52   ASN A O     1 
ATOM   395 C  CB    . ASN A 1 54 ? -2.602  5.255   15.507  1.00 22.57 ? 52   ASN A CB    1 
ATOM   396 C  CG    . ASN A 1 54 ? -3.673  6.086   16.154  1.00 18.73 ? 52   ASN A CG    1 
ATOM   397 O  OD1   . ASN A 1 54 ? -3.566  6.499   17.338  1.00 21.88 ? 52   ASN A OD1   1 
ATOM   398 N  ND2   . ASN A 1 54 ? -4.731  6.272   15.433  1.00 16.18 ? 52   ASN A ND2   1 
ATOM   399 N  N     . SER A 1 55 ? -4.336  2.550   14.751  1.00 19.17 ? 53   SER A N     1 
ATOM   400 C  CA    . SER A 1 55 ? -5.606  1.895   14.627  1.00 19.46 ? 53   SER A CA    1 
ATOM   401 C  C     . SER A 1 55 ? -5.744  0.731   15.575  1.00 19.03 ? 53   SER A C     1 
ATOM   402 O  O     . SER A 1 55 ? -6.811  0.477   16.047  1.00 19.08 ? 53   SER A O     1 
ATOM   403 C  CB    . SER A 1 55 ? -5.917  1.417   13.196  1.00 19.87 ? 53   SER A CB    1 
ATOM   404 O  OG    . SER A 1 55 ? -5.064  0.354   12.812  1.00 19.57 ? 53   SER A OG    1 
ATOM   405 N  N     . ILE A 1 56 ? -4.653  0.051   15.866  1.00 21.78 ? 54   ILE A N     1 
ATOM   406 C  CA    . ILE A 1 56 ? -4.689  -1.034  16.844  1.00 22.75 ? 54   ILE A CA    1 
ATOM   407 C  C     . ILE A 1 56 ? -4.879  -0.522  18.277  1.00 22.04 ? 54   ILE A C     1 
ATOM   408 O  O     . ILE A 1 56 ? -5.658  -1.069  19.039  1.00 21.93 ? 54   ILE A O     1 
ATOM   409 C  CB    . ILE A 1 56 ? -3.391  -1.855  16.745  1.00 22.85 ? 54   ILE A CB    1 
ATOM   410 C  CG1   . ILE A 1 56 ? -3.235  -2.439  15.329  1.00 24.80 ? 54   ILE A CG1   1 
ATOM   411 C  CG2   . ILE A 1 56 ? -3.393  -2.984  17.794  1.00 25.32 ? 54   ILE A CG2   1 
ATOM   412 C  CD1   . ILE A 1 56 ? -4.284  -3.371  14.969  1.00 28.14 ? 54   ILE A CD1   1 
ATOM   413 N  N     . ASP A 1 57 ? -4.180  0.546   18.598  1.00 21.97 ? 55   ASP A N     1 
ATOM   414 C  CA    . ASP A 1 57 ? -4.262  1.166   19.883  1.00 23.22 ? 55   ASP A CA    1 
ATOM   415 C  C     . ASP A 1 57 ? -5.664  1.727   20.160  1.00 22.67 ? 55   ASP A C     1 
ATOM   416 O  O     . ASP A 1 57 ? -6.092  1.748   21.328  1.00 23.09 ? 55   ASP A O     1 
ATOM   417 C  CB    . ASP A 1 57 ? -3.293  2.328   19.973  1.00 24.68 ? 55   ASP A CB    1 
ATOM   418 C  CG    . ASP A 1 57 ? -1.823  1.924   19.949  1.00 28.49 ? 55   ASP A CG    1 
ATOM   419 O  OD1   . ASP A 1 57 ? -1.471  0.768   20.230  1.00 31.60 ? 55   ASP A OD1   1 
ATOM   420 O  OD2   . ASP A 1 57 ? -0.955  2.791   19.660  1.00 34.38 ? 55   ASP A OD2   1 
ATOM   421 N  N     . ILE A 1 58 ? -6.363  2.248   19.130  1.00 20.54 ? 56   ILE A N     1 
ATOM   422 C  CA    . ILE A 1 58 ? -7.703  2.815   19.365  1.00 20.76 ? 56   ILE A CA    1 
ATOM   423 C  C     . ILE A 1 58 ? -8.860  1.838   19.208  1.00 21.04 ? 56   ILE A C     1 
ATOM   424 O  O     . ILE A 1 58 ? -9.972  2.144   19.519  1.00 23.72 ? 56   ILE A O     1 
ATOM   425 C  CB    . ILE A 1 58 ? -7.946  4.065   18.522  1.00 20.23 ? 56   ILE A CB    1 
ATOM   426 C  CG1   . ILE A 1 58 ? -8.125  3.673   17.049  1.00 19.70 ? 56   ILE A CG1   1 
ATOM   427 C  CG2   . ILE A 1 58 ? -6.810  5.086   18.734  1.00 19.40 ? 56   ILE A CG2   1 
ATOM   428 C  CD1   . ILE A 1 58 ? -8.180  4.819   16.131  1.00 22.05 ? 56   ILE A CD1   1 
ATOM   429 N  N     . GLY A 1 59 ? -8.588  0.673   18.662  1.00 23.49 ? 57   GLY A N     1 
ATOM   430 C  CA    . GLY A 1 59 ? -9.573  -0.343  18.421  1.00 22.02 ? 57   GLY A CA    1 
ATOM   431 C  C     . GLY A 1 59 ? -10.404 -0.144  17.193  1.00 22.27 ? 57   GLY A C     1 
ATOM   432 O  O     . GLY A 1 59 ? -11.559 -0.492  17.197  1.00 23.78 ? 57   GLY A O     1 
ATOM   433 N  N     . ASP A 1 60 ? -9.819  0.340   16.102  1.00 23.65 ? 58   ASP A N     1 
ATOM   434 C  CA    . ASP A 1 60 ? -10.548 0.472   14.850  1.00 22.27 ? 58   ASP A CA    1 
ATOM   435 C  C     . ASP A 1 60 ? -9.897  -0.290  13.732  1.00 23.81 ? 58   ASP A C     1 
ATOM   436 O  O     . ASP A 1 60 ? -8.749  0.012   13.273  1.00 23.89 ? 58   ASP A O     1 
ATOM   437 C  CB    . ASP A 1 60 ? -10.609 1.923   14.485  1.00 22.50 ? 58   ASP A CB    1 
ATOM   438 C  CG    . ASP A 1 60 ? -11.686 2.264   13.489  1.00 20.05 ? 58   ASP A CG    1 
ATOM   439 O  OD1   . ASP A 1 60 ? -12.416 1.394   12.996  1.00 24.07 ? 58   ASP A OD1   1 
ATOM   440 O  OD2   . ASP A 1 60 ? -11.823 3.442   13.071  1.00 24.39 ? 58   ASP A OD2   1 
ATOM   441 N  N     . ASP A 1 61 ? -10.679 -1.202  13.185  1.00 25.38 ? 59   ASP A N     1 
ATOM   442 C  CA    . ASP A 1 61 ? -10.265 -1.932  11.993  1.00 25.63 ? 59   ASP A CA    1 
ATOM   443 C  C     . ASP A 1 61 ? -10.919 -1.423  10.711  1.00 25.05 ? 59   ASP A C     1 
ATOM   444 O  O     . ASP A 1 61 ? -10.767 -2.024  9.671   1.00 24.66 ? 59   ASP A O     1 
ATOM   445 C  CB    . ASP A 1 61 ? -10.472 -3.446  12.206  1.00 27.03 ? 59   ASP A CB    1 
ATOM   446 C  CG    . ASP A 1 61 ? -11.884 -3.837  12.284  1.00 29.64 ? 59   ASP A CG    1 
ATOM   447 O  OD1   . ASP A 1 61 ? -12.811 -3.001  12.075  1.00 34.27 ? 59   ASP A OD1   1 
ATOM   448 O  OD2   . ASP A 1 61 ? -12.169 -5.008  12.586  1.00 38.53 ? 59   ASP A OD2   1 
ATOM   449 N  N     . THR A 1 62 ? -11.590 -0.278  10.769  1.00 24.66 ? 60   THR A N     1 
ATOM   450 C  CA    . THR A 1 62 ? -12.317 0.241   9.640   1.00 24.95 ? 60   THR A CA    1 
ATOM   451 C  C     . THR A 1 62 ? -11.440 0.381   8.403   1.00 25.32 ? 60   THR A C     1 
ATOM   452 O  O     . THR A 1 62 ? -11.863 0.062   7.326   1.00 24.21 ? 60   THR A O     1 
ATOM   453 C  CB    . THR A 1 62 ? -12.949 1.580   9.978   1.00 25.44 ? 60   THR A CB    1 
ATOM   454 O  OG1   . THR A 1 62 ? -13.962 1.401   10.968  1.00 25.92 ? 60   THR A OG1   1 
ATOM   455 C  CG2   . THR A 1 62 ? -13.675 2.154   8.800   1.00 28.43 ? 60   THR A CG2   1 
ATOM   456 N  N     . TYR A 1 63 ? -10.221 0.893   8.577   1.00 25.17 ? 61   TYR A N     1 
ATOM   457 C  CA    . TYR A 1 63 ? -9.335  1.150   7.465   1.00 24.95 ? 61   TYR A CA    1 
ATOM   458 C  C     . TYR A 1 63 ? -8.288  0.078   7.229   1.00 23.68 ? 61   TYR A C     1 
ATOM   459 O  O     . TYR A 1 63 ? -7.371  0.274   6.397   1.00 24.66 ? 61   TYR A O     1 
ATOM   460 C  CB    . TYR A 1 63 ? -8.682  2.545   7.655   1.00 25.45 ? 61   TYR A CB    1 
ATOM   461 C  CG    . TYR A 1 63 ? -9.743  3.586   7.796   1.00 24.34 ? 61   TYR A CG    1 
ATOM   462 C  CD1   . TYR A 1 63 ? -10.446 4.008   6.692   1.00 28.55 ? 61   TYR A CD1   1 
ATOM   463 C  CD2   . TYR A 1 63 ? -10.140 4.064   9.067   1.00 28.23 ? 61   TYR A CD2   1 
ATOM   464 C  CE1   . TYR A 1 63 ? -11.483 4.923   6.814   1.00 27.67 ? 61   TYR A CE1   1 
ATOM   465 C  CE2   . TYR A 1 63 ? -11.171 4.957   9.208   1.00 27.06 ? 61   TYR A CE2   1 
ATOM   466 C  CZ    . TYR A 1 63 ? -11.834 5.391   8.060   1.00 31.16 ? 61   TYR A CZ    1 
ATOM   467 O  OH    . TYR A 1 63 ? -12.867 6.272   8.152   1.00 34.65 ? 61   TYR A OH    1 
ATOM   468 N  N     . HIS A 1 64 ? -8.437  -1.069  7.855   1.00 22.67 ? 62   HIS A N     1 
ATOM   469 C  CA    . HIS A 1 64 ? -7.555  -2.206  7.569   1.00 22.55 ? 62   HIS A CA    1 
ATOM   470 C  C     . HIS A 1 64 ? -7.824  -2.757  6.183   1.00 23.60 ? 62   HIS A C     1 
ATOM   471 O  O     . HIS A 1 64 ? -8.963  -2.822  5.759   1.00 24.65 ? 62   HIS A O     1 
ATOM   472 C  CB    . HIS A 1 64 ? -7.721  -3.300  8.575   1.00 22.96 ? 62   HIS A CB    1 
ATOM   473 C  CG    . HIS A 1 64 ? -7.204  -2.945  9.924   1.00 22.44 ? 62   HIS A CG    1 
ATOM   474 N  ND1   . HIS A 1 64 ? -7.074  -3.854  10.945  1.00 25.18 ? 62   HIS A ND1   1 
ATOM   475 C  CD2   . HIS A 1 64 ? -6.762  -1.770  10.408  1.00 22.91 ? 62   HIS A CD2   1 
ATOM   476 C  CE1   . HIS A 1 64 ? -6.563  -3.249  12.004  1.00 26.19 ? 62   HIS A CE1   1 
ATOM   477 N  NE2   . HIS A 1 64 ? -6.405  -1.971  11.713  1.00 21.12 ? 62   HIS A NE2   1 
ATOM   478 N  N     . GLY A 1 65 ? -6.765  -3.137  5.475   1.00 24.38 ? 63   GLY A N     1 
ATOM   479 C  CA    . GLY A 1 65 ? -6.902  -3.675  4.140   1.00 23.60 ? 63   GLY A CA    1 
ATOM   480 C  C     . GLY A 1 65 ? -5.698  -3.402  3.286   1.00 21.81 ? 63   GLY A C     1 
ATOM   481 O  O     . GLY A 1 65 ? -4.811  -2.683  3.655   1.00 20.76 ? 63   GLY A O     1 
ATOM   482 N  N     . HIS A 1 66 ? -5.733  -3.936  2.088   1.00 21.40 ? 64   HIS A N     1 
ATOM   483 C  CA    . HIS A 1 66 ? -4.637  -3.841  1.150   1.00 21.25 ? 64   HIS A CA    1 
ATOM   484 C  C     . HIS A 1 66 ? -5.048  -4.274  -0.215  1.00 22.01 ? 64   HIS A C     1 
ATOM   485 O  O     . HIS A 1 66 ? -6.115  -4.848  -0.386  1.00 22.20 ? 64   HIS A O     1 
ATOM   486 C  CB    . HIS A 1 66 ? -3.476  -4.751  1.584   1.00 21.66 ? 64   HIS A CB    1 
ATOM   487 C  CG    . HIS A 1 66 ? -3.826  -6.202  1.652   1.00 22.92 ? 64   HIS A CG    1 
ATOM   488 N  ND1   . HIS A 1 66 ? -4.088  -6.846  2.843   1.00 27.13 ? 64   HIS A ND1   1 
ATOM   489 C  CD2   . HIS A 1 66 ? -3.947  -7.139  0.687   1.00 24.33 ? 64   HIS A CD2   1 
ATOM   490 C  CE1   . HIS A 1 66 ? -4.356  -8.116  2.601   1.00 27.02 ? 64   HIS A CE1   1 
ATOM   491 N  NE2   . HIS A 1 66 ? -4.276  -8.318  1.301   1.00 24.08 ? 64   HIS A NE2   1 
ATOM   492 N  N     . ASP A 1 67 ? -4.169  -4.010  -1.181  1.00 22.76 ? 65   ASP A N     1 
ATOM   493 C  CA    . ASP A 1 67 ? -4.290  -4.571  -2.534  1.00 22.28 ? 65   ASP A CA    1 
ATOM   494 C  C     . ASP A 1 67 ? -2.927  -5.016  -3.027  1.00 21.24 ? 65   ASP A C     1 
ATOM   495 O  O     . ASP A 1 67 ? -1.900  -4.417  -2.740  1.00 21.69 ? 65   ASP A O     1 
ATOM   496 C  CB    . ASP A 1 67 ? -5.011  -3.644  -3.529  1.00 22.32 ? 65   ASP A CB    1 
ATOM   497 C  CG    . ASP A 1 67 ? -4.754  -2.194  -3.297  1.00 23.71 ? 65   ASP A CG    1 
ATOM   498 O  OD1   . ASP A 1 67 ? -3.664  -1.697  -3.668  1.00 24.26 ? 65   ASP A OD1   1 
ATOM   499 O  OD2   . ASP A 1 67 ? -5.629  -1.443  -2.809  1.00 28.07 ? 65   ASP A OD2   1 
ATOM   500 N  N     . ASP A 1 68 ? -2.928  -6.125  -3.732  1.00 21.44 ? 66   ASP A N     1 
ATOM   501 C  CA    . ASP A 1 68 ? -1.754  -6.792  -4.219  1.00 21.65 ? 66   ASP A CA    1 
ATOM   502 C  C     . ASP A 1 68 ? -1.625  -6.560  -5.733  1.00 21.11 ? 66   ASP A C     1 
ATOM   503 O  O     . ASP A 1 68 ? -2.606  -6.557  -6.441  1.00 22.13 ? 66   ASP A O     1 
ATOM   504 C  CB    . ASP A 1 68 ? -1.879  -8.276  -3.968  1.00 22.16 ? 66   ASP A CB    1 
ATOM   505 C  CG    . ASP A 1 68 ? -1.690  -8.649  -2.529  1.00 23.53 ? 66   ASP A CG    1 
ATOM   506 O  OD1   . ASP A 1 68 ? -1.341  -7.780  -1.706  1.00 20.54 ? 66   ASP A OD1   1 
ATOM   507 O  OD2   . ASP A 1 68 ? -1.838  -9.821  -2.161  1.00 23.74 ? 66   ASP A OD2   1 
ATOM   508 N  N     . TRP A 1 69 ? -0.396  -6.368  -6.184  1.00 21.25 ? 67   TRP A N     1 
ATOM   509 C  CA    . TRP A 1 69 ? -0.051  -6.045  -7.583  1.00 20.64 ? 67   TRP A CA    1 
ATOM   510 C  C     . TRP A 1 69 ? 1.087   -6.932  -8.056  1.00 21.70 ? 67   TRP A C     1 
ATOM   511 O  O     . TRP A 1 69 ? 2.101   -7.070  -7.389  1.00 21.82 ? 67   TRP A O     1 
ATOM   512 C  CB    . TRP A 1 69 ? 0.367   -4.599  -7.692  1.00 20.33 ? 67   TRP A CB    1 
ATOM   513 C  CG    . TRP A 1 69 ? -0.659  -3.689  -7.133  1.00 19.93 ? 67   TRP A CG    1 
ATOM   514 C  CD1   . TRP A 1 69 ? -0.880  -3.430  -5.826  1.00 21.86 ? 67   TRP A CD1   1 
ATOM   515 C  CD2   . TRP A 1 69 ? -1.600  -2.903  -7.862  1.00 20.17 ? 67   TRP A CD2   1 
ATOM   516 N  NE1   . TRP A 1 69 ? -1.891  -2.516  -5.689  1.00 21.77 ? 67   TRP A NE1   1 
ATOM   517 C  CE2   . TRP A 1 69 ? -2.370  -2.195  -6.925  1.00 20.61 ? 67   TRP A CE2   1 
ATOM   518 C  CE3   . TRP A 1 69 ? -1.882  -2.738  -9.219  1.00 19.76 ? 67   TRP A CE3   1 
ATOM   519 C  CZ2   . TRP A 1 69 ? -3.422  -1.331  -7.299  1.00 22.70 ? 67   TRP A CZ2   1 
ATOM   520 C  CZ3   . TRP A 1 69 ? -2.896  -1.878  -9.595  1.00 22.53 ? 67   TRP A CZ3   1 
ATOM   521 C  CH2   . TRP A 1 69 ? -3.666  -1.185  -8.633  1.00 22.03 ? 67   TRP A CH2   1 
ATOM   522 N  N     . LEU A 1 70 ? 0.921   -7.538  -9.219  1.00 22.63 ? 68   LEU A N     1 
ATOM   523 C  CA    . LEU A 1 70 ? 1.970   -8.326  -9.843  1.00 24.15 ? 68   LEU A CA    1 
ATOM   524 C  C     . LEU A 1 70 ? 3.100   -7.419  -10.281 1.00 24.40 ? 68   LEU A C     1 
ATOM   525 O  O     . LEU A 1 70 ? 2.887   -6.458  -10.966 1.00 24.94 ? 68   LEU A O     1 
ATOM   526 C  CB    . LEU A 1 70 ? 1.371   -9.109  -11.026 1.00 24.43 ? 68   LEU A CB    1 
ATOM   527 C  CG    . LEU A 1 70 ? 2.272   -9.973  -11.877 1.00 25.83 ? 68   LEU A CG    1 
ATOM   528 C  CD1   . LEU A 1 70 ? 2.888   -11.098 -11.104 1.00 25.99 ? 68   LEU A CD1   1 
ATOM   529 C  CD2   . LEU A 1 70 ? 1.401   -10.498 -13.011 1.00 29.57 ? 68   LEU A CD2   1 
ATOM   530 N  N     . MET A 1 71 ? 4.315   -7.735  -9.874  1.00 25.66 ? 69   MET A N     1 
ATOM   531 C  CA    . MET A 1 71 ? 5.476   -6.883  -10.151 1.00 27.98 ? 69   MET A CA    1 
ATOM   532 C  C     . MET A 1 71 ? 6.153   -7.136  -11.506 1.00 29.99 ? 69   MET A C     1 
ATOM   533 O  O     . MET A 1 71 ? 7.175   -6.545  -11.794 1.00 32.81 ? 69   MET A O     1 
ATOM   534 C  CB    . MET A 1 71 ? 6.513   -7.016  -9.036  1.00 27.59 ? 69   MET A CB    1 
ATOM   535 C  CG    . MET A 1 71 ? 6.159   -6.245  -7.813  1.00 30.62 ? 69   MET A CG    1 
ATOM   536 S  SD    . MET A 1 71 ? 7.405   -6.343  -6.517  1.00 34.52 ? 69   MET A SD    1 
ATOM   537 C  CE    . MET A 1 71 ? 7.692   -8.081  -6.326  1.00 28.04 ? 69   MET A CE    1 
ATOM   538 N  N     . TYR A 1 72 ? 5.600   -8.029  -12.296 1.00 31.51 ? 70   TYR A N     1 
ATOM   539 C  CA    . TYR A 1 72 ? 6.099   -8.357  -13.613 1.00 34.17 ? 70   TYR A CA    1 
ATOM   540 C  C     . TYR A 1 72 ? 5.027   -7.985  -14.650 1.00 32.68 ? 70   TYR A C     1 
ATOM   541 O  O     . TYR A 1 72 ? 3.868   -7.831  -14.303 1.00 33.00 ? 70   TYR A O     1 
ATOM   542 C  CB    . TYR A 1 72 ? 6.405   -9.851  -13.651 1.00 35.17 ? 70   TYR A CB    1 
ATOM   543 C  CG    . TYR A 1 72 ? 7.513   -10.230 -12.695 1.00 42.25 ? 70   TYR A CG    1 
ATOM   544 C  CD1   . TYR A 1 72 ? 7.253   -10.417 -11.336 1.00 47.77 ? 70   TYR A CD1   1 
ATOM   545 C  CD2   . TYR A 1 72 ? 8.829   -10.371 -13.142 1.00 48.30 ? 70   TYR A CD2   1 
ATOM   546 C  CE1   . TYR A 1 72 ? 8.275   -10.749 -10.442 1.00 50.99 ? 70   TYR A CE1   1 
ATOM   547 C  CE2   . TYR A 1 72 ? 9.861   -10.720 -12.255 1.00 50.75 ? 70   TYR A CE2   1 
ATOM   548 C  CZ    . TYR A 1 72 ? 9.576   -10.903 -10.908 1.00 52.24 ? 70   TYR A CZ    1 
ATOM   549 O  OH    . TYR A 1 72 ? 10.582  -11.241 -10.020 1.00 54.44 ? 70   TYR A OH    1 
ATOM   550 N  N     . ALA A 1 73 ? 5.432   -7.813  -15.903 1.00 32.71 ? 71   ALA A N     1 
ATOM   551 C  CA    . ALA A 1 73 ? 4.527   -7.416  -16.967 1.00 32.02 ? 71   ALA A CA    1 
ATOM   552 C  C     . ALA A 1 73 ? 3.787   -8.615  -17.511 1.00 32.25 ? 71   ALA A C     1 
ATOM   553 O  O     . ALA A 1 73 ? 2.664   -8.497  -17.924 1.00 30.95 ? 71   ALA A O     1 
ATOM   554 C  CB    . ALA A 1 73 ? 5.287   -6.714  -18.068 1.00 32.92 ? 71   ALA A CB    1 
ATOM   555 N  N     . ASP A 1 74 ? 4.409   -9.781  -17.486 1.00 33.61 ? 72   ASP A N     1 
ATOM   556 C  CA    . ASP A 1 74 ? 3.754   -11.023 -17.926 1.00 35.20 ? 72   ASP A CA    1 
ATOM   557 C  C     . ASP A 1 74 ? 3.400   -12.014 -16.796 1.00 35.47 ? 72   ASP A C     1 
ATOM   558 O  O     . ASP A 1 74 ? 4.248   -12.445 -16.032 1.00 35.17 ? 72   ASP A O     1 
ATOM   559 C  CB    . ASP A 1 74 ? 4.621   -11.711 -18.973 1.00 35.52 ? 72   ASP A CB    1 
ATOM   560 C  CG    . ASP A 1 74 ? 3.821   -12.598 -19.874 1.00 38.25 ? 72   ASP A CG    1 
ATOM   561 O  OD1   . ASP A 1 74 ? 3.290   -13.629 -19.369 1.00 41.42 ? 72   ASP A OD1   1 
ATOM   562 O  OD2   . ASP A 1 74 ? 3.648   -12.338 -21.082 1.00 41.34 ? 72   ASP A OD2   1 
ATOM   563 N  N     . SER A 1 75 ? 2.141   -12.392 -16.713 1.00 36.33 ? 73   SER A N     1 
ATOM   564 C  CA    . SER A 1 75 ? 1.698   -13.288 -15.650 1.00 37.44 ? 73   SER A CA    1 
ATOM   565 C  C     . SER A 1 75 ? 2.161   -14.721 -15.945 1.00 38.78 ? 73   SER A C     1 
ATOM   566 O  O     . SER A 1 75 ? 1.862   -15.619 -15.145 1.00 41.20 ? 73   SER A O     1 
ATOM   567 C  CB    . SER A 1 75 ? 0.190   -13.259 -15.502 1.00 36.54 ? 73   SER A CB    1 
ATOM   568 O  OG    . SER A 1 75 ? -0.449  -13.561 -16.743 1.00 38.22 ? 73   SER A OG    1 
HETATM 569 P  PB    . ADP B 2 .  ? -0.405  -11.778 5.650   1.00 49.94 ? 1074 ADP A PB    1 
HETATM 570 O  O1B   . ADP B 2 .  ? -0.310  -12.747 6.787   1.00 52.09 ? 1074 ADP A O1B   1 
HETATM 571 O  O2B   . ADP B 2 .  ? 1.005   -11.553 5.020   1.00 48.85 ? 1074 ADP A O2B   1 
HETATM 572 O  O3B   . ADP B 2 .  ? -1.353  -12.309 4.540   1.00 51.01 ? 1074 ADP A O3B   1 
HETATM 573 P  PA    . ADP B 2 .  ? -0.489  -9.034  6.398   1.00 31.52 ? 1074 ADP A PA    1 
HETATM 574 O  O1A   . ADP B 2 .  ? 0.470   -9.017  7.529   1.00 33.60 ? 1074 ADP A O1A   1 
HETATM 575 O  O2A   . ADP B 2 .  ? 0.061   -8.546  5.068   1.00 30.60 ? 1074 ADP A O2A   1 
HETATM 576 O  O3A   . ADP B 2 .  ? -1.132  -10.497 6.295   1.00 38.96 ? 1074 ADP A O3A   1 
HETATM 577 O  "O5'" . ADP B 2 .  ? -1.790  -8.216  6.787   1.00 29.53 ? 1074 ADP A "O5'" 1 
HETATM 578 C  "C5'" . ADP B 2 .  ? -2.509  -8.493  7.971   1.00 28.52 ? 1074 ADP A "C5'" 1 
HETATM 579 C  "C4'" . ADP B 2 .  ? -3.828  -7.726  8.050   1.00 28.51 ? 1074 ADP A "C4'" 1 
HETATM 580 O  "O4'" . ADP B 2 .  ? -3.605  -6.416  8.539   1.00 26.66 ? 1074 ADP A "O4'" 1 
HETATM 581 C  "C3'" . ADP B 2 .  ? -4.499  -7.537  6.723   1.00 28.20 ? 1074 ADP A "C3'" 1 
HETATM 582 O  "O3'" . ADP B 2 .  ? -5.906  -7.439  6.833   1.00 26.47 ? 1074 ADP A "O3'" 1 
HETATM 583 C  "C2'" . ADP B 2 .  ? -3.929  -6.195  6.294   1.00 25.06 ? 1074 ADP A "C2'" 1 
HETATM 584 O  "O2'" . ADP B 2 .  ? -4.747  -5.619  5.361   1.00 24.07 ? 1074 ADP A "O2'" 1 
HETATM 585 C  "C1'" . ADP B 2 .  ? -3.886  -5.422  7.599   1.00 25.59 ? 1074 ADP A "C1'" 1 
HETATM 586 N  N9    . ADP B 2 .  ? -2.804  -4.405  7.593   1.00 23.85 ? 1074 ADP A N9    1 
HETATM 587 C  C8    . ADP B 2 .  ? -1.473  -4.623  7.893   1.00 22.59 ? 1074 ADP A C8    1 
HETATM 588 N  N7    . ADP B 2 .  ? -0.830  -3.431  7.754   1.00 24.35 ? 1074 ADP A N7    1 
HETATM 589 C  C5    . ADP B 2 .  ? -1.768  -2.498  7.392   1.00 22.39 ? 1074 ADP A C5    1 
HETATM 590 C  C6    . ADP B 2 .  ? -1.670  -1.160  7.128   1.00 20.48 ? 1074 ADP A C6    1 
HETATM 591 N  N6    . ADP B 2 .  ? -0.466  -0.552  7.146   1.00 20.29 ? 1074 ADP A N6    1 
HETATM 592 N  N1    . ADP B 2 .  ? -2.821  -0.497  6.770   1.00 20.53 ? 1074 ADP A N1    1 
HETATM 593 C  C2    . ADP B 2 .  ? -4.058  -1.105  6.682   1.00 23.17 ? 1074 ADP A C2    1 
HETATM 594 N  N3    . ADP B 2 .  ? -4.187  -2.432  6.949   1.00 21.80 ? 1074 ADP A N3    1 
HETATM 595 C  C4    . ADP B 2 .  ? -3.021  -3.101  7.298   1.00 23.05 ? 1074 ADP A C4    1 
HETATM 596 ZN ZN    . ZN  C 3 .  ? -1.457  7.816   7.907   1.00 15.57 ? 1075 ZN  A ZN    1 
HETATM 597 O  O     . HOH D 4 .  ? -2.195  -10.842 10.874  1.00 72.85 ? 2001 HOH A O     1 
HETATM 598 O  O     . HOH D 4 .  ? -6.992  -10.183 4.450   1.00 53.59 ? 2002 HOH A O     1 
HETATM 599 O  O     . HOH D 4 .  ? 10.005  -8.472  -16.187 1.00 64.16 ? 2003 HOH A O     1 
HETATM 600 O  O     . HOH D 4 .  ? 10.984  -3.396  -19.286 1.00 68.83 ? 2004 HOH A O     1 
HETATM 601 O  O     . HOH D 4 .  ? 7.005   0.045   -7.048  1.00 53.52 ? 2005 HOH A O     1 
HETATM 602 O  O     . HOH D 4 .  ? 9.428   -1.577  -4.526  1.00 55.89 ? 2006 HOH A O     1 
HETATM 603 O  O     . HOH D 4 .  ? -4.676  12.528  -12.580 1.00 49.40 ? 2007 HOH A O     1 
HETATM 604 O  O     . HOH D 4 .  ? -1.159  14.454  -12.268 1.00 54.19 ? 2008 HOH A O     1 
HETATM 605 O  O     . HOH D 4 .  ? -1.206  14.622  -16.502 1.00 64.33 ? 2009 HOH A O     1 
HETATM 606 O  O     . HOH D 4 .  ? -0.997  12.663  -18.298 1.00 72.96 ? 2010 HOH A O     1 
HETATM 607 O  O     . HOH D 4 .  ? 8.194   2.803   -2.523  1.00 30.95 ? 2011 HOH A O     1 
HETATM 608 O  O     . HOH D 4 .  ? 7.171   1.800   -3.034  1.00 26.09 ? 2012 HOH A O     1 
HETATM 609 O  O     . HOH D 4 .  ? 8.852   4.599   -2.530  1.00 37.69 ? 2013 HOH A O     1 
HETATM 610 O  O     . HOH D 4 .  ? 9.158   6.340   -3.850  1.00 64.84 ? 2014 HOH A O     1 
HETATM 611 O  O     . HOH D 4 .  ? 6.462   0.753   -4.846  1.00 37.89 ? 2015 HOH A O     1 
HETATM 612 O  O     . HOH D 4 .  ? 11.335  1.288   -3.082  1.00 49.33 ? 2016 HOH A O     1 
HETATM 613 O  O     . HOH D 4 .  ? -0.217  11.916  -11.615 1.00 58.90 ? 2017 HOH A O     1 
HETATM 614 O  O     . HOH D 4 .  ? -0.735  13.135  -14.442 1.00 61.00 ? 2018 HOH A O     1 
HETATM 615 O  O     . HOH D 4 .  ? 1.681   12.407  -15.810 1.00 60.50 ? 2019 HOH A O     1 
HETATM 616 O  O     . HOH D 4 .  ? 5.451   8.591   -2.050  1.00 48.16 ? 2020 HOH A O     1 
HETATM 617 O  O     . HOH D 4 .  ? -6.419  7.219   -2.923  1.00 47.52 ? 2021 HOH A O     1 
HETATM 618 O  O     . HOH D 4 .  ? -9.695  4.469   -3.013  1.00 53.72 ? 2022 HOH A O     1 
HETATM 619 O  O     . HOH D 4 .  ? 12.477  3.322   -6.975  1.00 56.80 ? 2023 HOH A O     1 
HETATM 620 O  O     . HOH D 4 .  ? 12.827  0.980   -5.064  1.00 46.65 ? 2024 HOH A O     1 
HETATM 621 O  O     . HOH D 4 .  ? 8.122   3.538   -5.797  1.00 54.80 ? 2025 HOH A O     1 
HETATM 622 O  O     . HOH D 4 .  ? 10.574  5.025   -6.141  1.00 58.38 ? 2026 HOH A O     1 
HETATM 623 O  O     . HOH D 4 .  ? -0.077  15.121  -4.661  1.00 65.11 ? 2027 HOH A O     1 
HETATM 624 O  O     . HOH D 4 .  ? 1.865   10.513  -14.015 1.00 62.65 ? 2028 HOH A O     1 
HETATM 625 O  O     . HOH D 4 .  ? 3.038   10.912  -10.016 1.00 64.75 ? 2029 HOH A O     1 
HETATM 626 O  O     . HOH D 4 .  ? 1.266   5.886   -0.949  1.00 21.02 ? 2030 HOH A O     1 
HETATM 627 O  O     . HOH D 4 .  ? 1.361   -14.556 -11.250 1.00 65.89 ? 2031 HOH A O     1 
HETATM 628 O  O     . HOH D 4 .  ? 6.947   7.799   -3.708  1.00 59.52 ? 2032 HOH A O     1 
HETATM 629 O  O     . HOH D 4 .  ? 6.288   5.767   -5.858  1.00 43.02 ? 2033 HOH A O     1 
HETATM 630 O  O     . HOH D 4 .  ? 1.863   8.560   -1.710  1.00 28.06 ? 2034 HOH A O     1 
HETATM 631 O  O     . HOH D 4 .  ? 2.405   -5.664  8.969   1.00 61.12 ? 2035 HOH A O     1 
HETATM 632 O  O     . HOH D 4 .  ? 6.044   12.643  -8.221  1.00 69.49 ? 2036 HOH A O     1 
HETATM 633 O  O     . HOH D 4 .  ? -5.875  9.034   -4.331  1.00 46.84 ? 2037 HOH A O     1 
HETATM 634 O  O     . HOH D 4 .  ? -8.511  2.465   -3.513  1.00 38.38 ? 2038 HOH A O     1 
HETATM 635 O  O     . HOH D 4 .  ? -7.387  4.232   -3.250  1.00 27.41 ? 2039 HOH A O     1 
HETATM 636 O  O     . HOH D 4 .  ? -6.136  7.982   -0.575  1.00 48.15 ? 2040 HOH A O     1 
HETATM 637 O  O     . HOH D 4 .  ? -7.883  3.813   12.272  1.00 20.43 ? 2041 HOH A O     1 
HETATM 638 O  O     . HOH D 4 .  ? -5.964  9.486   1.211   1.00 46.58 ? 2042 HOH A O     1 
HETATM 639 O  O     . HOH D 4 .  ? -8.915  -3.819  20.077  1.00 62.18 ? 2043 HOH A O     1 
HETATM 640 O  O     . HOH D 4 .  ? -5.729  -0.180  25.814  1.00 57.82 ? 2044 HOH A O     1 
HETATM 641 O  O     . HOH D 4 .  ? -9.172  10.731  8.655   1.00 27.49 ? 2045 HOH A O     1 
HETATM 642 O  O     . HOH D 4 .  ? -11.025 8.699   9.244   1.00 37.38 ? 2046 HOH A O     1 
HETATM 643 O  O     . HOH D 4 .  ? -14.503 2.231   5.204   1.00 65.35 ? 2047 HOH A O     1 
HETATM 644 O  O     . HOH D 4 .  ? -10.430 15.241  4.520   1.00 57.36 ? 2048 HOH A O     1 
HETATM 645 O  O     . HOH D 4 .  ? -11.597 11.960  6.872   1.00 55.94 ? 2049 HOH A O     1 
HETATM 646 O  O     . HOH D 4 .  ? -0.837  13.909  -1.238  1.00 68.91 ? 2050 HOH A O     1 
HETATM 647 O  O     . HOH D 4 .  ? -6.684  14.780  -0.022  1.00 61.03 ? 2051 HOH A O     1 
HETATM 648 O  O     . HOH D 4 .  ? 1.976   10.776  0.241   1.00 51.47 ? 2052 HOH A O     1 
HETATM 649 O  O     . HOH D 4 .  ? -8.791  4.591   -0.694  1.00 69.03 ? 2053 HOH A O     1 
HETATM 650 O  O     . HOH D 4 .  ? -7.849  1.949   -0.842  1.00 51.40 ? 2054 HOH A O     1 
HETATM 651 O  O     . HOH D 4 .  ? -4.175  -0.074  -0.461  1.00 28.07 ? 2055 HOH A O     1 
HETATM 652 O  O     . HOH D 4 .  ? 5.636   -4.027  6.318   1.00 35.93 ? 2056 HOH A O     1 
HETATM 653 O  O     . HOH D 4 .  ? 3.383   -13.781 -5.159  1.00 53.68 ? 2057 HOH A O     1 
HETATM 654 O  O     . HOH D 4 .  ? 11.419  -9.860  -4.962  1.00 68.09 ? 2058 HOH A O     1 
HETATM 655 O  O     . HOH D 4 .  ? -0.977  -12.713 -9.788  0.50 30.26 ? 2059 HOH A O     1 
HETATM 656 O  O     . HOH D 4 .  ? 3.438   -5.813  6.902   1.00 38.31 ? 2060 HOH A O     1 
HETATM 657 O  O     . HOH D 4 .  ? -7.381  -1.541  -0.600  1.00 40.00 ? 2061 HOH A O     1 
HETATM 658 O  O     . HOH D 4 .  ? -10.104 2.053   3.807   1.00 43.00 ? 2062 HOH A O     1 
HETATM 659 O  O     . HOH D 4 .  ? -9.579  -1.831  1.970   1.00 39.71 ? 2063 HOH A O     1 
HETATM 660 O  O     . HOH D 4 .  ? 5.086   5.592   13.478  1.00 38.84 ? 2064 HOH A O     1 
HETATM 661 O  O     . HOH D 4 .  ? 5.179   9.494   10.363  1.00 49.51 ? 2065 HOH A O     1 
HETATM 662 O  O     . HOH D 4 .  ? 1.241   5.239   15.752  1.00 34.24 ? 2066 HOH A O     1 
HETATM 663 O  O     . HOH D 4 .  ? 3.243   8.976   9.189   1.00 45.26 ? 2067 HOH A O     1 
HETATM 664 O  O     . HOH D 4 .  ? 0.093   -0.600  17.958  1.00 43.21 ? 2068 HOH A O     1 
HETATM 665 O  O     . HOH D 4 .  ? 3.840   3.857   15.214  1.00 43.10 ? 2069 HOH A O     1 
HETATM 666 O  O     . HOH D 4 .  ? 6.380   0.398   13.800  1.00 48.66 ? 2070 HOH A O     1 
HETATM 667 O  O     . HOH D 4 .  ? -1.284  5.705   18.947  1.00 34.75 ? 2071 HOH A O     1 
HETATM 668 O  O     . HOH D 4 .  ? -5.524  5.222   12.864  1.00 15.98 ? 2072 HOH A O     1 
HETATM 669 O  O     . HOH D 4 .  ? -8.014  -2.606  15.382  1.00 35.25 ? 2073 HOH A O     1 
HETATM 670 O  O     . HOH D 4 .  ? -7.136  -3.136  18.085  1.00 41.36 ? 2074 HOH A O     1 
HETATM 671 O  O     . HOH D 4 .  ? 1.092   3.243   18.092  1.00 45.37 ? 2075 HOH A O     1 
HETATM 672 O  O     . HOH D 4 .  ? -4.960  0.788   23.439  1.00 39.41 ? 2076 HOH A O     1 
HETATM 673 O  O     . HOH D 4 .  ? -8.607  1.551   10.907  1.00 22.59 ? 2077 HOH A O     1 
HETATM 674 O  O     . HOH D 4 .  ? -10.229 5.548   13.118  1.00 22.21 ? 2078 HOH A O     1 
HETATM 675 O  O     . HOH D 4 .  ? -13.917 4.929   12.434  1.00 30.54 ? 2079 HOH A O     1 
HETATM 676 O  O     . HOH D 4 .  ? -13.155 -1.769  14.877  1.00 48.10 ? 2080 HOH A O     1 
HETATM 677 O  O     . HOH D 4 .  ? -10.416 -6.879  12.623  1.00 58.68 ? 2081 HOH A O     1 
HETATM 678 O  O     . HOH D 4 .  ? -11.079 -5.367  8.580   1.00 62.75 ? 2082 HOH A O     1 
HETATM 679 O  O     . HOH D 4 .  ? -10.960 -0.714  4.974   1.00 42.64 ? 2083 HOH A O     1 
HETATM 680 O  O     . HOH D 4 .  ? -14.272 -1.083  6.630   1.00 54.72 ? 2084 HOH A O     1 
HETATM 681 O  O     . HOH D 4 .  ? -13.944 7.357   5.893   1.00 69.18 ? 2085 HOH A O     1 
HETATM 682 O  O     . HOH D 4 .  ? -9.646  -6.291  6.155   1.00 66.04 ? 2086 HOH A O     1 
HETATM 683 O  O     . HOH D 4 .  ? -7.681  -6.167  2.167   1.00 32.84 ? 2087 HOH A O     1 
HETATM 684 O  O     . HOH D 4 .  ? -7.153  -7.621  -0.058  1.00 48.47 ? 2088 HOH A O     1 
HETATM 685 O  O     . HOH D 4 .  ? -9.038  -3.559  0.158   1.00 64.47 ? 2089 HOH A O     1 
HETATM 686 O  O     . HOH D 4 .  ? -1.437  -6.240  -10.838 0.50 10.33 ? 2090 HOH A O     1 
HETATM 687 O  O     . HOH D 4 .  ? 7.364   -10.141 -17.101 1.00 46.00 ? 2091 HOH A O     1 
HETATM 688 O  O     . HOH D 4 .  ? -1.363  -16.425 -17.471 1.00 73.90 ? 2092 HOH A O     1 
HETATM 689 O  O     . HOH D 4 .  ? 1.605   -2.444  8.235   1.00 32.55 ? 2093 HOH A O     1 
HETATM 690 O  O     . HOH D 4 .  ? -7.400  -7.373  4.808   1.00 41.27 ? 2094 HOH A O     1 
HETATM 691 O  O     . HOH D 4 .  ? 2.929   -8.908  7.024   1.00 45.89 ? 2095 HOH A O     1 
HETATM 692 O  O     . HOH D 4 .  ? 0.416   -6.914  9.396   1.00 47.07 ? 2096 HOH A O     1 
HETATM 693 O  O     . HOH D 4 .  ? -3.542  -10.978 5.105   1.00 55.54 ? 2097 HOH A O     1 
HETATM 694 O  O     . HOH D 4 .  ? -2.666  -12.380 7.950   1.00 63.96 ? 2098 HOH A O     1 
HETATM 695 O  O     . HOH D 4 .  ? -3.938  -6.759  12.072  1.00 68.30 ? 2099 HOH A O     1 
# 
